data_9O5W
#
_entry.id   9O5W
#
_cell.length_a   1.00
_cell.length_b   1.00
_cell.length_c   1.00
_cell.angle_alpha   90.00
_cell.angle_beta   90.00
_cell.angle_gamma   90.00
#
_symmetry.space_group_name_H-M   'P 1'
#
loop_
_entity.id
_entity.type
_entity.pdbx_description
1 polymer 'Hemagglutinin HA1 chain'
2 polymer 'Hemagglutinin HA2 chain'
3 branched 2-acetamido-2-deoxy-beta-D-glucopyranose-(1-4)-2-acetamido-2-deoxy-beta-D-glucopyranose
#
loop_
_entity_poly.entity_id
_entity_poly.type
_entity_poly.pdbx_seq_one_letter_code
_entity_poly.pdbx_strand_id
1 'polypeptide(L)'
;NDKICAGVASGKGTHRVETITKGEVLVTNAINMTHTPTSGPFGDLKTGNVRDKLCPTCTGCTDMDVALMTPTCNGVIPEA
IAAIQHENRPLQSKCNPILHDLGNTRQLPNLLRKYKKIRKSSGIAFPLASYADQPVISNPSGNCRDGNGVESEFGSLLWL
TGNTKGAITGETITITHQCNNDEVMVLVWGAWADLSATMNTIYGVTTPQTYVSNFPSGRFSMSPFLGNFPALAETEATTA
TGRIYLRMEVLESGQRGTIQYQRGFMGPGKFWCLSEPIPVVKGAVKTNGAVSDCLHEVYGGISKPTPFYTGNRGKSVGNC
PKWVRKPLLVVNGTKAR
;
A,C,E
2 'polypeptide(L)'
;DSISTRGLFGAIAGFLEGGWDGMIAGWHGYSSTGDHGTKVAADLVSTQKAMDAITARINNMNKMTERAFSVTDSTMQEIQ
KEIKDLDKKIDDVRADETAAQIEMIVLLENENIINAEDEHVHALKQKLTKMLGPSAQDMGDGCFIVDHQCKEDCLREIVS
GNYTPSKYGMDEFKSPIITGT
;
B,D,F
#
# COMPACT_ATOMS: atom_id res chain seq x y z
N ASP A 2 -31.51 -18.72 -53.60
CA ASP A 2 -30.57 -19.43 -52.74
C ASP A 2 -30.61 -18.81 -51.35
N LYS A 3 -29.85 -19.36 -50.40
CA LYS A 3 -29.79 -18.88 -49.01
C LYS A 3 -28.39 -18.37 -48.73
N ILE A 4 -28.26 -17.07 -48.52
CA ILE A 4 -26.98 -16.40 -48.31
C ILE A 4 -26.94 -16.04 -46.83
N CYS A 5 -25.95 -16.60 -46.11
CA CYS A 5 -25.83 -16.40 -44.68
C CYS A 5 -24.54 -15.67 -44.32
N ALA A 6 -24.63 -14.85 -43.27
CA ALA A 6 -23.49 -14.21 -42.65
C ALA A 6 -23.29 -14.83 -41.27
N GLY A 7 -22.03 -15.01 -40.89
CA GLY A 7 -21.75 -15.58 -39.59
C GLY A 7 -20.27 -15.79 -39.44
N VAL A 8 -19.92 -16.74 -38.57
CA VAL A 8 -18.54 -17.11 -38.32
C VAL A 8 -18.46 -18.61 -38.57
N ALA A 9 -17.25 -19.06 -38.84
CA ALA A 9 -16.97 -20.46 -39.09
C ALA A 9 -16.57 -21.21 -37.84
N SER A 10 -16.91 -22.49 -37.84
CA SER A 10 -16.54 -23.40 -36.77
C SER A 10 -15.16 -23.99 -37.00
N GLY A 11 -14.69 -24.67 -35.96
CA GLY A 11 -13.43 -25.40 -35.97
C GLY A 11 -13.37 -26.17 -34.69
N LYS A 12 -12.30 -26.95 -34.52
CA LYS A 12 -12.20 -27.74 -33.32
C LYS A 12 -11.71 -26.85 -32.19
N GLY A 13 -12.21 -27.10 -30.98
CA GLY A 13 -11.74 -26.34 -29.85
C GLY A 13 -10.35 -26.80 -29.46
N THR A 14 -9.53 -25.85 -29.03
CA THR A 14 -8.19 -26.12 -28.53
C THR A 14 -7.92 -25.57 -27.16
N HIS A 15 -8.66 -24.54 -26.71
CA HIS A 15 -8.41 -23.90 -25.43
C HIS A 15 -9.75 -23.63 -24.77
N ARG A 16 -9.74 -23.53 -23.44
CA ARG A 16 -10.91 -23.12 -22.69
C ARG A 16 -10.54 -21.82 -21.99
N VAL A 17 -11.39 -20.80 -22.10
CA VAL A 17 -11.14 -19.48 -21.52
C VAL A 17 -12.18 -19.18 -20.45
N GLU A 18 -11.71 -18.70 -19.29
CA GLU A 18 -12.63 -18.32 -18.23
C GLU A 18 -13.20 -16.94 -18.53
N THR A 19 -14.51 -16.79 -18.33
CA THR A 19 -15.19 -15.51 -18.53
C THR A 19 -15.98 -15.11 -17.29
N ILE A 20 -16.52 -13.88 -17.33
CA ILE A 20 -17.28 -13.36 -16.21
C ILE A 20 -18.62 -14.08 -16.07
N THR A 21 -19.38 -14.22 -17.18
CA THR A 21 -20.70 -14.85 -17.15
C THR A 21 -20.90 -16.07 -18.04
N LYS A 22 -19.94 -16.43 -18.89
CA LYS A 22 -20.14 -17.51 -19.86
C LYS A 22 -19.50 -18.81 -19.40
N GLY A 23 -18.87 -18.83 -18.22
CA GLY A 23 -18.16 -19.99 -17.75
C GLY A 23 -16.87 -20.17 -18.53
N GLU A 24 -16.49 -21.43 -18.72
CA GLU A 24 -15.27 -21.75 -19.46
C GLU A 24 -15.68 -22.03 -20.89
N VAL A 25 -15.41 -21.06 -21.75
CA VAL A 25 -15.86 -21.09 -23.14
C VAL A 25 -14.79 -21.80 -23.96
N LEU A 26 -15.20 -22.79 -24.74
CA LEU A 26 -14.26 -23.50 -25.59
C LEU A 26 -14.02 -22.68 -26.84
N VAL A 27 -12.74 -22.42 -27.15
CA VAL A 27 -12.35 -21.61 -28.29
C VAL A 27 -11.35 -22.40 -29.13
N THR A 28 -11.23 -21.98 -30.39
CA THR A 28 -10.36 -22.62 -31.35
C THR A 28 -8.91 -22.21 -31.21
N ASN A 29 -8.63 -21.07 -30.57
CA ASN A 29 -7.26 -20.68 -30.31
C ASN A 29 -7.24 -19.72 -29.14
N ALA A 30 -6.08 -19.64 -28.49
CA ALA A 30 -5.90 -18.72 -27.38
C ALA A 30 -4.42 -18.40 -27.23
N ILE A 31 -4.15 -17.25 -26.65
CA ILE A 31 -2.81 -16.79 -26.35
C ILE A 31 -2.56 -17.03 -24.87
N ASN A 32 -1.43 -17.65 -24.55
CA ASN A 32 -1.02 -17.88 -23.17
C ASN A 32 -0.27 -16.65 -22.68
N MET A 33 -0.87 -15.97 -21.71
CA MET A 33 -0.35 -14.71 -21.18
C MET A 33 0.64 -14.93 -20.05
N THR A 34 0.85 -16.17 -19.61
CA THR A 34 1.75 -16.51 -18.52
C THR A 34 2.81 -17.48 -19.01
N HIS A 35 3.96 -17.46 -18.31
CA HIS A 35 5.04 -18.40 -18.58
C HIS A 35 5.68 -18.76 -17.24
N THR A 36 6.45 -19.83 -17.24
CA THR A 36 7.20 -20.23 -16.06
C THR A 36 8.63 -19.73 -16.25
N PRO A 37 9.16 -18.84 -15.40
CA PRO A 37 10.53 -18.35 -15.63
C PRO A 37 11.57 -19.46 -15.51
N THR A 38 12.64 -19.30 -16.28
CA THR A 38 13.79 -20.20 -16.25
C THR A 38 14.96 -19.42 -15.67
N SER A 39 15.60 -19.97 -14.65
CA SER A 39 16.69 -19.27 -14.00
C SER A 39 17.86 -19.08 -14.96
N GLY A 40 18.42 -17.87 -14.95
CA GLY A 40 19.60 -17.52 -15.70
C GLY A 40 20.68 -16.92 -14.84
N PRO A 41 21.78 -16.51 -15.45
CA PRO A 41 22.84 -15.83 -14.70
C PRO A 41 22.45 -14.39 -14.41
N PHE A 42 23.10 -13.79 -13.41
CA PHE A 42 22.95 -12.36 -13.20
C PHE A 42 23.84 -11.59 -14.17
N GLY A 43 23.34 -10.44 -14.61
CA GLY A 43 24.05 -9.62 -15.55
C GLY A 43 23.40 -8.26 -15.64
N ASP A 44 23.63 -7.58 -16.77
CA ASP A 44 23.11 -6.24 -16.93
C ASP A 44 21.67 -6.33 -17.45
N LEU A 45 21.01 -5.18 -17.63
CA LEU A 45 19.59 -5.14 -17.99
C LEU A 45 19.29 -4.54 -19.35
N LYS A 46 20.26 -4.45 -20.26
CA LYS A 46 20.08 -3.87 -21.61
C LYS A 46 19.98 -2.35 -21.58
N THR A 47 19.20 -1.81 -20.64
CA THR A 47 18.96 -0.39 -20.49
C THR A 47 20.05 0.32 -19.69
N GLY A 48 20.97 -0.42 -19.10
CA GLY A 48 22.02 0.22 -18.33
C GLY A 48 22.76 -0.73 -17.42
N ASN A 49 23.79 -0.16 -16.79
CA ASN A 49 24.67 -0.85 -15.86
C ASN A 49 24.02 -1.25 -14.55
N VAL A 50 24.28 -2.49 -14.15
CA VAL A 50 23.92 -3.01 -12.82
C VAL A 50 25.21 -2.94 -12.03
N ARG A 51 25.18 -2.24 -10.88
CA ARG A 51 26.42 -1.90 -10.19
C ARG A 51 27.25 -3.12 -9.79
N ASP A 52 26.64 -4.15 -9.21
CA ASP A 52 27.42 -5.26 -8.69
C ASP A 52 28.50 -4.68 -7.75
N LYS A 53 29.79 -4.89 -8.05
CA LYS A 53 30.87 -4.37 -7.23
C LYS A 53 30.88 -2.84 -7.29
N LEU A 54 31.16 -2.20 -6.16
CA LEU A 54 31.12 -0.73 -6.10
C LEU A 54 32.17 -0.11 -7.00
N CYS A 55 33.37 -0.69 -7.07
CA CYS A 55 34.48 -0.13 -7.86
C CYS A 55 35.12 -1.26 -8.65
N PRO A 56 34.53 -1.65 -9.78
CA PRO A 56 34.99 -2.85 -10.49
C PRO A 56 36.38 -2.74 -11.10
N THR A 57 36.94 -1.53 -11.24
CA THR A 57 38.24 -1.33 -11.85
C THR A 57 39.38 -1.22 -10.85
N CYS A 58 39.10 -1.31 -9.55
CA CYS A 58 40.11 -1.22 -8.50
C CYS A 58 40.27 -2.62 -7.91
N THR A 59 41.28 -3.35 -8.35
CA THR A 59 41.43 -4.72 -7.91
C THR A 59 42.10 -4.76 -6.54
N GLY A 60 41.93 -5.89 -5.85
CA GLY A 60 42.52 -6.11 -4.55
C GLY A 60 41.75 -5.53 -3.39
N CYS A 61 40.64 -4.84 -3.64
CA CYS A 61 39.83 -4.18 -2.63
C CYS A 61 38.43 -4.78 -2.60
N THR A 62 37.81 -4.75 -1.43
CA THR A 62 36.43 -5.14 -1.25
C THR A 62 35.55 -3.90 -1.24
N ASP A 63 34.24 -4.11 -1.26
CA ASP A 63 33.32 -2.99 -1.21
C ASP A 63 33.37 -2.30 0.15
N MET A 64 33.70 -3.04 1.20
CA MET A 64 33.82 -2.41 2.50
C MET A 64 35.02 -1.47 2.52
N ASP A 65 36.06 -1.81 1.75
CA ASP A 65 37.27 -0.98 1.73
C ASP A 65 37.05 0.27 0.89
N VAL A 66 36.22 0.16 -0.15
CA VAL A 66 35.90 1.32 -0.97
C VAL A 66 35.04 2.29 -0.17
N ALA A 67 34.03 1.76 0.53
CA ALA A 67 33.14 2.60 1.32
C ALA A 67 33.88 3.34 2.43
N LEU A 68 34.95 2.76 2.97
CA LEU A 68 35.75 3.39 4.01
C LEU A 68 36.84 4.30 3.47
N MET A 69 36.93 4.46 2.15
CA MET A 69 37.92 5.31 1.50
C MET A 69 39.34 4.91 1.90
N THR A 70 39.61 3.61 1.83
CA THR A 70 40.93 3.08 2.09
C THR A 70 41.95 3.76 1.17
N PRO A 71 43.16 4.08 1.65
CA PRO A 71 44.16 4.77 0.79
C PRO A 71 44.40 4.17 -0.59
N THR A 72 44.34 2.84 -0.75
CA THR A 72 44.58 2.20 -2.04
C THR A 72 43.31 1.81 -2.78
N CYS A 73 42.14 2.14 -2.26
CA CYS A 73 40.86 1.73 -2.84
C CYS A 73 40.08 2.92 -3.38
N ASN A 74 40.73 4.08 -3.50
CA ASN A 74 40.11 5.34 -3.94
C ASN A 74 40.01 5.43 -5.46
N GLY A 75 39.13 4.61 -6.02
CA GLY A 75 38.93 4.54 -7.46
C GLY A 75 37.68 5.26 -7.93
N VAL A 76 37.21 4.87 -9.12
CA VAL A 76 36.04 5.46 -9.77
C VAL A 76 34.86 4.53 -9.57
N ILE A 77 33.72 5.08 -9.15
CA ILE A 77 32.50 4.29 -8.97
C ILE A 77 31.58 4.56 -10.16
N PRO A 78 31.32 3.59 -11.03
CA PRO A 78 30.41 3.81 -12.16
C PRO A 78 28.98 4.07 -11.69
N GLU A 79 28.22 4.76 -12.54
CA GLU A 79 26.81 4.94 -12.27
C GLU A 79 26.09 3.66 -12.69
N ALA A 80 24.97 3.39 -12.04
CA ALA A 80 24.18 2.20 -12.34
C ALA A 80 22.69 2.50 -12.22
N ILE A 81 21.90 1.70 -12.92
CA ILE A 81 20.45 1.80 -12.90
C ILE A 81 19.84 0.79 -11.92
N ALA A 82 20.61 -0.19 -11.48
CA ALA A 82 20.20 -1.22 -10.53
C ALA A 82 21.48 -1.70 -9.87
N ALA A 83 21.31 -2.42 -8.76
CA ALA A 83 22.46 -2.99 -8.06
C ALA A 83 22.06 -4.35 -7.50
N ILE A 84 23.07 -5.16 -7.23
CA ILE A 84 22.90 -6.49 -6.67
C ILE A 84 23.61 -6.51 -5.32
N GLN A 85 22.91 -7.00 -4.30
CA GLN A 85 23.49 -7.17 -2.97
C GLN A 85 24.05 -8.58 -2.90
N HIS A 86 25.33 -8.71 -3.20
CA HIS A 86 25.99 -10.02 -3.22
C HIS A 86 26.63 -10.38 -1.89
N GLU A 87 26.74 -9.43 -0.96
CA GLU A 87 27.30 -9.65 0.36
C GLU A 87 26.33 -9.16 1.42
N ASN A 88 25.97 -10.02 2.36
CA ASN A 88 25.09 -9.65 3.45
C ASN A 88 25.88 -9.08 4.61
N ARG A 89 27.16 -9.45 4.72
CA ARG A 89 28.09 -8.93 5.71
C ARG A 89 29.37 -8.57 4.99
N PRO A 90 29.40 -7.46 4.25
CA PRO A 90 30.63 -7.10 3.51
C PRO A 90 31.80 -7.00 4.47
N LEU A 91 32.95 -7.52 4.04
CA LEU A 91 34.14 -7.54 4.88
C LEU A 91 35.18 -6.53 4.43
N GLN A 92 35.98 -6.12 5.41
CA GLN A 92 37.13 -5.25 5.24
C GLN A 92 38.37 -6.11 5.13
N SER A 93 39.32 -5.70 4.30
CA SER A 93 40.58 -6.40 4.16
C SER A 93 41.80 -5.51 4.33
N LYS A 94 41.63 -4.19 4.30
CA LYS A 94 42.71 -3.22 4.40
C LYS A 94 42.54 -2.36 5.64
N CYS A 95 43.63 -1.68 6.00
CA CYS A 95 43.70 -0.77 7.15
C CYS A 95 43.47 -1.38 8.54
N ASN A 96 43.43 -0.51 9.55
CA ASN A 96 43.23 -0.89 10.95
C ASN A 96 41.92 -1.65 11.17
N PRO A 97 41.92 -2.66 12.05
CA PRO A 97 40.71 -3.45 12.27
C PRO A 97 39.60 -2.60 12.85
N ILE A 98 38.39 -2.83 12.34
CA ILE A 98 37.19 -2.14 12.78
C ILE A 98 36.20 -3.22 13.22
N LEU A 99 35.57 -3.00 14.37
CA LEU A 99 34.60 -3.92 14.93
C LEU A 99 33.23 -3.63 14.32
N HIS A 100 33.06 -4.09 13.07
CA HIS A 100 31.90 -3.75 12.28
C HIS A 100 30.63 -4.42 12.80
N ASP A 101 30.77 -5.50 13.57
CA ASP A 101 29.64 -6.22 14.13
C ASP A 101 29.24 -5.71 15.51
N LEU A 102 29.86 -4.62 15.96
CA LEU A 102 29.54 -3.97 17.23
C LEU A 102 28.98 -2.57 16.98
N GLY A 103 28.40 -2.36 15.81
CA GLY A 103 27.86 -1.09 15.43
C GLY A 103 26.98 -1.28 14.22
N ASN A 104 26.69 -0.19 13.50
CA ASN A 104 25.80 -0.22 12.35
C ASN A 104 26.53 0.03 11.04
N THR A 105 27.85 -0.13 11.01
CA THR A 105 28.64 0.17 9.82
C THR A 105 28.86 -1.04 8.93
N ARG A 106 28.43 -2.24 9.35
CA ARG A 106 28.61 -3.42 8.51
C ARG A 106 27.87 -3.31 7.19
N GLN A 107 26.76 -2.56 7.16
CA GLN A 107 25.95 -2.44 5.96
C GLN A 107 26.25 -1.20 5.13
N LEU A 108 27.29 -0.43 5.47
CA LEU A 108 27.62 0.78 4.71
C LEU A 108 27.73 0.50 3.22
N PRO A 109 28.45 -0.52 2.75
CA PRO A 109 28.51 -0.77 1.29
C PRO A 109 27.16 -1.10 0.69
N ASN A 110 26.20 -1.53 1.50
CA ASN A 110 24.88 -1.88 1.03
C ASN A 110 23.94 -0.68 1.09
N LEU A 111 24.45 0.47 1.48
CA LEU A 111 23.76 1.75 1.49
C LEU A 111 24.21 2.55 0.28
N LEU A 112 25.52 2.58 0.06
CA LEU A 112 26.07 3.34 -1.04
C LEU A 112 25.54 2.79 -2.36
N ARG A 113 25.46 1.46 -2.47
CA ARG A 113 25.05 0.86 -3.72
C ARG A 113 23.59 1.10 -4.07
N LYS A 114 22.76 1.60 -3.13
CA LYS A 114 21.34 1.72 -3.49
C LYS A 114 21.04 3.01 -4.24
N TYR A 115 22.04 3.84 -4.50
CA TYR A 115 21.90 5.09 -5.23
C TYR A 115 22.61 5.04 -6.58
N LYS A 116 22.06 5.78 -7.54
CA LYS A 116 22.63 5.83 -8.89
C LYS A 116 24.02 6.47 -8.91
N LYS A 117 24.19 7.58 -8.21
CA LYS A 117 25.44 8.32 -8.20
C LYS A 117 26.00 8.34 -6.79
N ILE A 118 27.22 7.82 -6.65
CA ILE A 118 27.93 7.75 -5.39
C ILE A 118 29.11 8.67 -5.59
N ARG A 119 29.16 9.79 -4.86
CA ARG A 119 30.19 10.79 -5.04
C ARG A 119 30.96 10.99 -3.75
N LYS A 120 32.28 11.00 -3.86
CA LYS A 120 33.13 11.35 -2.74
C LYS A 120 33.14 12.87 -2.68
N SER A 121 32.88 13.45 -1.51
CA SER A 121 32.85 14.90 -1.37
C SER A 121 34.16 15.40 -0.79
N SER A 122 34.86 16.23 -1.55
CA SER A 122 36.14 16.75 -1.09
C SER A 122 35.90 17.64 0.12
N GLY A 123 36.77 17.52 1.11
CA GLY A 123 36.66 18.32 2.31
C GLY A 123 36.20 17.52 3.51
N ILE A 124 36.70 17.90 4.67
CA ILE A 124 36.39 17.24 5.93
C ILE A 124 35.01 17.71 6.37
N ALA A 125 34.16 16.77 6.81
CA ALA A 125 32.80 17.11 7.23
C ALA A 125 32.81 18.14 8.36
N PHE A 126 33.80 18.08 9.24
CA PHE A 126 33.99 19.03 10.32
C PHE A 126 35.47 19.40 10.33
N PRO A 127 35.85 20.64 9.98
CA PRO A 127 37.28 20.92 9.77
C PRO A 127 38.12 20.82 11.04
N LEU A 128 39.40 20.48 10.83
CA LEU A 128 40.32 20.28 11.95
C LEU A 128 40.49 21.56 12.77
N ALA A 129 40.44 22.72 12.11
CA ALA A 129 40.63 24.00 12.79
C ALA A 129 39.50 24.33 13.78
N SER A 130 38.36 23.64 13.70
CA SER A 130 37.22 23.92 14.55
C SER A 130 37.12 23.06 15.81
N TYR A 131 38.09 22.19 16.07
CA TYR A 131 38.05 21.36 17.27
C TYR A 131 38.56 22.15 18.47
N ALA A 132 38.00 21.81 19.64
CA ALA A 132 38.29 22.56 20.86
C ALA A 132 39.76 22.55 21.28
N ASP A 133 40.46 21.43 21.09
CA ASP A 133 41.89 21.39 21.47
C ASP A 133 42.66 21.78 20.21
N GLN A 134 42.92 23.09 20.08
CA GLN A 134 43.20 23.76 18.81
C GLN A 134 44.16 23.07 17.83
N PRO A 135 45.41 22.72 18.20
CA PRO A 135 46.28 22.15 17.14
C PRO A 135 46.03 20.68 16.85
N VAL A 136 44.86 20.38 16.30
CA VAL A 136 44.48 18.99 16.03
C VAL A 136 45.13 18.55 14.74
N ILE A 137 45.71 17.35 14.75
CA ILE A 137 46.32 16.74 13.58
C ILE A 137 45.68 15.37 13.39
N SER A 138 45.79 14.87 12.16
CA SER A 138 45.33 13.53 11.82
C SER A 138 46.60 12.70 11.68
N ASN A 139 46.70 11.67 12.50
CA ASN A 139 47.91 10.87 12.57
C ASN A 139 47.90 9.76 11.52
N PRO A 140 49.05 9.40 10.94
CA PRO A 140 49.06 8.21 10.09
C PRO A 140 48.92 6.99 10.98
N SER A 141 48.32 5.95 10.42
CA SER A 141 48.07 4.73 11.19
C SER A 141 49.31 3.86 11.31
N GLY A 142 49.94 3.53 10.19
CA GLY A 142 51.01 2.57 10.14
C GLY A 142 50.53 1.23 9.67
N ASN A 143 49.23 0.96 9.81
CA ASN A 143 48.58 -0.23 9.32
C ASN A 143 47.66 0.11 8.14
N CYS A 144 47.89 1.28 7.52
CA CYS A 144 47.19 1.76 6.32
C CYS A 144 48.32 2.29 5.44
N ARG A 145 48.87 1.42 4.61
CA ARG A 145 49.95 1.84 3.74
C ARG A 145 49.27 2.26 2.45
N ASP A 146 49.83 3.24 1.76
CA ASP A 146 49.22 3.77 0.53
C ASP A 146 50.15 3.68 -0.67
N GLY A 147 49.97 2.65 -1.49
CA GLY A 147 50.70 2.55 -2.75
C GLY A 147 52.16 2.22 -2.64
N ASN A 148 52.92 3.18 -2.10
CA ASN A 148 54.37 3.12 -2.01
C ASN A 148 54.86 2.67 -0.66
N GLY A 149 53.98 2.15 0.19
CA GLY A 149 54.35 1.69 1.51
C GLY A 149 54.35 2.80 2.54
N VAL A 150 53.94 4.00 2.17
CA VAL A 150 53.91 5.16 3.05
C VAL A 150 52.72 5.04 3.99
N GLU A 151 52.95 5.32 5.26
CA GLU A 151 51.87 5.23 6.24
C GLU A 151 50.80 6.26 5.89
N SER A 152 49.54 5.86 5.98
CA SER A 152 48.46 6.79 5.64
C SER A 152 47.30 6.61 6.62
N GLU A 153 46.12 7.06 6.22
CA GLU A 153 44.92 7.10 7.04
C GLU A 153 43.69 6.88 6.18
N PHE A 154 42.59 6.50 6.83
CA PHE A 154 41.32 6.36 6.12
C PHE A 154 40.90 7.72 5.58
N GLY A 155 40.47 7.74 4.32
CA GLY A 155 40.02 9.01 3.76
C GLY A 155 38.82 9.57 4.48
N SER A 156 37.95 8.71 4.99
CA SER A 156 36.71 9.12 5.66
C SER A 156 36.84 9.24 7.18
N LEU A 157 37.96 8.85 7.77
CA LEU A 157 38.07 8.78 9.22
C LEU A 157 39.43 9.29 9.67
N LEU A 158 39.43 10.28 10.57
CA LEU A 158 40.65 10.94 11.04
C LEU A 158 40.95 10.50 12.46
N TRP A 159 42.15 9.97 12.67
CA TRP A 159 42.59 9.55 14.00
C TRP A 159 43.14 10.84 14.61
N LEU A 160 42.37 11.48 15.49
CA LEU A 160 42.71 12.82 15.95
C LEU A 160 43.33 12.82 17.32
N THR A 161 44.37 13.66 17.47
CA THR A 161 45.03 13.95 18.73
C THR A 161 45.25 15.46 18.77
N GLY A 162 45.37 16.00 19.99
CA GLY A 162 45.59 17.44 20.14
C GLY A 162 46.85 17.79 20.90
N ASN A 163 46.80 18.88 21.67
CA ASN A 163 47.96 19.38 22.40
C ASN A 163 48.06 18.89 23.83
N THR A 164 47.03 18.24 24.37
CA THR A 164 47.01 17.80 25.76
C THR A 164 46.67 16.33 25.86
N LYS A 165 46.90 15.80 27.06
CA LYS A 165 46.55 14.45 27.44
C LYS A 165 45.88 14.51 28.81
N GLY A 166 45.02 13.53 29.07
CA GLY A 166 44.34 13.44 30.35
C GLY A 166 42.83 13.45 30.18
N ALA A 167 42.10 13.07 31.22
CA ALA A 167 40.66 13.03 31.12
C ALA A 167 40.10 14.44 30.95
N ILE A 168 39.03 14.54 30.17
CA ILE A 168 38.33 15.80 29.93
C ILE A 168 36.84 15.62 30.22
N THR A 169 36.16 16.75 30.37
CA THR A 169 34.71 16.73 30.57
C THR A 169 34.02 16.13 29.35
N GLY A 170 34.47 16.51 28.16
CA GLY A 170 33.88 16.07 26.91
C GLY A 170 33.70 17.30 26.05
N GLU A 171 33.69 17.09 24.73
CA GLU A 171 33.58 18.14 23.74
C GLU A 171 32.34 17.87 22.90
N THR A 172 31.75 18.91 22.32
CA THR A 172 30.55 18.76 21.50
C THR A 172 30.80 19.43 20.15
N ILE A 173 30.45 18.71 19.07
CA ILE A 173 30.53 19.28 17.73
C ILE A 173 29.18 19.07 17.04
N THR A 174 28.84 19.98 16.13
CA THR A 174 27.63 19.89 15.32
C THR A 174 28.05 19.75 13.87
N ILE A 175 27.51 18.74 13.19
CA ILE A 175 27.77 18.48 11.78
C ILE A 175 26.48 18.76 11.01
N THR A 176 26.58 19.63 10.00
CA THR A 176 25.45 20.01 9.17
C THR A 176 25.57 19.31 7.82
N HIS A 177 24.45 19.24 7.10
CA HIS A 177 24.46 18.69 5.76
C HIS A 177 25.35 19.54 4.86
N GLN A 178 26.21 18.88 4.08
CA GLN A 178 27.16 19.56 3.19
C GLN A 178 27.18 18.98 1.78
N CYS A 179 26.04 18.51 1.28
CA CYS A 179 25.88 17.97 -0.07
C CYS A 179 24.87 18.88 -0.78
N ASN A 180 24.44 18.49 -1.98
CA ASN A 180 23.47 19.31 -2.69
C ASN A 180 22.07 19.05 -2.13
N ASN A 181 21.08 19.79 -2.63
CA ASN A 181 19.75 19.69 -2.06
C ASN A 181 19.10 18.32 -2.28
N ASP A 182 19.47 17.62 -3.36
CA ASP A 182 18.91 16.32 -3.68
C ASP A 182 19.82 15.17 -3.30
N GLU A 183 20.88 15.43 -2.53
CA GLU A 183 21.83 14.42 -2.11
C GLU A 183 21.70 14.14 -0.62
N VAL A 184 21.95 12.89 -0.25
CA VAL A 184 21.98 12.47 1.15
C VAL A 184 23.45 12.29 1.51
N MET A 185 23.82 12.76 2.69
CA MET A 185 25.19 12.73 3.19
C MET A 185 25.38 11.53 4.12
N VAL A 186 26.44 10.77 3.88
CA VAL A 186 26.76 9.61 4.70
C VAL A 186 28.12 9.87 5.34
N LEU A 187 28.13 9.87 6.67
CA LEU A 187 29.26 10.17 7.53
C LEU A 187 29.73 8.89 8.22
N VAL A 188 31.02 8.85 8.53
CA VAL A 188 31.60 7.79 9.35
C VAL A 188 32.40 8.46 10.45
N TRP A 189 32.17 8.06 11.70
CA TRP A 189 32.94 8.58 12.83
C TRP A 189 33.14 7.43 13.79
N GLY A 190 34.03 7.58 14.75
CA GLY A 190 34.21 6.50 15.68
C GLY A 190 35.08 6.82 16.87
N ALA A 191 35.59 5.76 17.47
CA ALA A 191 36.44 5.82 18.64
C ALA A 191 37.54 4.78 18.59
N TRP A 192 38.71 5.16 19.08
CA TRP A 192 39.84 4.26 19.20
C TRP A 192 39.77 3.60 20.57
N ALA A 193 39.82 2.27 20.60
CA ALA A 193 39.87 1.52 21.84
C ALA A 193 41.21 0.80 21.83
N ASP A 194 41.85 0.74 22.99
CA ASP A 194 43.16 0.13 23.08
C ASP A 194 43.35 -0.36 24.51
N LEU A 195 44.51 -0.93 24.77
CA LEU A 195 44.82 -1.40 26.11
C LEU A 195 44.92 -0.15 26.99
N SER A 196 44.58 -0.29 28.27
CA SER A 196 44.60 0.90 29.12
C SER A 196 45.99 1.51 29.20
N ALA A 197 47.05 0.69 29.07
CA ALA A 197 48.39 1.25 29.06
C ALA A 197 48.60 2.08 27.81
N THR A 198 48.02 1.65 26.70
CA THR A 198 48.22 2.32 25.43
C THR A 198 47.30 3.53 25.36
N MET A 199 46.10 3.42 25.92
CA MET A 199 45.21 4.57 25.93
C MET A 199 45.80 5.66 26.82
N ASN A 200 46.52 5.25 27.87
CA ASN A 200 47.17 6.24 28.73
C ASN A 200 48.33 6.88 28.00
N THR A 201 49.11 6.08 27.28
CA THR A 201 50.25 6.59 26.53
C THR A 201 49.82 7.58 25.46
N ILE A 202 48.73 7.30 24.75
CA ILE A 202 48.31 8.16 23.63
C ILE A 202 47.43 9.30 24.10
N TYR A 203 46.42 9.03 24.94
CA TYR A 203 45.44 10.04 25.33
C TYR A 203 45.49 10.46 26.79
N GLY A 204 46.29 9.78 27.62
CA GLY A 204 46.30 10.11 29.04
C GLY A 204 45.14 9.56 29.85
N VAL A 205 44.45 8.52 29.38
CA VAL A 205 43.32 7.93 30.10
C VAL A 205 43.50 6.42 30.15
N THR A 206 42.99 5.82 31.24
CA THR A 206 43.04 4.38 31.42
C THR A 206 41.67 3.70 31.43
N THR A 207 40.58 4.47 31.56
CA THR A 207 39.23 3.91 31.64
C THR A 207 38.48 4.10 30.33
N PRO A 208 37.37 3.38 30.13
CA PRO A 208 36.52 3.64 28.96
C PRO A 208 36.02 5.07 28.92
N GLN A 209 35.97 5.64 27.71
CA GLN A 209 35.51 6.99 27.48
C GLN A 209 34.12 6.91 26.88
N THR A 210 33.33 7.96 27.08
CA THR A 210 31.95 8.01 26.61
C THR A 210 31.82 8.79 25.31
N TYR A 211 31.14 8.18 24.34
CA TYR A 211 30.86 8.82 23.06
C TYR A 211 29.34 8.80 22.87
N VAL A 212 28.80 9.92 22.39
CA VAL A 212 27.36 10.09 22.20
C VAL A 212 27.17 10.79 20.85
N SER A 213 26.10 10.42 20.16
CA SER A 213 25.69 11.14 18.97
C SER A 213 24.16 11.22 18.95
N ASN A 214 23.66 12.24 18.27
CA ASN A 214 22.23 12.45 18.13
C ASN A 214 21.97 12.96 16.72
N PHE A 215 21.41 12.10 15.88
CA PHE A 215 21.12 12.39 14.48
C PHE A 215 19.63 12.12 14.25
N PRO A 216 19.06 12.43 13.09
CA PRO A 216 17.64 12.10 12.86
C PRO A 216 17.28 10.65 13.17
N SER A 217 18.24 9.74 13.02
CA SER A 217 18.02 8.32 13.29
C SER A 217 17.85 8.03 14.77
N GLY A 218 18.14 9.00 15.65
CA GLY A 218 18.03 8.85 17.08
C GLY A 218 19.37 9.02 17.76
N ARG A 219 19.36 8.73 19.07
CA ARG A 219 20.51 8.84 19.94
C ARG A 219 21.30 7.55 19.96
N PHE A 220 22.62 7.67 19.94
CA PHE A 220 23.56 6.57 20.01
C PHE A 220 24.57 6.87 21.11
N SER A 221 24.93 5.86 21.89
CA SER A 221 25.91 6.04 22.94
C SER A 221 26.73 4.77 23.07
N MET A 222 28.05 4.94 23.23
CA MET A 222 28.96 3.84 23.43
C MET A 222 30.03 4.22 24.44
N SER A 223 30.51 3.21 25.17
CA SER A 223 31.66 3.36 26.09
C SER A 223 32.57 2.17 25.86
N PRO A 224 33.41 2.21 24.82
CA PRO A 224 34.21 1.05 24.42
C PRO A 224 35.05 0.45 25.53
N PHE A 225 35.04 -0.87 25.65
CA PHE A 225 35.84 -1.52 26.66
C PHE A 225 37.30 -1.50 26.20
N LEU A 226 38.21 -1.36 27.16
CA LEU A 226 39.65 -1.29 26.86
C LEU A 226 40.33 -2.61 27.16
N GLY A 227 40.70 -3.33 26.11
CA GLY A 227 41.33 -4.63 26.20
C GLY A 227 40.36 -5.77 25.98
N ASN A 228 40.91 -6.98 25.99
CA ASN A 228 40.13 -8.20 25.74
C ASN A 228 39.37 -8.09 24.42
N PHE A 229 40.07 -7.66 23.39
CA PHE A 229 39.45 -7.45 22.09
C PHE A 229 39.20 -8.77 21.36
N PRO A 230 38.18 -8.82 20.48
CA PRO A 230 38.00 -9.99 19.61
C PRO A 230 39.24 -10.23 18.77
N ALA A 231 39.43 -11.50 18.37
CA ALA A 231 40.59 -11.89 17.59
C ALA A 231 40.72 -11.01 16.36
N LEU A 232 41.96 -10.67 16.03
CA LEU A 232 42.23 -9.78 14.91
C LEU A 232 41.77 -10.38 13.59
N ALA A 233 41.01 -9.59 12.83
CA ALA A 233 40.46 -10.03 11.56
C ALA A 233 40.11 -8.79 10.74
N GLU A 234 39.94 -9.01 9.43
CA GLU A 234 39.50 -7.97 8.49
C GLU A 234 40.41 -6.75 8.54
N THR A 235 41.71 -7.01 8.37
CA THR A 235 42.71 -5.96 8.45
C THR A 235 43.98 -6.41 7.74
N GLU A 236 44.77 -5.43 7.30
CA GLU A 236 46.09 -5.76 6.76
C GLU A 236 47.13 -5.86 7.87
N ALA A 237 46.78 -5.44 9.08
CA ALA A 237 47.68 -5.49 10.21
C ALA A 237 47.87 -6.93 10.67
N THR A 238 49.08 -7.26 11.10
CA THR A 238 49.31 -8.56 11.71
C THR A 238 49.24 -8.45 13.22
N THR A 239 49.56 -7.27 13.77
CA THR A 239 49.41 -6.98 15.19
C THR A 239 48.77 -5.60 15.25
N ALA A 240 47.64 -5.47 15.95
CA ALA A 240 46.97 -4.17 16.06
C ALA A 240 46.89 -3.64 17.48
N THR A 241 46.82 -4.51 18.48
CA THR A 241 46.64 -4.18 19.90
C THR A 241 45.26 -3.58 20.17
N GLY A 242 44.90 -2.50 19.48
CA GLY A 242 43.61 -1.86 19.63
C GLY A 242 42.60 -2.24 18.56
N ARG A 243 41.43 -1.58 18.65
CA ARG A 243 40.32 -1.79 17.72
C ARG A 243 39.61 -0.47 17.53
N ILE A 244 39.01 -0.28 16.35
CA ILE A 244 38.21 0.92 16.06
C ILE A 244 36.73 0.56 16.18
N TYR A 245 35.97 1.40 16.88
CA TYR A 245 34.51 1.31 16.98
C TYR A 245 33.93 2.40 16.08
N LEU A 246 33.14 2.03 15.08
CA LEU A 246 32.55 3.03 14.19
C LEU A 246 31.03 3.13 14.28
N ARG A 247 30.57 4.33 13.96
CA ARG A 247 29.17 4.68 13.82
C ARG A 247 28.97 5.36 12.48
N MET A 248 27.93 4.94 11.75
CA MET A 248 27.51 5.49 10.48
C MET A 248 26.35 6.43 10.72
N GLU A 249 26.43 7.63 10.15
CA GLU A 249 25.38 8.64 10.31
C GLU A 249 24.92 9.10 8.95
N VAL A 250 23.62 9.36 8.81
CA VAL A 250 23.04 9.80 7.55
C VAL A 250 22.25 11.08 7.79
N LEU A 251 22.53 12.10 6.99
CA LEU A 251 21.82 13.38 7.03
C LEU A 251 21.24 13.74 5.68
N GLU A 252 20.04 14.31 5.67
CA GLU A 252 19.42 14.83 4.46
C GLU A 252 19.45 16.36 4.53
N SER A 253 18.98 17.00 3.46
CA SER A 253 19.06 18.46 3.38
C SER A 253 18.29 19.10 4.54
N GLY A 254 18.91 20.11 5.15
CA GLY A 254 18.29 20.81 6.24
C GLY A 254 18.48 20.19 7.61
N GLN A 255 19.13 19.03 7.68
CA GLN A 255 19.31 18.30 8.93
C GLN A 255 20.67 18.58 9.55
N ARG A 256 20.74 18.33 10.85
CA ARG A 256 21.96 18.47 11.65
C ARG A 256 22.10 17.27 12.56
N GLY A 257 23.33 17.04 13.03
CA GLY A 257 23.55 16.07 14.08
C GLY A 257 24.63 16.56 15.03
N THR A 258 24.58 16.05 16.25
CA THR A 258 25.51 16.42 17.30
C THR A 258 26.33 15.22 17.71
N ILE A 259 27.64 15.40 17.88
CA ILE A 259 28.53 14.35 18.41
C ILE A 259 29.22 14.90 19.65
N GLN A 260 28.84 14.37 20.82
CA GLN A 260 29.53 14.59 22.08
C GLN A 260 30.59 13.51 22.26
N TYR A 261 31.84 13.89 22.55
CA TYR A 261 32.93 12.93 22.56
C TYR A 261 33.97 13.27 23.62
N GLN A 262 34.50 12.25 24.28
CA GLN A 262 35.62 12.40 25.22
C GLN A 262 36.92 12.04 24.49
N ARG A 263 37.96 11.64 25.21
CA ARG A 263 39.22 11.27 24.55
C ARG A 263 39.06 9.97 23.79
N GLY A 264 39.88 9.82 22.75
CA GLY A 264 39.86 8.67 21.88
C GLY A 264 38.99 8.82 20.66
N PHE A 265 38.40 9.99 20.47
CA PHE A 265 37.45 10.20 19.38
C PHE A 265 38.17 10.27 18.05
N MET A 266 37.66 9.56 17.05
CA MET A 266 38.16 9.62 15.68
C MET A 266 37.06 10.28 14.87
N GLY A 267 37.40 11.39 14.23
CA GLY A 267 36.40 12.22 13.59
C GLY A 267 36.16 11.99 12.12
N PRO A 268 35.04 12.53 11.60
CA PRO A 268 34.79 12.43 10.16
C PRO A 268 35.89 13.14 9.39
N GLY A 269 36.37 12.49 8.33
CA GLY A 269 37.44 13.02 7.52
C GLY A 269 36.98 13.38 6.14
N LYS A 270 35.90 12.75 5.69
CA LYS A 270 35.39 12.94 4.35
C LYS A 270 34.04 12.23 4.38
N PHE A 271 33.20 12.49 3.38
CA PHE A 271 31.88 11.87 3.39
C PHE A 271 31.39 11.60 1.97
N TRP A 272 30.36 10.74 1.92
CA TRP A 272 29.74 10.39 0.64
C TRP A 272 28.48 11.22 0.44
N CYS A 273 28.27 11.64 -0.80
CA CYS A 273 27.04 12.31 -1.23
C CYS A 273 26.38 11.36 -2.23
N LEU A 274 25.15 10.96 -1.92
CA LEU A 274 24.43 9.96 -2.71
C LEU A 274 23.19 10.62 -3.31
N SER A 275 23.03 10.49 -4.61
CA SER A 275 21.98 11.15 -5.38
C SER A 275 20.83 10.17 -5.65
N GLU A 276 20.28 10.09 -6.86
CA GLU A 276 19.09 9.33 -7.23
C GLU A 276 19.08 7.87 -6.76
N PRO A 277 18.05 7.44 -6.01
CA PRO A 277 17.96 6.03 -5.59
C PRO A 277 17.75 5.08 -6.77
N ILE A 278 18.26 3.85 -6.64
CA ILE A 278 18.04 2.82 -7.66
C ILE A 278 17.54 1.52 -7.03
N PRO A 279 16.80 0.67 -7.76
CA PRO A 279 16.42 -0.64 -7.24
C PRO A 279 17.59 -1.56 -6.92
N VAL A 280 17.46 -2.33 -5.85
CA VAL A 280 18.49 -3.29 -5.43
C VAL A 280 17.82 -4.63 -5.16
N VAL A 281 18.45 -5.71 -5.65
CA VAL A 281 18.02 -7.08 -5.41
C VAL A 281 19.17 -7.87 -4.80
N LYS A 282 18.84 -8.95 -4.10
CA LYS A 282 19.87 -9.86 -3.62
C LYS A 282 20.21 -10.86 -4.72
N GLY A 283 21.47 -11.28 -4.78
CA GLY A 283 21.82 -12.25 -5.78
C GLY A 283 23.32 -12.39 -5.92
N ALA A 284 23.70 -13.27 -6.85
CA ALA A 284 25.09 -13.54 -7.16
C ALA A 284 25.68 -12.39 -7.96
N VAL A 285 27.02 -12.32 -7.96
CA VAL A 285 27.68 -11.30 -8.78
C VAL A 285 27.35 -11.56 -10.24
N LYS A 286 27.61 -10.56 -11.07
CA LYS A 286 27.28 -10.67 -12.48
C LYS A 286 28.19 -11.64 -13.22
N THR A 287 27.60 -12.30 -14.20
CA THR A 287 28.36 -13.13 -15.13
C THR A 287 28.90 -12.20 -16.18
N ASN A 288 30.16 -12.38 -16.55
CA ASN A 288 30.79 -11.48 -17.51
C ASN A 288 30.16 -11.76 -18.87
N GLY A 289 29.47 -10.75 -19.41
CA GLY A 289 28.81 -10.84 -20.69
C GLY A 289 27.33 -11.18 -20.66
N ALA A 290 26.75 -11.47 -19.49
CA ALA A 290 25.33 -11.81 -19.44
C ALA A 290 24.48 -10.55 -19.51
N VAL A 291 23.42 -10.61 -20.32
CA VAL A 291 22.44 -9.53 -20.45
C VAL A 291 21.06 -10.16 -20.43
N SER A 292 20.13 -9.54 -19.71
CA SER A 292 18.76 -10.00 -19.62
C SER A 292 17.83 -8.78 -19.57
N ASP A 293 16.53 -9.05 -19.64
CA ASP A 293 15.55 -7.96 -19.54
C ASP A 293 15.26 -7.61 -18.09
N CYS A 294 15.28 -8.60 -17.21
CA CYS A 294 14.90 -8.45 -15.81
C CYS A 294 15.79 -9.25 -14.87
N LEU A 295 16.15 -8.65 -13.73
CA LEU A 295 16.82 -9.35 -12.64
C LEU A 295 15.77 -9.67 -11.58
N HIS A 296 15.59 -10.96 -11.30
CA HIS A 296 14.62 -11.44 -10.31
C HIS A 296 15.46 -11.96 -9.14
N GLU A 297 14.90 -11.96 -7.91
CA GLU A 297 15.66 -12.53 -6.78
C GLU A 297 15.75 -14.05 -6.78
N VAL A 298 14.76 -14.76 -7.32
CA VAL A 298 14.76 -16.22 -7.33
C VAL A 298 15.42 -16.72 -8.61
N TYR A 299 15.03 -16.12 -9.72
CA TYR A 299 15.55 -16.46 -11.03
C TYR A 299 16.61 -15.40 -11.30
N GLY A 300 17.68 -15.73 -12.02
CA GLY A 300 18.65 -14.69 -12.27
C GLY A 300 18.16 -13.81 -13.40
N GLY A 301 18.94 -13.58 -14.44
CA GLY A 301 18.42 -12.79 -15.53
C GLY A 301 17.33 -13.60 -16.23
N ILE A 302 16.22 -12.94 -16.54
CA ILE A 302 15.12 -13.57 -17.24
C ILE A 302 14.65 -12.71 -18.39
N SER A 303 13.98 -13.37 -19.32
CA SER A 303 13.31 -12.73 -20.44
C SER A 303 11.84 -12.48 -20.08
N LYS A 304 11.17 -11.69 -20.90
CA LYS A 304 9.75 -11.38 -20.73
C LYS A 304 9.01 -11.77 -22.00
N PRO A 305 8.88 -13.08 -22.26
CA PRO A 305 8.15 -13.52 -23.47
C PRO A 305 6.67 -13.20 -23.41
N THR A 306 6.11 -13.05 -22.22
CA THR A 306 4.72 -12.69 -22.01
C THR A 306 4.73 -11.67 -20.88
N PRO A 307 3.67 -10.87 -20.73
CA PRO A 307 3.65 -9.89 -19.64
C PRO A 307 3.53 -10.47 -18.24
N PHE A 308 3.09 -11.71 -18.07
CA PHE A 308 2.86 -12.26 -16.73
C PHE A 308 3.60 -13.59 -16.60
N TYR A 309 3.91 -13.97 -15.35
CA TYR A 309 4.55 -15.26 -15.09
C TYR A 309 3.87 -15.95 -13.92
N THR A 310 4.01 -17.28 -13.90
CA THR A 310 3.48 -18.16 -12.86
C THR A 310 4.63 -18.97 -12.28
N GLY A 311 5.16 -18.50 -11.16
CA GLY A 311 6.34 -19.10 -10.56
C GLY A 311 6.54 -18.55 -9.17
N ASN A 312 7.77 -18.55 -8.67
CA ASN A 312 8.01 -18.08 -7.31
C ASN A 312 8.03 -16.57 -7.32
N ARG A 313 7.35 -15.97 -6.35
CA ARG A 313 7.34 -14.52 -6.20
C ARG A 313 8.65 -14.03 -5.59
N GLY A 314 9.03 -12.83 -5.99
CA GLY A 314 10.21 -12.19 -5.44
C GLY A 314 10.34 -10.80 -6.01
N LYS A 315 11.37 -10.09 -5.56
CA LYS A 315 11.53 -8.75 -6.07
C LYS A 315 12.12 -8.84 -7.46
N SER A 316 11.89 -7.81 -8.26
CA SER A 316 12.49 -7.79 -9.58
C SER A 316 12.74 -6.36 -10.03
N VAL A 317 13.76 -6.20 -10.87
CA VAL A 317 14.18 -4.91 -11.41
C VAL A 317 14.32 -5.00 -12.93
N GLY A 318 13.75 -4.02 -13.63
CA GLY A 318 13.81 -3.90 -15.07
C GLY A 318 12.48 -4.21 -15.72
N ASN A 319 12.56 -4.63 -16.99
CA ASN A 319 11.36 -4.87 -17.80
C ASN A 319 10.89 -6.27 -17.44
N CYS A 320 10.27 -6.35 -16.28
CA CYS A 320 9.91 -7.62 -15.67
C CYS A 320 8.45 -7.98 -15.90
N PRO A 321 8.13 -9.27 -15.98
CA PRO A 321 6.72 -9.69 -15.95
C PRO A 321 6.16 -9.59 -14.53
N LYS A 322 4.85 -9.46 -14.43
CA LYS A 322 4.20 -9.46 -13.11
C LYS A 322 3.73 -10.85 -12.74
N TRP A 323 3.82 -11.14 -11.45
CA TRP A 323 3.36 -12.42 -10.92
C TRP A 323 1.84 -12.51 -10.87
N VAL A 324 1.32 -13.67 -11.30
CA VAL A 324 -0.08 -14.04 -11.19
C VAL A 324 -0.12 -15.43 -10.57
N ARG A 325 -1.28 -15.81 -10.06
CA ARG A 325 -1.40 -17.09 -9.37
C ARG A 325 -1.67 -18.27 -10.28
N LYS A 326 -2.36 -18.07 -11.40
CA LYS A 326 -2.76 -19.13 -12.30
C LYS A 326 -2.52 -18.79 -13.76
N PRO A 327 -2.43 -19.81 -14.64
CA PRO A 327 -2.36 -19.53 -16.09
C PRO A 327 -3.53 -18.70 -16.57
N LEU A 328 -3.23 -17.75 -17.45
CA LEU A 328 -4.21 -16.82 -18.01
C LEU A 328 -4.18 -16.95 -19.53
N LEU A 329 -5.32 -17.28 -20.13
CA LEU A 329 -5.48 -17.39 -21.57
C LEU A 329 -6.38 -16.28 -22.10
N VAL A 330 -6.06 -15.79 -23.30
CA VAL A 330 -6.83 -14.75 -23.98
C VAL A 330 -7.35 -15.28 -25.31
N VAL A 331 -8.63 -15.02 -25.59
CA VAL A 331 -9.26 -15.52 -26.81
C VAL A 331 -8.59 -14.90 -28.02
N ASN A 332 -8.21 -15.73 -28.98
CA ASN A 332 -7.64 -15.27 -30.24
C ASN A 332 -8.20 -16.12 -31.36
N GLY A 333 -9.53 -16.21 -31.40
CA GLY A 333 -10.23 -17.04 -32.36
C GLY A 333 -11.71 -16.98 -32.06
N THR A 334 -12.47 -17.75 -32.83
CA THR A 334 -13.91 -17.77 -32.62
C THR A 334 -14.26 -18.79 -31.54
N LYS A 335 -15.49 -18.68 -31.04
CA LYS A 335 -15.99 -19.65 -30.09
C LYS A 335 -16.17 -21.00 -30.78
N ALA A 336 -15.75 -22.06 -30.11
CA ALA A 336 -15.83 -23.41 -30.67
C ALA A 336 -17.26 -23.91 -30.77
N ARG A 337 -17.50 -24.70 -31.81
CA ARG A 337 -18.79 -25.36 -32.05
C ARG A 337 -19.01 -26.48 -31.04
N ASP B 2 -53.16 -11.33 -35.62
CA ASP B 2 -53.02 -10.89 -34.24
C ASP B 2 -51.67 -10.20 -34.07
N LYS B 3 -51.38 -9.68 -32.88
CA LYS B 3 -50.12 -8.97 -32.59
C LYS B 3 -49.34 -9.76 -31.55
N ILE B 4 -48.20 -10.30 -31.95
CA ILE B 4 -47.36 -11.14 -31.10
C ILE B 4 -46.13 -10.32 -30.74
N CYS B 5 -45.94 -10.06 -29.44
CA CYS B 5 -44.85 -9.23 -28.95
C CYS B 5 -43.88 -10.02 -28.09
N ALA B 6 -42.61 -9.64 -28.17
CA ALA B 6 -41.55 -10.13 -27.30
C ALA B 6 -41.11 -9.00 -26.39
N GLY B 7 -40.81 -9.32 -25.15
CA GLY B 7 -40.36 -8.30 -24.22
C GLY B 7 -40.20 -8.89 -22.84
N VAL B 8 -40.30 -8.01 -21.84
CA VAL B 8 -40.21 -8.40 -20.44
C VAL B 8 -41.49 -7.91 -19.78
N ALA B 9 -41.81 -8.53 -18.66
CA ALA B 9 -42.98 -8.20 -17.89
C ALA B 9 -42.69 -7.17 -16.80
N SER B 10 -43.72 -6.38 -16.51
CA SER B 10 -43.68 -5.41 -15.44
C SER B 10 -44.05 -6.03 -14.10
N GLY B 11 -43.82 -5.25 -13.06
CA GLY B 11 -44.18 -5.59 -11.70
C GLY B 11 -43.94 -4.34 -10.89
N LYS B 12 -44.24 -4.40 -9.60
CA LYS B 12 -44.05 -3.24 -8.77
C LYS B 12 -42.59 -3.14 -8.40
N GLY B 13 -42.07 -1.92 -8.34
CA GLY B 13 -40.71 -1.74 -7.92
C GLY B 13 -40.59 -1.96 -6.42
N THR B 14 -39.47 -2.54 -6.02
CA THR B 14 -39.17 -2.75 -4.60
C THR B 14 -37.83 -2.18 -4.18
N HIS B 15 -36.89 -2.01 -5.10
CA HIS B 15 -35.55 -1.53 -4.75
C HIS B 15 -35.13 -0.54 -5.81
N ARG B 16 -34.22 0.37 -5.44
CA ARG B 16 -33.60 1.26 -6.40
C ARG B 16 -32.10 0.98 -6.36
N VAL B 17 -31.51 0.83 -7.54
CA VAL B 17 -30.09 0.49 -7.69
C VAL B 17 -29.34 1.63 -8.36
N GLU B 18 -28.19 1.98 -7.80
CA GLU B 18 -27.38 3.03 -8.40
C GLU B 18 -26.61 2.43 -9.58
N THR B 19 -26.56 3.18 -10.68
CA THR B 19 -25.85 2.78 -11.89
C THR B 19 -24.86 3.85 -12.32
N ILE B 20 -24.06 3.51 -13.33
CA ILE B 20 -23.05 4.43 -13.83
C ILE B 20 -23.70 5.60 -14.57
N THR B 21 -24.65 5.32 -15.49
CA THR B 21 -25.31 6.37 -16.29
C THR B 21 -26.82 6.43 -16.18
N LYS B 22 -27.49 5.51 -15.51
CA LYS B 22 -28.94 5.47 -15.50
C LYS B 22 -29.52 6.07 -14.22
N GLY B 23 -28.67 6.55 -13.31
CA GLY B 23 -29.14 7.06 -12.03
C GLY B 23 -29.59 5.91 -11.15
N GLU B 24 -30.61 6.16 -10.33
CA GLU B 24 -31.13 5.14 -9.43
C GLU B 24 -32.31 4.50 -10.15
N VAL B 25 -32.09 3.31 -10.67
CA VAL B 25 -33.07 2.61 -11.50
C VAL B 25 -33.95 1.80 -10.56
N LEU B 26 -35.26 1.97 -10.70
CA LEU B 26 -36.20 1.21 -9.88
C LEU B 26 -36.36 -0.19 -10.46
N VAL B 27 -36.17 -1.21 -9.61
CA VAL B 27 -36.26 -2.60 -10.01
C VAL B 27 -37.22 -3.32 -9.09
N THR B 28 -37.71 -4.46 -9.60
CA THR B 28 -38.68 -5.29 -8.90
C THR B 28 -38.05 -6.17 -7.83
N ASN B 29 -36.76 -6.42 -7.90
CA ASN B 29 -36.08 -7.17 -6.85
C ASN B 29 -34.60 -6.83 -6.87
N ALA B 30 -33.96 -7.04 -5.72
CA ALA B 30 -32.53 -6.81 -5.62
C ALA B 30 -31.98 -7.65 -4.48
N ILE B 31 -30.70 -7.95 -4.58
CA ILE B 31 -29.96 -8.68 -3.57
C ILE B 31 -29.16 -7.68 -2.76
N ASN B 32 -29.26 -7.77 -1.44
CA ASN B 32 -28.48 -6.92 -0.53
C ASN B 32 -27.13 -7.58 -0.29
N MET B 33 -26.09 -6.93 -0.78
CA MET B 33 -24.73 -7.46 -0.73
C MET B 33 -24.02 -7.10 0.57
N THR B 34 -24.64 -6.30 1.43
CA THR B 34 -24.05 -5.85 2.68
C THR B 34 -24.92 -6.30 3.86
N HIS B 35 -24.29 -6.44 5.02
CA HIS B 35 -24.99 -6.74 6.26
C HIS B 35 -24.31 -5.98 7.38
N THR B 36 -25.01 -5.87 8.51
CA THR B 36 -24.43 -5.27 9.69
C THR B 36 -23.97 -6.40 10.61
N PRO B 37 -22.68 -6.53 10.92
CA PRO B 37 -22.24 -7.64 11.76
C PRO B 37 -22.84 -7.58 13.16
N THR B 38 -23.05 -8.76 13.74
CA THR B 38 -23.54 -8.92 15.10
C THR B 38 -22.41 -9.53 15.91
N SER B 39 -22.07 -8.89 17.04
CA SER B 39 -20.96 -9.36 17.85
C SER B 39 -21.25 -10.74 18.41
N GLY B 40 -20.26 -11.63 18.34
CA GLY B 40 -20.32 -12.95 18.92
C GLY B 40 -19.14 -13.21 19.84
N PRO B 41 -19.06 -14.43 20.36
CA PRO B 41 -17.91 -14.80 21.19
C PRO B 41 -16.70 -15.10 20.32
N PHE B 42 -15.52 -15.03 20.92
CA PHE B 42 -14.32 -15.50 20.23
C PHE B 42 -14.23 -17.02 20.30
N GLY B 43 -13.72 -17.60 19.23
CA GLY B 43 -13.59 -19.03 19.13
C GLY B 43 -12.72 -19.38 17.94
N ASP B 44 -12.88 -20.60 17.46
CA ASP B 44 -12.05 -21.08 16.36
C ASP B 44 -12.67 -20.60 15.03
N LEU B 45 -12.02 -20.91 13.91
CA LEU B 45 -12.43 -20.40 12.60
C LEU B 45 -12.90 -21.48 11.61
N LYS B 46 -13.28 -22.67 12.09
CA LYS B 46 -13.74 -23.78 11.24
C LYS B 46 -12.59 -24.46 10.48
N THR B 47 -11.69 -23.65 9.91
CA THR B 47 -10.55 -24.12 9.12
C THR B 47 -9.35 -24.51 9.99
N GLY B 48 -9.40 -24.24 11.29
CA GLY B 48 -8.27 -24.59 12.13
C GLY B 48 -8.27 -23.90 13.47
N ASN B 49 -7.29 -24.29 14.28
CA ASN B 49 -7.08 -23.80 15.62
C ASN B 49 -6.64 -22.35 15.69
N VAL B 50 -7.26 -21.59 16.60
CA VAL B 50 -6.86 -20.24 16.96
C VAL B 50 -6.11 -20.41 18.26
N ARG B 51 -4.85 -19.93 18.30
CA ARG B 51 -3.96 -20.27 19.41
C ARG B 51 -4.49 -19.86 20.78
N ASP B 52 -4.99 -18.62 20.92
CA ASP B 52 -5.38 -18.15 22.24
C ASP B 52 -4.18 -18.35 23.19
N LYS B 53 -4.35 -19.15 24.25
CA LYS B 53 -3.29 -19.39 25.21
C LYS B 53 -2.18 -20.19 24.53
N LEU B 54 -0.91 -19.86 24.86
CA LEU B 54 0.21 -20.52 24.20
C LEU B 54 0.27 -22.01 24.49
N CYS B 55 -0.06 -22.42 25.71
CA CYS B 55 0.03 -23.82 26.12
C CYS B 55 -1.23 -24.17 26.91
N PRO B 56 -2.34 -24.46 26.20
CA PRO B 56 -3.62 -24.63 26.89
C PRO B 56 -3.71 -25.85 27.79
N THR B 57 -2.81 -26.82 27.66
CA THR B 57 -2.86 -28.04 28.46
C THR B 57 -1.97 -28.01 29.69
N CYS B 58 -1.25 -26.91 29.92
CA CYS B 58 -0.36 -26.76 31.08
C CYS B 58 -1.01 -25.75 32.02
N THR B 59 -1.68 -26.25 33.04
CA THR B 59 -2.41 -25.35 33.93
C THR B 59 -1.46 -24.74 34.95
N GLY B 60 -1.89 -23.63 35.52
CA GLY B 60 -1.13 -22.95 36.55
C GLY B 60 -0.05 -22.01 36.03
N CYS B 61 0.13 -21.92 34.72
CA CYS B 61 1.16 -21.10 34.09
C CYS B 61 0.53 -20.04 33.21
N THR B 62 1.24 -18.92 33.08
CA THR B 62 0.85 -17.85 32.17
C THR B 62 1.66 -17.98 30.88
N ASP B 63 1.31 -17.18 29.88
CA ASP B 63 2.05 -17.24 28.63
C ASP B 63 3.47 -16.72 28.80
N MET B 64 3.69 -15.81 29.75
CA MET B 64 5.05 -15.35 30.01
C MET B 64 5.88 -16.45 30.62
N ASP B 65 5.26 -17.34 31.40
CA ASP B 65 6.03 -18.40 32.03
C ASP B 65 6.39 -19.47 31.00
N VAL B 66 5.52 -19.68 30.02
CA VAL B 66 5.80 -20.63 28.94
C VAL B 66 6.92 -20.07 28.07
N ALA B 67 6.82 -18.79 27.71
CA ALA B 67 7.81 -18.14 26.85
C ALA B 67 9.19 -18.12 27.50
N LEU B 68 9.26 -18.04 28.82
CA LEU B 68 10.53 -18.04 29.54
C LEU B 68 11.01 -19.44 29.84
N MET B 69 10.28 -20.46 29.41
CA MET B 69 10.62 -21.87 29.60
C MET B 69 10.79 -22.19 31.09
N THR B 70 9.83 -21.72 31.89
CA THR B 70 9.82 -21.99 33.32
C THR B 70 9.87 -23.51 33.56
N PRO B 71 10.61 -23.97 34.60
CA PRO B 71 10.72 -25.43 34.84
C PRO B 71 9.41 -26.23 34.84
N THR B 72 8.31 -25.66 35.32
CA THR B 72 7.04 -26.37 35.38
C THR B 72 6.08 -26.01 34.25
N CYS B 73 6.49 -25.17 33.31
CA CYS B 73 5.62 -24.69 32.23
C CYS B 73 6.06 -25.21 30.86
N ASN B 74 6.97 -26.20 30.82
CA ASN B 74 7.54 -26.75 29.60
C ASN B 74 6.62 -27.81 28.98
N GLY B 75 5.49 -27.36 28.45
CA GLY B 75 4.50 -28.23 27.84
C GLY B 75 4.55 -28.23 26.32
N VAL B 76 3.43 -28.62 25.72
CA VAL B 76 3.28 -28.73 24.27
C VAL B 76 2.53 -27.50 23.77
N ILE B 77 3.03 -26.87 22.72
CA ILE B 77 2.37 -25.71 22.12
C ILE B 77 1.68 -26.18 20.84
N PRO B 78 0.34 -26.17 20.77
CA PRO B 78 -0.34 -26.57 19.54
C PRO B 78 -0.07 -25.61 18.40
N GLU B 79 -0.20 -26.12 17.17
CA GLU B 79 -0.09 -25.25 16.01
C GLU B 79 -1.43 -24.55 15.84
N ALA B 80 -1.39 -23.35 15.26
CA ALA B 80 -2.59 -22.57 15.02
C ALA B 80 -2.50 -21.83 13.70
N ILE B 81 -3.68 -21.51 13.16
CA ILE B 81 -3.79 -20.75 11.92
C ILE B 81 -4.01 -19.26 12.19
N ALA B 82 -4.37 -18.90 13.41
CA ALA B 82 -4.59 -17.53 13.84
C ALA B 82 -4.35 -17.51 15.34
N ALA B 83 -4.21 -16.31 15.90
CA ALA B 83 -4.03 -16.16 17.33
C ALA B 83 -4.76 -14.91 17.80
N ILE B 84 -5.05 -14.87 19.10
CA ILE B 84 -5.71 -13.75 19.75
C ILE B 84 -4.77 -13.19 20.79
N GLN B 85 -4.58 -11.87 20.78
CA GLN B 85 -3.78 -11.19 21.78
C GLN B 85 -4.72 -10.76 22.90
N HIS B 86 -4.82 -11.61 23.93
CA HIS B 86 -5.71 -11.37 25.06
C HIS B 86 -5.04 -10.63 26.21
N GLU B 87 -3.72 -10.47 26.17
CA GLU B 87 -2.96 -9.76 27.18
C GLU B 87 -2.10 -8.70 26.52
N ASN B 88 -2.24 -7.46 26.97
CA ASN B 88 -1.43 -6.37 26.43
C ASN B 88 -0.11 -6.24 27.18
N ARG B 89 -0.08 -6.70 28.43
CA ARG B 89 1.11 -6.74 29.26
C ARG B 89 1.14 -8.12 29.91
N PRO B 90 1.51 -9.17 29.16
CA PRO B 90 1.52 -10.51 29.75
C PRO B 90 2.39 -10.52 31.00
N LEU B 91 1.90 -11.20 32.04
CA LEU B 91 2.61 -11.25 33.30
C LEU B 91 3.24 -12.61 33.58
N GLN B 92 4.30 -12.54 34.38
CA GLN B 92 5.02 -13.69 34.88
C GLN B 92 4.46 -14.01 36.26
N SER B 93 4.39 -15.29 36.59
CA SER B 93 3.94 -15.72 37.91
C SER B 93 4.89 -16.69 38.59
N LYS B 94 5.84 -17.27 37.86
CA LYS B 94 6.76 -18.26 38.35
C LYS B 94 8.20 -17.73 38.27
N CYS B 95 9.09 -18.41 38.99
CA CYS B 95 10.52 -18.08 39.02
C CYS B 95 10.92 -16.70 39.58
N ASN B 96 12.23 -16.41 39.48
CA ASN B 96 12.81 -15.16 39.94
C ASN B 96 12.19 -13.93 39.28
N PRO B 97 12.00 -12.83 40.03
CA PRO B 97 11.36 -11.64 39.45
C PRO B 97 12.19 -11.06 38.33
N ILE B 98 11.52 -10.65 37.26
CA ILE B 98 12.13 -10.03 36.10
C ILE B 98 11.46 -8.68 35.90
N LEU B 99 12.27 -7.66 35.66
CA LEU B 99 11.78 -6.30 35.44
C LEU B 99 11.41 -6.14 33.98
N HIS B 100 10.23 -6.68 33.64
CA HIS B 100 9.80 -6.76 32.24
C HIS B 100 9.45 -5.40 31.68
N ASP B 101 9.16 -4.41 32.53
CA ASP B 101 8.81 -3.07 32.10
C ASP B 101 10.02 -2.15 31.98
N LEU B 102 11.23 -2.69 32.16
CA LEU B 102 12.48 -1.95 32.03
C LEU B 102 13.29 -2.49 30.86
N GLY B 103 12.61 -3.10 29.90
CA GLY B 103 13.25 -3.68 28.74
C GLY B 103 12.19 -3.96 27.70
N ASN B 104 12.52 -4.83 26.74
CA ASN B 104 11.62 -5.13 25.64
C ASN B 104 11.07 -6.55 25.70
N THR B 105 11.13 -7.19 26.86
CA THR B 105 10.71 -8.58 27.00
C THR B 105 9.26 -8.74 27.44
N ARG B 106 8.57 -7.63 27.74
CA ARG B 106 7.17 -7.73 28.15
C ARG B 106 6.31 -8.31 27.04
N GLN B 107 6.68 -8.11 25.78
CA GLN B 107 5.89 -8.57 24.65
C GLN B 107 6.34 -9.91 24.09
N LEU B 108 7.30 -10.59 24.74
CA LEU B 108 7.78 -11.88 24.25
C LEU B 108 6.62 -12.84 23.96
N PRO B 109 5.65 -13.05 24.86
CA PRO B 109 4.54 -13.96 24.54
C PRO B 109 3.71 -13.51 23.35
N ASN B 110 3.77 -12.23 23.00
CA ASN B 110 3.01 -11.67 21.90
C ASN B 110 3.81 -11.71 20.61
N LEU B 111 5.02 -12.28 20.65
CA LEU B 111 5.87 -12.50 19.50
C LEU B 111 5.77 -13.97 19.11
N LEU B 112 5.86 -14.84 20.11
CA LEU B 112 5.80 -16.27 19.85
C LEU B 112 4.48 -16.64 19.21
N ARG B 113 3.39 -16.04 19.69
CA ARG B 113 2.07 -16.40 19.20
C ARG B 113 1.82 -15.97 17.76
N LYS B 114 2.67 -15.11 17.16
CA LYS B 114 2.32 -14.66 15.81
C LYS B 114 2.79 -15.63 14.74
N TYR B 115 3.40 -16.75 15.11
CA TYR B 115 3.86 -17.77 14.19
C TYR B 115 3.06 -19.06 14.37
N LYS B 116 2.91 -19.79 13.27
CA LYS B 116 2.18 -21.05 13.26
C LYS B 116 2.83 -22.13 14.12
N LYS B 117 4.16 -22.28 14.00
CA LYS B 117 4.89 -23.31 14.72
C LYS B 117 5.88 -22.66 15.66
N ILE B 118 5.76 -22.98 16.95
CA ILE B 118 6.60 -22.45 18.01
C ILE B 118 7.35 -23.68 18.52
N ARG B 119 8.67 -23.72 18.31
CA ARG B 119 9.47 -24.89 18.65
C ARG B 119 10.57 -24.54 19.64
N LYS B 120 10.70 -25.38 20.67
CA LYS B 120 11.82 -25.25 21.60
C LYS B 120 13.01 -25.89 20.91
N SER B 121 14.14 -25.19 20.85
CA SER B 121 15.32 -25.73 20.21
C SER B 121 16.27 -26.30 21.25
N SER B 122 16.53 -27.59 21.17
CA SER B 122 17.42 -28.22 22.14
C SER B 122 18.82 -27.66 21.97
N GLY B 123 19.49 -27.39 23.07
CA GLY B 123 20.84 -26.88 23.03
C GLY B 123 20.93 -25.41 23.41
N ILE B 124 22.02 -25.05 24.05
CA ILE B 124 22.28 -23.69 24.51
C ILE B 124 22.70 -22.87 23.30
N ALA B 125 22.14 -21.66 23.17
CA ALA B 125 22.47 -20.81 22.02
C ALA B 125 23.96 -20.51 21.95
N PHE B 126 24.63 -20.40 23.09
CA PHE B 126 26.08 -20.21 23.16
C PHE B 126 26.58 -21.18 24.23
N PRO B 127 27.34 -22.23 23.89
CA PRO B 127 27.64 -23.28 24.87
C PRO B 127 28.50 -22.79 26.03
N LEU B 128 28.31 -23.46 27.18
CA LEU B 128 29.01 -23.08 28.39
C LEU B 128 30.51 -23.22 28.24
N ALA B 129 30.97 -24.20 27.47
CA ALA B 129 32.40 -24.44 27.27
C ALA B 129 33.10 -23.32 26.53
N SER B 130 32.36 -22.43 25.86
CA SER B 130 32.94 -21.36 25.06
C SER B 130 33.08 -20.03 25.78
N TYR B 131 32.73 -19.94 27.07
CA TYR B 131 32.86 -18.69 27.80
C TYR B 131 34.30 -18.50 28.26
N ALA B 132 34.71 -17.23 28.34
CA ALA B 132 36.10 -16.89 28.66
C ALA B 132 36.58 -17.39 30.02
N ASP B 133 35.73 -17.36 31.05
CA ASP B 133 36.15 -17.84 32.37
C ASP B 133 35.76 -19.31 32.42
N GLN B 134 36.69 -20.17 32.01
CA GLN B 134 36.43 -21.53 31.53
C GLN B 134 35.44 -22.40 32.31
N PRO B 135 35.60 -22.65 33.62
CA PRO B 135 34.63 -23.57 34.27
C PRO B 135 33.30 -22.93 34.62
N VAL B 136 32.54 -22.54 33.59
CA VAL B 136 31.27 -21.86 33.81
C VAL B 136 30.20 -22.89 34.11
N ILE B 137 29.39 -22.61 35.13
CA ILE B 137 28.28 -23.44 35.53
C ILE B 137 27.03 -22.57 35.55
N SER B 138 25.88 -23.23 35.46
CA SER B 138 24.59 -22.58 35.55
C SER B 138 24.05 -22.94 36.92
N ASN B 139 23.82 -21.92 37.74
CA ASN B 139 23.44 -22.15 39.12
C ASN B 139 21.93 -22.33 39.26
N PRO B 140 21.45 -23.17 40.17
CA PRO B 140 20.02 -23.20 40.44
C PRO B 140 19.65 -21.92 41.16
N SER B 141 18.42 -21.48 40.95
CA SER B 141 17.96 -20.24 41.56
C SER B 141 17.56 -20.40 43.01
N GLY B 142 16.68 -21.36 43.29
CA GLY B 142 16.09 -21.52 44.58
C GLY B 142 14.70 -20.94 44.64
N ASN B 143 14.40 -20.01 43.72
CA ASN B 143 13.08 -19.44 43.56
C ASN B 143 12.45 -19.93 42.25
N CYS B 144 12.95 -21.05 41.71
CA CYS B 144 12.43 -21.74 40.52
C CYS B 144 12.43 -23.19 40.94
N ARG B 145 11.34 -23.65 41.52
CA ARG B 145 11.26 -25.03 41.94
C ARG B 145 10.62 -25.77 40.78
N ASP B 146 11.00 -27.03 40.58
CA ASP B 146 10.50 -27.82 39.45
C ASP B 146 9.83 -29.11 39.90
N GLY B 147 8.49 -29.08 39.96
CA GLY B 147 7.74 -30.30 40.22
C GLY B 147 7.80 -30.83 41.63
N ASN B 148 8.99 -31.32 42.00
CA ASN B 148 9.24 -31.99 43.26
C ASN B 148 9.86 -31.08 44.30
N GLY B 149 9.88 -29.77 44.06
CA GLY B 149 10.46 -28.84 44.99
C GLY B 149 11.95 -28.66 44.83
N VAL B 150 12.54 -29.27 43.80
CA VAL B 150 13.96 -29.19 43.55
C VAL B 150 14.29 -27.85 42.92
N GLU B 151 15.35 -27.21 43.40
CA GLU B 151 15.74 -25.91 42.88
C GLU B 151 16.12 -26.08 41.41
N SER B 152 15.69 -25.16 40.56
CA SER B 152 16.00 -25.27 39.14
C SER B 152 16.32 -23.89 38.56
N GLU B 153 16.22 -23.79 37.23
CA GLU B 153 16.60 -22.60 36.49
C GLU B 153 15.70 -22.43 35.26
N PHE B 154 15.68 -21.21 34.74
CA PHE B 154 14.95 -20.94 33.50
C PHE B 154 15.52 -21.72 32.33
N GLY B 155 14.64 -22.32 31.54
CA GLY B 155 15.12 -23.05 30.38
C GLY B 155 15.85 -22.16 29.39
N SER B 156 15.43 -20.90 29.27
CA SER B 156 16.00 -19.97 28.32
C SER B 156 17.11 -19.11 28.87
N LEU B 157 17.36 -19.16 30.17
CA LEU B 157 18.29 -18.22 30.79
C LEU B 157 19.17 -18.89 31.83
N LEU B 158 20.48 -18.77 31.67
CA LEU B 158 21.46 -19.41 32.54
C LEU B 158 22.07 -18.38 33.46
N TRP B 159 21.99 -18.61 34.76
CA TRP B 159 22.59 -17.73 35.75
C TRP B 159 24.02 -18.20 35.84
N LEU B 160 24.94 -17.49 35.21
CA LEU B 160 26.30 -17.98 35.03
C LEU B 160 27.28 -17.36 36.02
N THR B 161 28.16 -18.21 36.55
CA THR B 161 29.28 -17.83 37.39
C THR B 161 30.48 -18.64 36.91
N GLY B 162 31.69 -18.13 37.18
CA GLY B 162 32.90 -18.82 36.78
C GLY B 162 33.84 -19.14 37.92
N ASN B 163 35.14 -19.10 37.65
CA ASN B 163 36.16 -19.46 38.62
C ASN B 163 36.72 -18.28 39.40
N THR B 164 36.41 -17.04 39.01
CA THR B 164 36.97 -15.86 39.64
C THR B 164 35.87 -14.89 40.05
N LYS B 165 36.28 -13.94 40.87
CA LYS B 165 35.45 -12.84 41.33
C LYS B 165 36.26 -11.56 41.20
N GLY B 166 35.56 -10.44 40.99
CA GLY B 166 36.21 -9.15 40.90
C GLY B 166 35.89 -8.47 39.59
N ALA B 167 36.15 -7.17 39.49
CA ALA B 167 35.84 -6.45 38.27
C ALA B 167 36.71 -6.95 37.13
N ILE B 168 36.13 -6.97 35.93
CA ILE B 168 36.81 -7.37 34.71
C ILE B 168 36.65 -6.29 33.65
N THR B 169 37.50 -6.37 32.63
CA THR B 169 37.39 -5.46 31.50
C THR B 169 36.05 -5.63 30.79
N GLY B 170 35.64 -6.87 30.60
CA GLY B 170 34.42 -7.21 29.89
C GLY B 170 34.77 -8.31 28.91
N GLU B 171 33.77 -9.12 28.58
CA GLU B 171 33.92 -10.25 27.67
C GLU B 171 32.98 -10.03 26.49
N THR B 172 33.31 -10.61 25.34
CA THR B 172 32.50 -10.48 24.13
C THR B 172 32.18 -11.86 23.59
N ILE B 173 30.91 -12.08 23.25
CA ILE B 173 30.48 -13.32 22.62
C ILE B 173 29.70 -12.98 21.36
N THR B 174 29.77 -13.87 20.37
CA THR B 174 29.00 -13.75 19.13
C THR B 174 28.03 -14.92 19.06
N ILE B 175 26.77 -14.60 18.82
CA ILE B 175 25.68 -15.57 18.68
C ILE B 175 25.22 -15.58 17.24
N THR B 176 25.22 -16.75 16.62
CA THR B 176 24.81 -16.93 15.24
C THR B 176 23.43 -17.58 15.21
N HIS B 177 22.76 -17.45 14.07
CA HIS B 177 21.47 -18.10 13.88
C HIS B 177 21.64 -19.62 13.95
N GLN B 178 20.76 -20.29 14.71
CA GLN B 178 20.84 -21.74 14.91
C GLN B 178 19.49 -22.45 14.73
N CYS B 179 18.66 -21.96 13.81
CA CYS B 179 17.37 -22.56 13.47
C CYS B 179 17.46 -22.94 12.00
N ASN B 180 16.34 -23.36 11.41
CA ASN B 180 16.38 -23.72 9.99
C ASN B 180 16.34 -22.46 9.14
N ASN B 181 16.43 -22.62 7.82
CA ASN B 181 16.53 -21.45 6.94
C ASN B 181 15.24 -20.63 6.93
N ASP B 182 14.09 -21.24 7.19
CA ASP B 182 12.82 -20.55 7.19
C ASP B 182 12.31 -20.21 8.58
N GLU B 183 13.15 -20.37 9.61
CA GLU B 183 12.79 -20.09 10.98
C GLU B 183 13.50 -18.84 11.49
N VAL B 184 12.83 -18.12 12.37
CA VAL B 184 13.42 -16.96 13.04
C VAL B 184 13.73 -17.42 14.46
N MET B 185 14.92 -17.05 14.94
CA MET B 185 15.41 -17.47 16.24
C MET B 185 15.17 -16.36 17.25
N VAL B 186 14.59 -16.71 18.40
CA VAL B 186 14.30 -15.76 19.48
C VAL B 186 15.07 -16.14 20.74
N LEU B 187 15.92 -15.21 21.20
CA LEU B 187 16.80 -15.32 22.34
C LEU B 187 16.34 -14.44 23.50
N VAL B 188 16.67 -14.89 24.70
CA VAL B 188 16.51 -14.13 25.92
C VAL B 188 17.85 -14.15 26.65
N TRP B 189 18.33 -12.97 27.04
CA TRP B 189 19.57 -12.87 27.81
C TRP B 189 19.36 -11.75 28.81
N GLY B 190 20.23 -11.64 29.80
CA GLY B 190 20.04 -10.56 30.74
C GLY B 190 21.19 -10.37 31.69
N ALA B 191 20.85 -9.71 32.80
CA ALA B 191 21.79 -9.38 33.86
C ALA B 191 21.12 -9.52 35.22
N TRP B 192 21.90 -9.99 36.19
CA TRP B 192 21.47 -10.08 37.56
C TRP B 192 21.84 -8.78 38.26
N ALA B 193 20.86 -8.15 38.90
CA ALA B 193 21.09 -6.95 39.69
C ALA B 193 20.75 -7.33 41.12
N ASP B 194 21.53 -6.83 42.06
CA ASP B 194 21.34 -7.18 43.46
C ASP B 194 21.90 -6.04 44.30
N LEU B 195 21.82 -6.22 45.62
CA LEU B 195 22.37 -5.21 46.51
C LEU B 195 23.88 -5.26 46.34
N SER B 196 24.55 -4.12 46.53
CA SER B 196 25.99 -4.11 46.30
C SER B 196 26.72 -5.09 47.21
N ALA B 197 26.17 -5.35 48.41
CA ALA B 197 26.80 -6.34 49.28
C ALA B 197 26.65 -7.73 48.67
N THR B 198 25.52 -7.97 48.00
CA THR B 198 25.26 -9.30 47.45
C THR B 198 26.00 -9.44 46.13
N MET B 199 26.08 -8.36 45.36
CA MET B 199 26.84 -8.43 44.11
C MET B 199 28.31 -8.65 44.43
N ASN B 200 28.78 -8.12 45.56
CA ASN B 200 30.17 -8.33 45.95
C ASN B 200 30.36 -9.77 46.39
N THR B 201 29.40 -10.30 47.16
CA THR B 201 29.49 -11.68 47.62
C THR B 201 29.48 -12.67 46.47
N ILE B 202 28.65 -12.45 45.46
CA ILE B 202 28.53 -13.41 44.36
C ILE B 202 29.56 -13.18 43.27
N TYR B 203 29.75 -11.93 42.82
CA TYR B 203 30.61 -11.62 41.69
C TYR B 203 31.87 -10.84 42.04
N GLY B 204 32.02 -10.35 43.27
CA GLY B 204 33.16 -9.53 43.60
C GLY B 204 33.10 -8.08 43.14
N VAL B 205 31.91 -7.54 42.89
CA VAL B 205 31.75 -6.16 42.44
C VAL B 205 30.69 -5.49 43.28
N THR B 206 30.85 -4.17 43.48
CA THR B 206 29.89 -3.36 44.22
C THR B 206 29.18 -2.30 43.38
N THR B 207 29.68 -2.00 42.18
CA THR B 207 29.10 -0.95 41.34
C THR B 207 28.29 -1.55 40.19
N PRO B 208 27.45 -0.74 39.54
CA PRO B 208 26.77 -1.22 38.34
C PRO B 208 27.74 -1.68 37.26
N GLN B 209 27.37 -2.76 36.58
CA GLN B 209 28.17 -3.32 35.51
C GLN B 209 27.51 -2.95 34.18
N THR B 210 28.32 -2.89 33.13
CA THR B 210 27.85 -2.50 31.81
C THR B 210 27.59 -3.71 30.91
N TYR B 211 26.41 -3.73 30.29
CA TYR B 211 26.02 -4.76 29.35
C TYR B 211 25.67 -4.09 28.04
N VAL B 212 26.13 -4.66 26.93
CA VAL B 212 25.92 -4.12 25.60
C VAL B 212 25.56 -5.27 24.68
N SER B 213 24.66 -5.01 23.73
CA SER B 213 24.39 -5.96 22.65
C SER B 213 24.21 -5.20 21.36
N ASN B 214 24.48 -5.88 20.26
CA ASN B 214 24.33 -5.33 18.93
C ASN B 214 23.78 -6.41 18.01
N PHE B 215 22.50 -6.27 17.66
CA PHE B 215 21.78 -7.22 16.81
C PHE B 215 21.21 -6.45 15.63
N PRO B 216 20.61 -7.10 14.63
CA PRO B 216 20.02 -6.35 13.51
C PRO B 216 19.05 -5.25 13.96
N SER B 217 18.42 -5.42 15.13
CA SER B 217 17.49 -4.45 15.67
C SER B 217 18.19 -3.19 16.15
N GLY B 218 19.52 -3.19 16.24
CA GLY B 218 20.30 -2.07 16.71
C GLY B 218 21.07 -2.40 17.97
N ARG B 219 21.67 -1.34 18.52
CA ARG B 219 22.50 -1.41 19.72
C ARG B 219 21.64 -1.20 20.96
N PHE B 220 21.93 -1.97 21.99
CA PHE B 220 21.27 -1.90 23.28
C PHE B 220 22.36 -1.83 24.35
N SER B 221 22.14 -0.99 25.36
CA SER B 221 23.11 -0.88 26.45
C SER B 221 22.36 -0.61 27.74
N MET B 222 22.79 -1.29 28.80
CA MET B 222 22.22 -1.10 30.13
C MET B 222 23.31 -1.16 31.18
N SER B 223 23.10 -0.42 32.27
CA SER B 223 23.97 -0.48 33.45
C SER B 223 23.06 -0.55 34.68
N PRO B 224 22.56 -1.74 35.00
CA PRO B 224 21.54 -1.88 36.05
C PRO B 224 21.94 -1.28 37.40
N PHE B 225 21.02 -0.55 38.01
CA PHE B 225 21.30 0.03 39.32
C PHE B 225 21.24 -1.08 40.36
N LEU B 226 22.09 -0.98 41.38
CA LEU B 226 22.16 -1.99 42.42
C LEU B 226 21.47 -1.51 43.69
N GLY B 227 20.31 -2.09 43.96
CA GLY B 227 19.47 -1.75 45.10
C GLY B 227 18.34 -0.81 44.73
N ASN B 228 17.51 -0.53 45.73
CA ASN B 228 16.32 0.30 45.55
C ASN B 228 15.44 -0.25 44.43
N PHE B 229 15.21 -1.55 44.47
CA PHE B 229 14.44 -2.20 43.43
C PHE B 229 12.94 -1.94 43.57
N PRO B 230 12.19 -1.98 42.46
CA PRO B 230 10.73 -1.92 42.55
C PRO B 230 10.18 -3.06 43.40
N ALA B 231 9.02 -2.82 43.99
CA ALA B 231 8.39 -3.80 44.87
C ALA B 231 8.27 -5.15 44.18
N LEU B 232 8.51 -6.21 44.94
CA LEU B 232 8.51 -7.56 44.40
C LEU B 232 7.15 -7.94 43.84
N ALA B 233 7.14 -8.43 42.60
CA ALA B 233 5.92 -8.83 41.91
C ALA B 233 6.28 -9.79 40.80
N GLU B 234 5.26 -10.50 40.32
CA GLU B 234 5.38 -11.42 39.18
C GLU B 234 6.46 -12.46 39.41
N THR B 235 6.36 -13.16 40.54
CA THR B 235 7.35 -14.14 40.94
C THR B 235 6.74 -15.10 41.95
N GLU B 236 7.31 -16.30 42.04
CA GLU B 236 6.92 -17.22 43.09
C GLU B 236 7.70 -16.96 44.37
N ALA B 237 8.74 -16.14 44.30
CA ALA B 237 9.55 -15.81 45.45
C ALA B 237 8.80 -14.90 46.40
N THR B 238 8.99 -15.10 47.70
CA THR B 238 8.43 -14.17 48.68
C THR B 238 9.47 -13.13 49.07
N THR B 239 10.75 -13.49 49.00
CA THR B 239 11.86 -12.57 49.22
C THR B 239 12.84 -12.85 48.09
N ALA B 240 13.23 -11.82 47.33
CA ALA B 240 14.17 -12.01 46.23
C ALA B 240 15.47 -11.25 46.40
N THR B 241 15.44 -10.09 47.06
CA THR B 241 16.57 -9.17 47.23
C THR B 241 16.99 -8.54 45.91
N GLY B 242 17.31 -9.34 44.90
CA GLY B 242 17.70 -8.86 43.59
C GLY B 242 16.58 -8.86 42.56
N ARG B 243 16.95 -8.48 41.33
CA ARG B 243 16.04 -8.43 40.19
C ARG B 243 16.80 -8.82 38.94
N ILE B 244 16.10 -9.40 37.97
CA ILE B 244 16.68 -9.74 36.67
C ILE B 244 16.27 -8.69 35.64
N TYR B 245 17.25 -8.21 34.87
CA TYR B 245 17.03 -7.32 33.73
C TYR B 245 17.19 -8.15 32.47
N LEU B 246 16.14 -8.24 31.63
CA LEU B 246 16.23 -9.02 30.39
C LEU B 246 16.15 -8.20 29.12
N ARG B 247 16.77 -8.76 28.09
CA ARG B 247 16.75 -8.28 26.72
C ARG B 247 16.37 -9.43 25.81
N MET B 248 15.44 -9.16 24.90
CA MET B 248 14.97 -10.09 23.88
C MET B 248 15.65 -9.76 22.57
N GLU B 249 16.21 -10.77 21.91
CA GLU B 249 16.92 -10.61 20.65
C GLU B 249 16.32 -11.53 19.61
N VAL B 250 16.24 -11.06 18.36
CA VAL B 250 15.67 -11.83 17.27
C VAL B 250 16.67 -11.85 16.12
N LEU B 251 16.97 -13.05 15.62
CA LEU B 251 17.87 -13.26 14.48
C LEU B 251 17.16 -14.04 13.38
N GLU B 252 17.42 -13.67 12.13
CA GLU B 252 16.94 -14.40 10.97
C GLU B 252 18.13 -15.12 10.33
N SER B 253 17.85 -15.91 9.30
CA SER B 253 18.90 -16.70 8.67
C SER B 253 20.02 -15.81 8.16
N GLY B 254 21.26 -16.20 8.42
CA GLY B 254 22.40 -15.45 7.96
C GLY B 254 22.83 -14.33 8.86
N GLN B 255 22.09 -14.04 9.94
CA GLN B 255 22.38 -12.93 10.83
C GLN B 255 23.18 -13.38 12.04
N ARG B 256 23.85 -12.40 12.66
CA ARG B 256 24.65 -12.59 13.86
C ARG B 256 24.36 -11.44 14.82
N GLY B 257 24.67 -11.66 16.10
CA GLY B 257 24.65 -10.59 17.07
C GLY B 257 25.79 -10.76 18.06
N THR B 258 26.18 -9.63 18.65
CA THR B 258 27.28 -9.59 19.61
C THR B 258 26.75 -9.15 20.98
N ILE B 259 27.20 -9.83 22.04
CA ILE B 259 26.86 -9.42 23.41
C ILE B 259 28.19 -9.19 24.16
N GLN B 260 28.47 -7.93 24.46
CA GLN B 260 29.55 -7.54 25.36
C GLN B 260 29.01 -7.45 26.78
N TYR B 261 29.68 -8.10 27.74
CA TYR B 261 29.13 -8.21 29.08
C TYR B 261 30.22 -8.20 30.14
N GLN B 262 29.95 -7.53 31.26
CA GLN B 262 30.83 -7.56 32.43
C GLN B 262 30.29 -8.58 33.42
N ARG B 263 30.59 -8.45 34.71
CA ARG B 263 30.09 -9.40 35.70
C ARG B 263 28.60 -9.23 35.90
N GLY B 264 27.95 -10.31 36.30
CA GLY B 264 26.52 -10.35 36.51
C GLY B 264 25.72 -10.80 35.31
N PHE B 265 26.40 -11.19 34.23
CA PHE B 265 25.72 -11.53 32.99
C PHE B 265 25.02 -12.87 33.12
N MET B 266 23.78 -12.92 32.65
CA MET B 266 23.00 -14.16 32.60
C MET B 266 22.83 -14.47 31.12
N GLY B 267 23.30 -15.65 30.70
CA GLY B 267 23.38 -15.96 29.30
C GLY B 267 22.23 -16.74 28.70
N PRO B 268 22.15 -16.77 27.36
CA PRO B 268 21.12 -17.58 26.71
C PRO B 268 21.31 -19.05 27.07
N GLY B 269 20.21 -19.73 27.40
CA GLY B 269 20.24 -21.11 27.78
C GLY B 269 19.56 -22.02 26.79
N LYS B 270 18.63 -21.44 26.03
CA LYS B 270 17.83 -22.17 25.08
C LYS B 270 17.12 -21.08 24.28
N PHE B 271 16.56 -21.45 23.14
CA PHE B 271 15.88 -20.46 22.31
C PHE B 271 14.71 -21.05 21.56
N TRP B 272 13.87 -20.13 21.08
CA TRP B 272 12.69 -20.50 20.31
C TRP B 272 13.00 -20.39 18.82
N CYS B 273 12.49 -21.33 18.04
CA CYS B 273 12.52 -21.29 16.59
C CYS B 273 11.08 -21.17 16.12
N LEU B 274 10.79 -20.10 15.38
CA LEU B 274 9.43 -19.77 14.96
C LEU B 274 9.37 -19.85 13.44
N SER B 275 8.41 -20.61 12.92
CA SER B 275 8.29 -20.90 11.50
C SER B 275 7.19 -20.01 10.89
N GLU B 276 6.28 -20.52 10.06
CA GLU B 276 5.29 -19.78 9.29
C GLU B 276 4.48 -18.74 10.09
N PRO B 277 4.48 -17.47 9.67
CA PRO B 277 3.67 -16.44 10.35
C PRO B 277 2.17 -16.69 10.22
N ILE B 278 1.41 -16.27 11.24
CA ILE B 278 -0.05 -16.36 11.19
C ILE B 278 -0.70 -15.02 11.55
N PRO B 279 -1.90 -14.73 11.05
CA PRO B 279 -2.62 -13.51 11.48
C PRO B 279 -2.93 -13.49 12.97
N VAL B 280 -2.84 -12.30 13.56
CA VAL B 280 -3.14 -12.10 14.98
C VAL B 280 -4.08 -10.91 15.12
N VAL B 281 -5.12 -11.07 15.96
CA VAL B 281 -6.07 -10.02 16.30
C VAL B 281 -6.09 -9.83 17.80
N LYS B 282 -6.49 -8.63 18.24
CA LYS B 282 -6.72 -8.41 19.66
C LYS B 282 -8.13 -8.87 20.02
N GLY B 283 -8.30 -9.37 21.23
CA GLY B 283 -9.61 -9.79 21.65
C GLY B 283 -9.58 -10.63 22.91
N ALA B 284 -10.77 -11.04 23.31
CA ALA B 284 -10.98 -11.87 24.48
C ALA B 284 -10.55 -13.31 24.21
N VAL B 285 -10.29 -14.05 25.29
CA VAL B 285 -9.95 -15.45 25.13
C VAL B 285 -11.13 -16.18 24.49
N LYS B 286 -10.87 -17.38 24.00
CA LYS B 286 -11.91 -18.12 23.30
C LYS B 286 -12.98 -18.64 24.25
N THR B 287 -14.20 -18.68 23.74
CA THR B 287 -15.32 -19.30 24.43
C THR B 287 -15.24 -20.80 24.13
N ASN B 288 -15.44 -21.61 25.14
CA ASN B 288 -15.31 -23.05 24.95
C ASN B 288 -16.48 -23.55 24.10
N GLY B 289 -16.15 -24.08 22.92
CA GLY B 289 -17.11 -24.58 21.98
C GLY B 289 -17.57 -23.61 20.91
N ALA B 290 -17.12 -22.36 20.93
CA ALA B 290 -17.54 -21.41 19.91
C ALA B 290 -16.75 -21.60 18.62
N VAL B 291 -17.47 -21.57 17.49
CA VAL B 291 -16.88 -21.66 16.16
C VAL B 291 -17.55 -20.60 15.29
N SER B 292 -16.76 -19.89 14.50
CA SER B 292 -17.27 -18.87 13.58
C SER B 292 -16.47 -18.93 12.29
N ASP B 293 -16.90 -18.16 11.30
CA ASP B 293 -16.18 -18.08 10.05
C ASP B 293 -15.03 -17.08 10.11
N CYS B 294 -15.21 -15.99 10.87
CA CYS B 294 -14.27 -14.89 10.94
C CYS B 294 -14.13 -14.33 12.34
N LEU B 295 -12.90 -14.01 12.75
CA LEU B 295 -12.63 -13.27 13.99
C LEU B 295 -12.35 -11.82 13.62
N HIS B 296 -13.17 -10.91 14.12
CA HIS B 296 -13.05 -9.47 13.87
C HIS B 296 -12.57 -8.85 15.19
N GLU B 297 -11.87 -7.71 15.14
CA GLU B 297 -11.46 -7.04 16.38
C GLU B 297 -12.60 -6.35 17.13
N VAL B 298 -13.62 -5.87 16.44
CA VAL B 298 -14.73 -5.17 17.09
C VAL B 298 -15.83 -6.17 17.43
N TYR B 299 -16.14 -7.03 16.48
CA TYR B 299 -17.15 -8.06 16.63
C TYR B 299 -16.36 -9.31 16.94
N GLY B 300 -16.92 -10.22 17.73
CA GLY B 300 -16.15 -11.43 18.00
C GLY B 300 -16.27 -12.36 16.83
N GLY B 301 -16.65 -13.63 17.03
CA GLY B 301 -16.81 -14.49 15.88
C GLY B 301 -18.03 -14.00 15.11
N ILE B 302 -17.90 -13.94 13.79
CA ILE B 302 -18.99 -13.52 12.92
C ILE B 302 -19.14 -14.50 11.76
N SER B 303 -20.33 -14.46 11.17
CA SER B 303 -20.67 -15.19 9.97
C SER B 303 -20.47 -14.27 8.77
N LYS B 304 -20.50 -14.86 7.57
CA LYS B 304 -20.37 -14.12 6.31
C LYS B 304 -21.59 -14.40 5.45
N PRO B 305 -22.77 -13.89 5.83
CA PRO B 305 -23.97 -14.13 5.03
C PRO B 305 -23.93 -13.45 3.68
N THR B 306 -23.13 -12.39 3.53
CA THR B 306 -22.93 -11.67 2.29
C THR B 306 -21.44 -11.38 2.22
N PRO B 307 -20.90 -11.09 1.03
CA PRO B 307 -19.46 -10.79 0.95
C PRO B 307 -19.02 -9.49 1.57
N PHE B 308 -19.92 -8.53 1.82
CA PHE B 308 -19.52 -7.22 2.32
C PHE B 308 -20.32 -6.90 3.57
N TYR B 309 -19.76 -6.01 4.41
CA TYR B 309 -20.46 -5.56 5.61
C TYR B 309 -20.34 -4.04 5.73
N THR B 310 -21.31 -3.47 6.46
CA THR B 310 -21.38 -2.03 6.74
C THR B 310 -21.43 -1.84 8.25
N GLY B 311 -20.28 -1.58 8.86
CA GLY B 311 -20.16 -1.49 10.30
C GLY B 311 -18.82 -0.89 10.68
N ASN B 312 -18.33 -1.20 11.87
CA ASN B 312 -17.07 -0.60 12.31
C ASN B 312 -15.92 -1.36 11.66
N ARG B 313 -14.95 -0.62 11.15
CA ARG B 313 -13.77 -1.22 10.56
C ARG B 313 -12.82 -1.73 11.63
N GLY B 314 -12.11 -2.80 11.31
CA GLY B 314 -11.10 -3.35 12.18
C GLY B 314 -10.42 -4.49 11.46
N LYS B 315 -9.43 -5.07 12.14
CA LYS B 315 -8.74 -6.18 11.49
C LYS B 315 -9.62 -7.41 11.57
N SER B 316 -9.40 -8.34 10.65
CA SER B 316 -10.15 -9.59 10.72
C SER B 316 -9.32 -10.71 10.13
N VAL B 317 -9.59 -11.92 10.63
CA VAL B 317 -8.89 -13.14 10.22
C VAL B 317 -9.90 -14.23 9.86
N GLY B 318 -9.68 -14.88 8.73
CA GLY B 318 -10.52 -15.97 8.25
C GLY B 318 -11.37 -15.57 7.06
N ASN B 319 -12.47 -16.29 6.89
CA ASN B 319 -13.35 -16.10 5.73
C ASN B 319 -14.26 -14.93 6.10
N CYS B 320 -13.70 -13.76 6.00
CA CYS B 320 -14.30 -12.54 6.48
C CYS B 320 -14.97 -11.74 5.36
N PRO B 321 -16.03 -11.00 5.64
CA PRO B 321 -16.54 -10.03 4.67
C PRO B 321 -15.63 -8.81 4.64
N LYS B 322 -15.65 -8.10 3.52
CA LYS B 322 -14.89 -6.85 3.41
C LYS B 322 -15.75 -5.65 3.75
N TRP B 323 -15.12 -4.66 4.38
CA TRP B 323 -15.80 -3.43 4.73
C TRP B 323 -16.07 -2.55 3.50
N VAL B 324 -17.29 -2.02 3.43
CA VAL B 324 -17.71 -1.05 2.44
C VAL B 324 -18.36 0.12 3.19
N ARG B 325 -18.49 1.25 2.51
CA ARG B 325 -19.02 2.44 3.18
C ARG B 325 -20.54 2.53 3.22
N LYS B 326 -21.22 2.01 2.21
CA LYS B 326 -22.66 2.12 2.09
C LYS B 326 -23.32 0.81 1.70
N PRO B 327 -24.63 0.66 1.96
CA PRO B 327 -25.36 -0.51 1.45
C PRO B 327 -25.23 -0.63 -0.06
N LEU B 328 -25.03 -1.86 -0.54
CA LEU B 328 -24.85 -2.15 -1.95
C LEU B 328 -25.90 -3.16 -2.38
N LEU B 329 -26.71 -2.80 -3.38
CA LEU B 329 -27.75 -3.66 -3.93
C LEU B 329 -27.38 -4.08 -5.35
N VAL B 330 -27.75 -5.31 -5.70
CA VAL B 330 -27.51 -5.87 -7.04
C VAL B 330 -28.83 -6.26 -7.68
N VAL B 331 -28.99 -5.89 -8.95
CA VAL B 331 -30.23 -6.15 -9.68
C VAL B 331 -30.45 -7.64 -9.81
N ASN B 332 -31.65 -8.10 -9.46
CA ASN B 332 -32.02 -9.49 -9.63
C ASN B 332 -33.46 -9.53 -10.12
N GLY B 333 -33.72 -8.79 -11.20
CA GLY B 333 -35.05 -8.66 -11.76
C GLY B 333 -35.04 -7.67 -12.90
N THR B 334 -36.23 -7.43 -13.44
CA THR B 334 -36.44 -6.51 -14.55
C THR B 334 -36.62 -5.09 -14.03
N LYS B 335 -36.53 -4.12 -14.94
CA LYS B 335 -36.80 -2.74 -14.56
C LYS B 335 -38.27 -2.56 -14.22
N ALA B 336 -38.53 -1.82 -13.14
CA ALA B 336 -39.91 -1.59 -12.72
C ALA B 336 -40.60 -0.66 -13.71
N ARG B 337 -41.89 -0.88 -13.89
CA ARG B 337 -42.70 -0.03 -14.75
C ARG B 337 -42.93 1.33 -14.09
N ASP C 2 -39.28 9.16 -50.94
CA ASP C 2 -38.04 9.85 -50.57
C ASP C 2 -37.21 8.91 -49.70
N LYS C 3 -36.01 9.34 -49.28
CA LYS C 3 -35.11 8.54 -48.45
C LYS C 3 -34.93 9.23 -47.10
N ILE C 4 -35.43 8.60 -46.04
CA ILE C 4 -35.39 9.14 -44.69
C ILE C 4 -34.36 8.35 -43.92
N CYS C 5 -33.31 9.03 -43.44
CA CYS C 5 -32.20 8.40 -42.74
C CYS C 5 -32.11 8.87 -41.30
N ALA C 6 -31.68 7.95 -40.44
CA ALA C 6 -31.33 8.23 -39.05
C ALA C 6 -29.83 8.06 -38.89
N GLY C 7 -29.22 8.93 -38.08
CA GLY C 7 -27.79 8.84 -37.87
C GLY C 7 -27.33 10.00 -37.03
N VAL C 8 -26.04 10.33 -37.17
CA VAL C 8 -25.43 11.45 -36.48
C VAL C 8 -24.81 12.32 -37.54
N ALA C 9 -24.61 13.59 -37.19
CA ALA C 9 -24.03 14.56 -38.10
C ALA C 9 -22.53 14.67 -37.94
N SER C 10 -21.88 15.00 -39.05
CA SER C 10 -20.45 15.23 -39.07
C SER C 10 -20.12 16.67 -38.68
N GLY C 11 -18.83 16.89 -38.47
CA GLY C 11 -18.27 18.20 -38.20
C GLY C 11 -16.77 18.03 -38.23
N LYS C 12 -16.07 19.13 -38.06
CA LYS C 12 -14.61 19.05 -38.11
C LYS C 12 -14.10 18.50 -36.79
N GLY C 13 -13.06 17.67 -36.86
CA GLY C 13 -12.47 17.16 -35.64
C GLY C 13 -11.65 18.24 -34.95
N THR C 14 -11.70 18.22 -33.62
CA THR C 14 -10.91 19.15 -32.81
C THR C 14 -10.04 18.46 -31.79
N HIS C 15 -10.35 17.23 -31.37
CA HIS C 15 -9.57 16.55 -30.36
C HIS C 15 -9.42 15.11 -30.80
N ARG C 16 -8.37 14.44 -30.33
CA ARG C 16 -8.22 13.02 -30.56
C ARG C 16 -8.19 12.37 -29.17
N VAL C 17 -8.97 11.31 -29.01
CA VAL C 17 -9.12 10.60 -27.74
C VAL C 17 -8.56 9.19 -27.86
N GLU C 18 -7.79 8.78 -26.86
CA GLU C 18 -7.23 7.45 -26.85
C GLU C 18 -8.30 6.48 -26.37
N THR C 19 -8.40 5.33 -27.04
CA THR C 19 -9.36 4.29 -26.67
C THR C 19 -8.66 2.95 -26.47
N ILE C 20 -9.44 1.99 -25.98
CA ILE C 20 -8.90 0.65 -25.70
C ILE C 20 -8.58 -0.09 -27.00
N THR C 21 -9.54 -0.10 -27.95
CA THR C 21 -9.36 -0.80 -29.23
C THR C 21 -9.51 0.02 -30.50
N LYS C 22 -9.88 1.30 -30.42
CA LYS C 22 -10.15 2.08 -31.64
C LYS C 22 -8.97 2.99 -31.98
N GLY C 23 -7.89 2.95 -31.18
CA GLY C 23 -6.76 3.82 -31.36
C GLY C 23 -7.13 5.23 -30.91
N GLU C 24 -6.54 6.22 -31.57
CA GLU C 24 -6.80 7.61 -31.24
C GLU C 24 -7.88 8.10 -32.19
N VAL C 25 -9.10 8.21 -31.66
CA VAL C 25 -10.29 8.52 -32.43
C VAL C 25 -10.44 10.03 -32.49
N LEU C 26 -10.62 10.56 -33.70
CA LEU C 26 -10.81 11.99 -33.86
C LEU C 26 -12.27 12.33 -33.57
N VAL C 27 -12.47 13.30 -32.67
CA VAL C 27 -13.80 13.72 -32.24
C VAL C 27 -13.91 15.23 -32.42
N THR C 28 -15.18 15.67 -32.48
CA THR C 28 -15.50 17.08 -32.68
C THR C 28 -15.38 17.91 -31.41
N ASN C 29 -15.42 17.28 -30.23
CA ASN C 29 -15.22 18.01 -28.99
C ASN C 29 -14.75 17.04 -27.94
N ALA C 30 -14.07 17.57 -26.92
CA ALA C 30 -13.61 16.77 -25.81
C ALA C 30 -13.43 17.67 -24.60
N ILE C 31 -13.52 17.05 -23.43
CA ILE C 31 -13.32 17.69 -22.15
C ILE C 31 -11.92 17.36 -21.67
N ASN C 32 -11.17 18.37 -21.26
CA ASN C 32 -9.84 18.19 -20.71
C ASN C 32 -9.95 17.94 -19.22
N MET C 33 -9.58 16.73 -18.80
CA MET C 33 -9.72 16.28 -17.43
C MET C 33 -8.51 16.65 -16.57
N THR C 34 -7.47 17.22 -17.18
CA THR C 34 -6.24 17.59 -16.48
C THR C 34 -5.99 19.08 -16.62
N HIS C 35 -5.25 19.62 -15.66
CA HIS C 35 -4.82 21.01 -15.68
C HIS C 35 -3.42 21.06 -15.08
N THR C 36 -2.72 22.16 -15.35
CA THR C 36 -1.42 22.38 -14.73
C THR C 36 -1.63 23.30 -13.54
N PRO C 37 -1.33 22.89 -12.30
CA PRO C 37 -1.58 23.78 -11.17
C PRO C 37 -0.73 25.04 -11.23
N THR C 38 -1.29 26.12 -10.69
CA THR C 38 -0.62 27.40 -10.57
C THR C 38 -0.38 27.66 -9.08
N SER C 39 0.86 27.96 -8.72
CA SER C 39 1.18 28.15 -7.31
C SER C 39 0.45 29.37 -6.75
N GLY C 40 -0.10 29.20 -5.55
CA GLY C 40 -0.75 30.27 -4.82
C GLY C 40 -0.18 30.38 -3.42
N PRO C 41 -0.74 31.29 -2.63
CA PRO C 41 -0.30 31.43 -1.23
C PRO C 41 -0.91 30.31 -0.39
N PHE C 42 -0.29 30.06 0.77
CA PHE C 42 -0.90 29.16 1.74
C PHE C 42 -1.98 29.89 2.51
N GLY C 43 -3.03 29.16 2.84
CA GLY C 43 -4.15 29.71 3.55
C GLY C 43 -5.05 28.61 4.04
N ASP C 44 -6.32 28.96 4.29
CA ASP C 44 -7.25 27.98 4.82
C ASP C 44 -7.83 27.17 3.67
N LEU C 45 -8.69 26.19 3.98
CA LEU C 45 -9.21 25.25 2.98
C LEU C 45 -10.72 25.34 2.74
N LYS C 46 -11.38 26.44 3.11
CA LYS C 46 -12.83 26.63 2.94
C LYS C 46 -13.65 25.81 3.93
N THR C 47 -13.27 24.55 4.15
CA THR C 47 -13.95 23.63 5.03
C THR C 47 -13.50 23.78 6.49
N GLY C 48 -12.48 24.56 6.77
CA GLY C 48 -12.04 24.72 8.14
C GLY C 48 -10.66 25.31 8.25
N ASN C 49 -10.29 25.53 9.52
CA ASN C 49 -9.01 26.12 9.92
C ASN C 49 -7.81 25.23 9.67
N VAL C 50 -6.76 25.82 9.10
CA VAL C 50 -5.45 25.21 8.95
C VAL C 50 -4.63 25.80 10.09
N ARG C 51 -4.06 24.93 10.93
CA ARG C 51 -3.47 25.40 12.20
C ARG C 51 -2.36 26.42 12.02
N ASP C 52 -1.42 26.19 11.10
CA ASP C 52 -0.26 27.08 10.99
C ASP C 52 0.37 27.18 12.39
N LYS C 53 0.43 28.38 12.97
CA LYS C 53 1.01 28.58 14.29
C LYS C 53 0.13 27.90 15.35
N LEU C 54 0.77 27.28 16.35
CA LEU C 54 0.02 26.54 17.36
C LEU C 54 -0.91 27.44 18.17
N CYS C 55 -0.47 28.66 18.50
CA CYS C 55 -1.25 29.57 19.33
C CYS C 55 -1.21 30.96 18.70
N PRO C 56 -2.04 31.20 17.68
CA PRO C 56 -1.93 32.45 16.91
C PRO C 56 -2.28 33.71 17.67
N THR C 57 -2.96 33.61 18.82
CA THR C 57 -3.38 34.78 19.59
C THR C 57 -2.43 35.15 20.71
N CYS C 58 -1.36 34.39 20.91
CA CYS C 58 -0.37 34.64 21.96
C CYS C 58 0.90 35.16 21.28
N THR C 59 1.08 36.47 21.27
CA THR C 59 2.20 37.04 20.55
C THR C 59 3.47 36.95 21.41
N GLY C 60 4.61 37.04 20.73
CA GLY C 60 5.90 37.02 21.40
C GLY C 60 6.43 35.64 21.70
N CYS C 61 5.68 34.59 21.38
CA CYS C 61 6.05 33.20 21.67
C CYS C 61 6.19 32.42 20.37
N THR C 62 7.05 31.41 20.41
CA THR C 62 7.23 30.47 19.33
C THR C 62 6.43 29.21 19.63
N ASP C 63 6.35 28.31 18.65
CA ASP C 63 5.62 27.06 18.87
C ASP C 63 6.34 26.18 19.89
N MET C 64 7.67 26.29 19.98
CA MET C 64 8.39 25.52 20.98
C MET C 64 8.05 26.03 22.38
N ASP C 65 7.78 27.33 22.52
CA ASP C 65 7.49 27.85 23.85
C ASP C 65 6.10 27.45 24.28
N VAL C 66 5.18 27.35 23.32
CA VAL C 66 3.82 26.89 23.62
C VAL C 66 3.85 25.42 24.00
N ALA C 67 4.58 24.61 23.21
CA ALA C 67 4.66 23.18 23.47
C ALA C 67 5.31 22.87 24.81
N LEU C 68 6.23 23.72 25.27
CA LEU C 68 6.90 23.54 26.55
C LEU C 68 6.14 24.18 27.71
N MET C 69 4.96 24.74 27.45
CA MET C 69 4.11 25.36 28.46
C MET C 69 4.86 26.46 29.21
N THR C 70 5.53 27.33 28.46
CA THR C 70 6.23 28.47 29.01
C THR C 70 5.25 29.32 29.83
N PRO C 71 5.67 29.87 30.99
CA PRO C 71 4.75 30.67 31.81
C PRO C 71 3.94 31.75 31.09
N THR C 72 4.51 32.42 30.08
CA THR C 72 3.82 33.49 29.36
C THR C 72 3.23 33.05 28.03
N CYS C 73 3.31 31.78 27.67
CA CYS C 73 2.85 31.27 26.38
C CYS C 73 1.66 30.34 26.53
N ASN C 74 1.02 30.32 27.71
CA ASN C 74 -0.10 29.44 28.04
C ASN C 74 -1.43 29.99 27.53
N GLY C 75 -1.59 29.99 26.21
CA GLY C 75 -2.78 30.50 25.57
C GLY C 75 -3.74 29.42 25.11
N VAL C 76 -4.58 29.78 24.14
CA VAL C 76 -5.62 28.91 23.58
C VAL C 76 -5.12 28.38 22.24
N ILE C 77 -5.25 27.06 22.04
CA ILE C 77 -4.86 26.44 20.78
C ILE C 77 -6.13 26.15 19.99
N PRO C 78 -6.36 26.82 18.85
CA PRO C 78 -7.56 26.52 18.06
C PRO C 78 -7.53 25.13 17.47
N GLU C 79 -8.72 24.59 17.20
CA GLU C 79 -8.80 23.32 16.51
C GLU C 79 -8.58 23.58 15.01
N ALA C 80 -8.06 22.58 14.32
CA ALA C 80 -7.80 22.68 12.90
C ALA C 80 -8.07 21.35 12.21
N ILE C 81 -8.36 21.45 10.90
CA ILE C 81 -8.60 20.29 10.07
C ILE C 81 -7.35 19.88 9.31
N ALA C 82 -6.33 20.74 9.26
CA ALA C 82 -5.07 20.50 8.59
C ALA C 82 -4.05 21.40 9.28
N ALA C 83 -2.77 21.13 9.04
CA ALA C 83 -1.71 21.97 9.60
C ALA C 83 -0.59 22.07 8.60
N ILE C 84 0.23 23.11 8.77
CA ILE C 84 1.38 23.38 7.94
C ILE C 84 2.61 23.34 8.82
N GLN C 85 3.63 22.60 8.38
CA GLN C 85 4.91 22.54 9.08
C GLN C 85 5.80 23.63 8.49
N HIS C 86 5.80 24.79 9.13
CA HIS C 86 6.56 25.94 8.66
C HIS C 86 7.95 26.02 9.27
N GLU C 87 8.24 25.21 10.29
CA GLU C 87 9.55 25.16 10.93
C GLU C 87 10.05 23.73 10.96
N ASN C 88 11.24 23.51 10.43
CA ASN C 88 11.83 22.19 10.44
C ASN C 88 12.61 21.94 11.72
N ARG C 89 13.08 23.01 12.36
CA ARG C 89 13.77 22.98 13.63
C ARG C 89 13.15 24.07 14.49
N PRO C 90 11.94 23.86 15.03
CA PRO C 90 11.30 24.91 15.84
C PRO C 90 12.22 25.31 16.98
N LEU C 91 12.31 26.63 17.22
CA LEU C 91 13.19 27.16 18.24
C LEU C 91 12.44 27.66 19.46
N GLN C 92 13.16 27.62 20.58
CA GLN C 92 12.73 28.15 21.86
C GLN C 92 13.28 29.55 21.99
N SER C 93 12.50 30.45 22.61
CA SER C 93 12.94 31.81 22.86
C SER C 93 12.78 32.24 24.31
N LYS C 94 12.04 31.49 25.11
CA LYS C 94 11.75 31.81 26.50
C LYS C 94 12.33 30.74 27.41
N CYS C 95 12.42 31.07 28.70
CA CYS C 95 12.92 30.17 29.75
C CYS C 95 14.37 29.68 29.64
N ASN C 96 14.73 28.77 30.55
CA ASN C 96 16.05 28.18 30.64
C ASN C 96 16.46 27.45 29.35
N PRO C 97 17.74 27.53 28.95
CA PRO C 97 18.17 26.91 27.71
C PRO C 97 18.02 25.39 27.77
N ILE C 98 17.54 24.82 26.67
CA ILE C 98 17.36 23.39 26.52
C ILE C 98 18.15 22.96 25.29
N LEU C 99 18.88 21.87 25.43
CA LEU C 99 19.70 21.31 24.35
C LEU C 99 18.83 20.41 23.48
N HIS C 100 18.02 21.07 22.64
CA HIS C 100 17.01 20.37 21.86
C HIS C 100 17.62 19.51 20.77
N ASP C 101 18.86 19.79 20.36
CA ASP C 101 19.55 19.03 19.33
C ASP C 101 20.37 17.88 19.89
N LEU C 102 20.25 17.61 21.20
CA LEU C 102 20.92 16.50 21.87
C LEU C 102 19.89 15.51 22.40
N GLY C 103 18.72 15.50 21.78
CA GLY C 103 17.63 14.63 22.19
C GLY C 103 16.60 14.61 21.09
N ASN C 104 15.38 14.19 21.43
CA ASN C 104 14.32 14.07 20.43
C ASN C 104 13.21 15.09 20.63
N THR C 105 13.48 16.17 21.36
CA THR C 105 12.46 17.16 21.68
C THR C 105 12.42 18.33 20.70
N ARG C 106 13.34 18.38 19.74
CA ARG C 106 13.32 19.48 18.77
C ARG C 106 12.05 19.48 17.94
N GLN C 107 11.45 18.30 17.72
CA GLN C 107 10.27 18.18 16.89
C GLN C 107 8.96 18.16 17.69
N LEU C 108 9.00 18.41 19.00
CA LEU C 108 7.77 18.41 19.80
C LEU C 108 6.68 19.28 19.19
N PRO C 109 6.93 20.53 18.78
CA PRO C 109 5.87 21.32 18.17
C PRO C 109 5.33 20.73 16.88
N ASN C 110 6.09 19.84 16.24
CA ASN C 110 5.68 19.23 14.99
C ASN C 110 4.96 17.90 15.24
N LEU C 111 4.73 17.55 16.50
CA LEU C 111 3.94 16.39 16.90
C LEU C 111 2.57 16.88 17.33
N LEU C 112 2.55 17.94 18.13
CA LEU C 112 1.29 18.47 18.64
C LEU C 112 0.42 18.92 17.48
N ARG C 113 1.02 19.56 16.47
CA ARG C 113 0.24 20.09 15.38
C ARG C 113 -0.41 19.02 14.51
N LYS C 114 -0.03 17.74 14.62
CA LYS C 114 -0.60 16.78 13.68
C LYS C 114 -1.95 16.25 14.14
N TYR C 115 -2.46 16.73 15.27
CA TYR C 115 -3.76 16.34 15.80
C TYR C 115 -4.73 17.51 15.79
N LYS C 116 -6.01 17.18 15.61
CA LYS C 116 -7.08 18.17 15.57
C LYS C 116 -7.23 18.93 16.88
N LYS C 117 -7.22 18.22 18.00
CA LYS C 117 -7.43 18.81 19.32
C LYS C 117 -6.19 18.61 20.16
N ILE C 118 -5.62 19.72 20.63
CA ILE C 118 -4.42 19.73 21.44
C ILE C 118 -4.91 20.27 22.77
N ARG C 119 -4.89 19.44 23.82
CA ARG C 119 -5.42 19.83 25.12
C ARG C 119 -4.35 19.73 26.19
N LYS C 120 -4.24 20.77 27.00
CA LYS C 120 -3.37 20.73 28.16
C LYS C 120 -4.14 20.00 29.24
N SER C 121 -3.52 19.00 29.86
CA SER C 121 -4.18 18.22 30.90
C SER C 121 -3.76 18.70 32.27
N SER C 122 -4.74 19.19 33.05
CA SER C 122 -4.44 19.69 34.37
C SER C 122 -3.94 18.54 35.25
N GLY C 123 -2.93 18.82 36.04
CA GLY C 123 -2.37 17.81 36.93
C GLY C 123 -1.01 17.32 36.47
N ILE C 124 -0.18 17.00 37.44
CA ILE C 124 1.17 16.51 37.20
C ILE C 124 1.07 15.05 36.79
N ALA C 125 1.82 14.67 35.74
CA ALA C 125 1.78 13.29 35.26
C ALA C 125 2.16 12.29 36.34
N PHE C 126 3.08 12.67 37.23
CA PHE C 126 3.49 11.87 38.37
C PHE C 126 3.52 12.80 39.58
N PRO C 127 2.62 12.65 40.56
CA PRO C 127 2.51 13.68 41.60
C PRO C 127 3.74 13.79 42.49
N LEU C 128 3.94 15.01 43.00
CA LEU C 128 5.11 15.29 43.83
C LEU C 128 5.13 14.43 45.09
N ALA C 129 3.96 14.13 45.65
CA ALA C 129 3.87 13.35 46.88
C ALA C 129 4.36 11.91 46.71
N SER C 130 4.49 11.41 45.48
CA SER C 130 4.87 10.03 45.21
C SER C 130 6.36 9.83 44.97
N TYR C 131 7.19 10.87 45.08
CA TYR C 131 8.62 10.69 44.86
C TYR C 131 9.29 10.15 46.13
N ALA C 132 10.36 9.38 45.92
CA ALA C 132 11.02 8.69 47.02
C ALA C 132 11.60 9.61 48.09
N ASP C 133 12.15 10.77 47.72
CA ASP C 133 12.69 11.70 48.73
C ASP C 133 11.55 12.64 49.09
N GLN C 134 10.78 12.25 50.12
CA GLN C 134 9.41 12.69 50.36
C GLN C 134 9.09 14.18 50.18
N PRO C 135 9.76 15.13 50.86
CA PRO C 135 9.31 16.54 50.69
C PRO C 135 9.81 17.18 49.39
N VAL C 136 9.34 16.69 48.25
CA VAL C 136 9.81 17.20 46.96
C VAL C 136 9.06 18.48 46.64
N ILE C 137 9.81 19.49 46.20
CA ILE C 137 9.27 20.77 45.77
C ILE C 137 9.79 21.05 44.36
N SER C 138 9.07 21.92 43.67
CA SER C 138 9.46 22.38 42.33
C SER C 138 9.98 23.80 42.50
N ASN C 139 11.23 24.01 42.13
CA ASN C 139 11.88 25.29 42.36
C ASN C 139 11.60 26.26 41.23
N PRO C 140 11.46 27.56 41.49
CA PRO C 140 11.39 28.52 40.40
C PRO C 140 12.75 28.61 39.75
N SER C 141 12.77 28.91 38.46
CA SER C 141 14.03 28.97 37.74
C SER C 141 14.76 30.29 37.96
N GLY C 142 14.08 31.40 37.75
CA GLY C 142 14.69 32.70 37.75
C GLY C 142 14.96 33.21 36.35
N ASN C 143 15.03 32.30 35.39
CA ASN C 143 15.17 32.62 33.97
C ASN C 143 13.88 32.28 33.24
N CYS C 144 12.76 32.16 33.98
CA CYS C 144 11.40 31.93 33.47
C CYS C 144 10.58 32.93 34.28
N ARG C 145 10.43 34.13 33.75
CA ARG C 145 9.65 35.12 34.46
C ARG C 145 8.24 34.98 33.91
N ASP C 146 7.23 35.25 34.74
CA ASP C 146 5.84 35.08 34.33
C ASP C 146 5.03 36.37 34.50
N GLY C 147 4.85 37.10 33.40
CA GLY C 147 3.97 38.25 33.40
C GLY C 147 4.47 39.48 34.14
N ASN C 148 4.55 39.35 35.46
CA ASN C 148 4.89 40.42 36.37
C ASN C 148 6.35 40.41 36.77
N GLY C 149 7.18 39.61 36.11
CA GLY C 149 8.57 39.52 36.46
C GLY C 149 8.84 38.53 37.56
N VAL C 150 7.83 37.81 38.01
CA VAL C 150 7.94 36.84 39.09
C VAL C 150 8.59 35.57 38.55
N GLU C 151 9.53 35.03 39.31
CA GLU C 151 10.24 33.83 38.89
C GLU C 151 9.23 32.69 38.79
N SER C 152 9.33 31.88 37.75
CA SER C 152 8.39 30.77 37.58
C SER C 152 9.13 29.54 37.05
N GLU C 153 8.35 28.62 36.48
CA GLU C 153 8.84 27.32 36.02
C GLU C 153 8.05 26.88 34.79
N PHE C 154 8.63 25.92 34.05
CA PHE C 154 7.92 25.37 32.91
C PHE C 154 6.67 24.65 33.39
N GLY C 155 5.55 24.87 32.71
CA GLY C 155 4.33 24.19 33.10
C GLY C 155 4.44 22.67 32.97
N SER C 156 5.19 22.20 31.97
CA SER C 156 5.33 20.78 31.69
C SER C 156 6.53 20.12 32.35
N LEU C 157 7.41 20.89 33.00
CA LEU C 157 8.67 20.35 33.49
C LEU C 157 8.98 20.92 34.87
N LEU C 158 9.20 20.04 35.84
CA LEU C 158 9.43 20.43 37.23
C LEU C 158 10.90 20.24 37.60
N TRP C 159 11.53 21.32 38.08
CA TRP C 159 12.92 21.26 38.52
C TRP C 159 12.82 20.79 39.97
N LEU C 160 13.10 19.50 40.21
CA LEU C 160 12.82 18.90 41.50
C LEU C 160 14.06 18.76 42.37
N THR C 161 13.88 19.07 43.65
CA THR C 161 14.87 18.86 44.71
C THR C 161 14.14 18.27 45.91
N GLY C 162 14.87 17.56 46.77
CA GLY C 162 14.26 16.97 47.95
C GLY C 162 14.89 17.41 49.26
N ASN C 163 14.96 16.50 50.23
CA ASN C 163 15.47 16.80 51.56
C ASN C 163 16.93 16.48 51.75
N THR C 164 17.56 15.78 50.81
CA THR C 164 18.95 15.34 50.95
C THR C 164 19.77 15.75 49.75
N LYS C 165 21.09 15.65 49.93
CA LYS C 165 22.08 15.87 48.89
C LYS C 165 23.08 14.73 48.95
N GLY C 166 23.68 14.43 47.81
CA GLY C 166 24.70 13.39 47.73
C GLY C 166 24.33 12.33 46.73
N ALA C 167 25.29 11.50 46.33
CA ALA C 167 25.00 10.46 45.36
C ALA C 167 24.03 9.45 45.92
N ILE C 168 23.17 8.93 45.03
CA ILE C 168 22.19 7.92 45.38
C ILE C 168 22.31 6.75 44.41
N THR C 169 21.72 5.62 44.81
CA THR C 169 21.68 4.46 43.93
C THR C 169 20.89 4.75 42.67
N GLY C 170 19.76 5.45 42.81
CA GLY C 170 18.87 5.77 41.72
C GLY C 170 17.47 5.44 42.18
N GLU C 171 16.49 6.12 41.59
CA GLU C 171 15.09 5.96 41.93
C GLU C 171 14.36 5.54 40.66
N THR C 172 13.23 4.85 40.82
CA THR C 172 12.44 4.38 39.70
C THR C 172 11.00 4.84 39.86
N ILE C 173 10.42 5.39 38.80
CA ILE C 173 9.01 5.78 38.80
C ILE C 173 8.35 5.17 37.58
N THR C 174 7.06 4.87 37.72
CA THR C 174 6.24 4.35 36.63
C THR C 174 5.17 5.36 36.30
N ILE C 175 5.05 5.71 35.01
CA ILE C 175 4.07 6.64 34.50
C ILE C 175 3.07 5.88 33.64
N THR C 176 1.78 6.01 33.97
CA THR C 176 0.71 5.35 33.23
C THR C 176 -0.01 6.40 32.39
N HIS C 177 -0.75 5.94 31.38
CA HIS C 177 -1.56 6.82 30.56
C HIS C 177 -2.63 7.50 31.41
N GLN C 178 -2.80 8.82 31.22
CA GLN C 178 -3.76 9.61 32.00
C GLN C 178 -4.61 10.55 31.13
N CYS C 179 -4.94 10.13 29.91
CA CYS C 179 -5.80 10.88 28.99
C CYS C 179 -7.03 10.00 28.73
N ASN C 180 -7.87 10.40 27.79
CA ASN C 180 -9.05 9.59 27.50
C ASN C 180 -8.65 8.41 26.62
N ASN C 181 -9.62 7.54 26.32
CA ASN C 181 -9.27 6.32 25.59
C ASN C 181 -8.82 6.59 24.16
N ASP C 182 -9.29 7.69 23.55
CA ASP C 182 -8.93 8.03 22.17
C ASP C 182 -7.86 9.11 22.10
N GLU C 183 -7.21 9.44 23.21
CA GLU C 183 -6.17 10.46 23.24
C GLU C 183 -4.81 9.82 23.46
N VAL C 184 -3.79 10.45 22.88
CA VAL C 184 -2.40 10.05 23.07
C VAL C 184 -1.77 11.09 23.98
N MET C 185 -0.99 10.62 24.95
CA MET C 185 -0.36 11.47 25.94
C MET C 185 1.08 11.76 25.55
N VAL C 186 1.46 13.04 25.61
CA VAL C 186 2.82 13.48 25.29
C VAL C 186 3.41 14.12 26.54
N LEU C 187 4.50 13.54 27.02
CA LEU C 187 5.23 13.90 28.22
C LEU C 187 6.56 14.52 27.86
N VAL C 188 7.04 15.41 28.73
CA VAL C 188 8.38 15.96 28.64
C VAL C 188 9.03 15.76 30.00
N TRP C 189 10.25 15.21 30.00
CA TRP C 189 11.01 15.04 31.24
C TRP C 189 12.46 15.30 30.88
N GLY C 190 13.30 15.47 31.89
CA GLY C 190 14.69 15.69 31.56
C GLY C 190 15.62 15.65 32.75
N ALA C 191 16.77 16.27 32.54
CA ALA C 191 17.84 16.35 33.52
C ALA C 191 18.51 17.71 33.48
N TRP C 192 18.89 18.20 34.65
CA TRP C 192 19.65 19.42 34.79
C TRP C 192 21.13 19.07 34.73
N ALA C 193 21.87 19.73 33.86
CA ALA C 193 23.30 19.58 33.78
C ALA C 193 23.89 20.94 34.13
N ASP C 194 24.98 20.93 34.87
CA ASP C 194 25.58 22.16 35.33
C ASP C 194 27.06 21.91 35.58
N LEU C 195 27.75 22.95 36.02
CA LEU C 195 29.16 22.80 36.33
C LEU C 195 29.24 21.88 37.55
N SER C 196 30.34 21.11 37.66
CA SER C 196 30.41 20.18 38.78
C SER C 196 30.36 20.90 40.12
N ALA C 197 30.85 22.14 40.18
CA ALA C 197 30.74 22.89 41.43
C ALA C 197 29.29 23.21 41.73
N THR C 198 28.51 23.47 40.67
CA THR C 198 27.13 23.86 40.86
C THR C 198 26.29 22.61 41.09
N MET C 199 26.63 21.51 40.42
CA MET C 199 25.90 20.28 40.66
C MET C 199 26.15 19.81 42.08
N ASN C 200 27.33 20.08 42.62
CA ASN C 200 27.62 19.71 44.00
C ASN C 200 26.85 20.61 44.96
N THR C 201 26.80 21.91 44.65
CA THR C 201 26.08 22.85 45.48
C THR C 201 24.59 22.54 45.54
N ILE C 202 23.98 22.17 44.42
CA ILE C 202 22.53 21.94 44.37
C ILE C 202 22.18 20.52 44.77
N TYR C 203 22.86 19.50 44.21
CA TYR C 203 22.50 18.11 44.42
C TYR C 203 23.50 17.31 45.23
N GLY C 204 24.68 17.85 45.54
CA GLY C 204 25.67 17.06 46.24
C GLY C 204 26.48 16.09 45.40
N VAL C 205 26.54 16.28 44.09
CA VAL C 205 27.27 15.39 43.20
C VAL C 205 28.16 16.23 42.27
N THR C 206 29.30 15.65 41.89
CA THR C 206 30.24 16.29 40.97
C THR C 206 30.40 15.57 39.65
N THR C 207 29.92 14.32 39.52
CA THR C 207 30.09 13.54 38.29
C THR C 207 28.78 13.47 37.51
N PRO C 208 28.85 13.07 36.24
CA PRO C 208 27.61 12.83 35.49
C PRO C 208 26.72 11.79 36.14
N GLN C 209 25.42 12.04 36.09
CA GLN C 209 24.43 11.13 36.67
C GLN C 209 23.77 10.39 35.51
N THR C 210 23.25 9.20 35.81
CA THR C 210 22.63 8.34 34.80
C THR C 210 21.11 8.45 34.82
N TYR C 211 20.52 8.66 33.65
CA TYR C 211 19.08 8.71 33.49
C TYR C 211 18.70 7.67 32.46
N VAL C 212 17.62 6.94 32.73
CA VAL C 212 17.15 5.85 31.86
C VAL C 212 15.63 5.97 31.77
N SER C 213 15.09 5.66 30.60
CA SER C 213 13.66 5.52 30.44
C SER C 213 13.39 4.35 29.51
N ASN C 214 12.19 3.77 29.68
CA ASN C 214 11.74 2.66 28.85
C ASN C 214 10.27 2.83 28.57
N PHE C 215 9.95 3.21 27.34
CA PHE C 215 8.59 3.47 26.89
C PHE C 215 8.33 2.58 25.68
N PRO C 216 7.10 2.52 25.14
CA PRO C 216 6.87 1.69 23.93
C PRO C 216 7.84 2.00 22.80
N SER C 217 8.36 3.22 22.72
CA SER C 217 9.30 3.62 21.70
C SER C 217 10.67 2.97 21.87
N GLY C 218 10.92 2.33 23.02
CA GLY C 218 12.18 1.70 23.32
C GLY C 218 12.86 2.31 24.52
N ARG C 219 14.09 1.87 24.74
CA ARG C 219 14.94 2.29 25.86
C ARG C 219 15.76 3.51 25.46
N PHE C 220 15.87 4.45 26.39
CA PHE C 220 16.65 5.67 26.25
C PHE C 220 17.55 5.79 27.47
N SER C 221 18.79 6.21 27.26
CA SER C 221 19.72 6.40 28.36
C SER C 221 20.63 7.57 28.05
N MET C 222 20.87 8.40 29.06
CA MET C 222 21.78 9.53 28.94
C MET C 222 22.57 9.72 30.23
N SER C 223 23.79 10.23 30.08
CA SER C 223 24.63 10.61 31.21
C SER C 223 25.22 11.97 30.90
N PRO C 224 24.46 13.05 31.12
CA PRO C 224 24.88 14.38 30.68
C PRO C 224 26.26 14.82 31.19
N PHE C 225 27.07 15.39 30.30
CA PHE C 225 28.38 15.86 30.69
C PHE C 225 28.19 17.15 31.48
N LEU C 226 29.05 17.35 32.48
CA LEU C 226 28.96 18.53 33.35
C LEU C 226 30.03 19.56 32.98
N GLY C 227 29.59 20.64 32.36
CA GLY C 227 30.45 21.71 31.91
C GLY C 227 30.74 21.62 30.42
N ASN C 228 31.47 22.62 29.93
CA ASN C 228 31.80 22.74 28.51
C ASN C 228 30.53 22.69 27.66
N PHE C 229 29.55 23.47 28.07
CA PHE C 229 28.27 23.47 27.37
C PHE C 229 28.34 24.25 26.06
N PRO C 230 27.49 23.89 25.08
CA PRO C 230 27.38 24.70 23.86
C PRO C 230 26.99 26.13 24.20
N ALA C 231 27.36 27.07 23.33
CA ALA C 231 27.09 28.48 23.53
C ALA C 231 25.61 28.71 23.81
N LEU C 232 25.34 29.62 24.74
CA LEU C 232 23.97 29.89 25.16
C LEU C 232 23.13 30.43 24.01
N ALA C 233 21.97 29.81 23.81
CA ALA C 233 21.05 30.18 22.74
C ALA C 233 19.65 29.68 23.10
N GLU C 234 18.66 30.23 22.41
CA GLU C 234 17.26 29.82 22.54
C GLU C 234 16.79 29.91 23.98
N THR C 235 16.98 31.08 24.58
CA THR C 235 16.64 31.29 25.98
C THR C 235 16.48 32.79 26.23
N GLU C 236 15.70 33.12 27.27
CA GLU C 236 15.63 34.51 27.70
C GLU C 236 16.76 34.85 28.66
N ALA C 237 17.49 33.84 29.13
CA ALA C 237 18.60 34.04 30.06
C ALA C 237 19.78 34.67 29.33
N THR C 238 20.49 35.57 30.01
CA THR C 238 21.73 36.09 29.47
C THR C 238 22.92 35.31 29.99
N THR C 239 22.79 34.74 31.20
CA THR C 239 23.79 33.85 31.78
C THR C 239 23.00 32.68 32.36
N ALA C 240 23.34 31.45 31.96
CA ALA C 240 22.63 30.27 32.46
C ALA C 240 23.51 29.33 33.26
N THR C 241 24.80 29.25 32.94
CA THR C 241 25.77 28.32 33.53
C THR C 241 25.46 26.87 33.14
N GLY C 242 24.25 26.37 33.44
CA GLY C 242 23.84 25.03 33.11
C GLY C 242 22.99 24.93 31.85
N ARG C 243 22.56 23.69 31.58
CA ARG C 243 21.73 23.37 30.43
C ARG C 243 20.75 22.27 30.81
N ILE C 244 19.58 22.24 30.18
CA ILE C 244 18.59 21.19 30.39
C ILE C 244 18.66 20.20 29.23
N TYR C 245 18.69 18.91 29.55
CA TYR C 245 18.60 17.81 28.59
C TYR C 245 17.19 17.25 28.68
N LEU C 246 16.43 17.28 27.58
CA LEU C 246 15.07 16.76 27.59
C LEU C 246 14.87 15.52 26.73
N ARG C 247 13.87 14.73 27.16
CA ARG C 247 13.37 13.57 26.48
C ARG C 247 11.84 13.68 26.36
N MET C 248 11.34 13.40 25.17
CA MET C 248 9.92 13.38 24.85
C MET C 248 9.44 11.94 24.88
N GLU C 249 8.33 11.70 25.57
CA GLU C 249 7.77 10.36 25.69
C GLU C 249 6.31 10.41 25.24
N VAL C 250 5.87 9.35 24.56
CA VAL C 250 4.50 9.27 24.06
C VAL C 250 3.90 7.95 24.52
N LEU C 251 2.72 8.03 25.13
CA LEU C 251 1.96 6.86 25.57
C LEU C 251 0.56 6.86 24.97
N GLU C 252 0.07 5.69 24.60
CA GLU C 252 -1.30 5.51 24.14
C GLU C 252 -2.07 4.77 25.23
N SER C 253 -3.37 4.59 25.01
CA SER C 253 -4.21 3.97 26.03
C SER C 253 -3.71 2.57 26.36
N GLY C 254 -3.64 2.26 27.65
CA GLY C 254 -3.20 0.95 28.07
C GLY C 254 -1.71 0.80 28.21
N GLN C 255 -0.93 1.83 27.86
CA GLN C 255 0.53 1.77 27.88
C GLN C 255 1.09 2.34 29.17
N ARG C 256 2.32 1.94 29.46
CA ARG C 256 3.07 2.38 30.62
C ARG C 256 4.52 2.69 30.22
N GLY C 257 5.19 3.50 31.03
CA GLY C 257 6.62 3.71 30.87
C GLY C 257 7.30 3.84 32.21
N THR C 258 8.60 3.50 32.22
CA THR C 258 9.42 3.56 33.43
C THR C 258 10.52 4.60 33.26
N ILE C 259 10.76 5.42 34.28
CA ILE C 259 11.89 6.36 34.30
C ILE C 259 12.74 6.06 35.54
N GLN C 260 13.93 5.52 35.30
CA GLN C 260 14.97 5.38 36.33
C GLN C 260 15.86 6.63 36.31
N TYR C 261 16.08 7.25 37.47
CA TYR C 261 16.76 8.53 37.50
C TYR C 261 17.62 8.68 38.76
N GLN C 262 18.80 9.28 38.61
CA GLN C 262 19.66 9.64 39.74
C GLN C 262 19.44 11.11 40.07
N ARG C 263 20.41 11.77 40.69
CA ARG C 263 20.26 13.18 41.03
C ARG C 263 20.30 14.04 39.77
N GLY C 264 19.64 15.19 39.84
CA GLY C 264 19.55 16.11 38.73
C GLY C 264 18.32 15.92 37.87
N PHE C 265 17.43 15.00 38.26
CA PHE C 265 16.28 14.66 37.44
C PHE C 265 15.26 15.78 37.47
N MET C 266 14.74 16.14 36.30
CA MET C 266 13.67 17.12 36.18
C MET C 266 12.46 16.33 35.71
N GLY C 267 11.38 16.37 36.49
CA GLY C 267 10.26 15.51 36.25
C GLY C 267 9.12 16.07 35.43
N PRO C 268 8.22 15.19 34.96
CA PRO C 268 7.04 15.68 34.24
C PRO C 268 6.20 16.55 35.16
N GLY C 269 5.73 17.68 34.65
CA GLY C 269 4.94 18.61 35.43
C GLY C 269 3.52 18.71 34.94
N LYS C 270 3.32 18.40 33.67
CA LYS C 270 2.02 18.52 33.03
C LYS C 270 2.21 17.83 31.69
N PHE C 271 1.11 17.52 31.01
CA PHE C 271 1.23 16.82 29.75
C PHE C 271 0.14 17.21 28.76
N TRP C 272 0.40 16.87 27.50
CA TRP C 272 -0.55 17.14 26.42
C TRP C 272 -1.36 15.88 26.14
N CYS C 273 -2.65 16.06 25.88
CA CYS C 273 -3.54 15.01 25.40
C CYS C 273 -3.96 15.41 23.99
N LEU C 274 -3.68 14.54 23.03
CA LEU C 274 -3.92 14.82 21.61
C LEU C 274 -4.95 13.84 21.08
N SER C 275 -5.99 14.37 20.46
CA SER C 275 -7.14 13.59 20.01
C SER C 275 -7.03 13.33 18.50
N GLU C 276 -8.08 13.49 17.70
CA GLU C 276 -8.17 13.14 16.29
C GLU C 276 -7.01 13.62 15.41
N PRO C 277 -6.31 12.72 14.70
CA PRO C 277 -5.23 13.13 13.78
C PRO C 277 -5.72 13.97 12.61
N ILE C 278 -4.87 14.87 12.13
CA ILE C 278 -5.18 15.67 10.94
C ILE C 278 -4.03 15.63 9.93
N PRO C 279 -4.30 15.80 8.62
CA PRO C 279 -3.21 15.91 7.64
C PRO C 279 -2.29 17.09 7.87
N VAL C 280 -0.99 16.88 7.62
CA VAL C 280 0.02 17.92 7.76
C VAL C 280 0.87 17.96 6.49
N VAL C 281 1.14 19.17 5.99
CA VAL C 281 2.00 19.41 4.85
C VAL C 281 3.11 20.37 5.25
N LYS C 282 4.22 20.32 4.52
CA LYS C 282 5.27 21.32 4.71
C LYS C 282 4.94 22.54 3.86
N GLY C 283 5.31 23.72 4.35
CA GLY C 283 5.05 24.91 3.57
C GLY C 283 5.23 26.17 4.38
N ALA C 284 4.99 27.28 3.70
CA ALA C 284 5.08 28.61 4.29
C ALA C 284 3.88 28.87 5.20
N VAL C 285 4.04 29.83 6.11
CA VAL C 285 2.92 30.21 6.96
C VAL C 285 1.80 30.75 6.09
N LYS C 286 0.61 30.84 6.67
CA LYS C 286 -0.55 31.27 5.91
C LYS C 286 -0.49 32.75 5.57
N THR C 287 -1.02 33.07 4.40
CA THR C 287 -1.22 34.45 3.99
C THR C 287 -2.53 34.90 4.62
N ASN C 288 -2.53 36.11 5.17
CA ASN C 288 -3.71 36.59 5.86
C ASN C 288 -4.82 36.88 4.85
N GLY C 289 -5.92 36.12 4.96
CA GLY C 289 -7.05 36.24 4.08
C GLY C 289 -7.08 35.28 2.91
N ALA C 290 -6.05 34.46 2.72
CA ALA C 290 -6.04 33.53 1.59
C ALA C 290 -6.89 32.30 1.91
N VAL C 291 -7.68 31.88 0.93
CA VAL C 291 -8.52 30.69 1.01
C VAL C 291 -8.38 29.94 -0.32
N SER C 292 -8.23 28.61 -0.24
CA SER C 292 -8.12 27.78 -1.42
C SER C 292 -8.87 26.48 -1.15
N ASP C 293 -8.99 25.64 -2.20
CA ASP C 293 -9.63 24.35 -2.04
C ASP C 293 -8.66 23.30 -1.51
N CYS C 294 -7.40 23.39 -1.91
CA CYS C 294 -6.38 22.40 -1.59
C CYS C 294 -5.03 23.03 -1.28
N LEU C 295 -4.35 22.50 -0.25
CA LEU C 295 -2.95 22.85 0.05
C LEU C 295 -2.06 21.74 -0.50
N HIS C 296 -1.17 22.08 -1.42
CA HIS C 296 -0.24 21.15 -2.04
C HIS C 296 1.14 21.48 -1.49
N GLU C 297 2.06 20.52 -1.45
CA GLU C 297 3.42 20.82 -0.98
C GLU C 297 4.27 21.63 -1.97
N VAL C 298 4.04 21.48 -3.26
CA VAL C 298 4.81 22.22 -4.27
C VAL C 298 4.13 23.52 -4.60
N TYR C 299 2.82 23.45 -4.80
CA TYR C 299 1.99 24.59 -5.14
C TYR C 299 1.35 24.98 -3.81
N GLY C 300 1.10 26.27 -3.60
CA GLY C 300 0.47 26.62 -2.33
C GLY C 300 -1.01 26.33 -2.42
N GLY C 301 -1.89 27.28 -2.10
CA GLY C 301 -3.29 26.98 -2.25
C GLY C 301 -3.60 26.85 -3.73
N ILE C 302 -4.38 25.84 -4.08
CA ILE C 302 -4.79 25.63 -5.46
C ILE C 302 -6.28 25.37 -5.54
N SER C 303 -6.81 25.59 -6.74
CA SER C 303 -8.18 25.28 -7.09
C SER C 303 -8.22 23.89 -7.74
N LYS C 304 -9.44 23.37 -7.90
CA LYS C 304 -9.67 22.08 -8.53
C LYS C 304 -10.61 22.27 -9.71
N PRO C 305 -10.15 22.92 -10.79
CA PRO C 305 -11.03 23.12 -11.96
C PRO C 305 -11.37 21.83 -12.67
N THR C 306 -10.55 20.81 -12.53
CA THR C 306 -10.76 19.49 -13.10
C THR C 306 -10.38 18.50 -12.01
N PRO C 307 -10.83 17.24 -12.10
CA PRO C 307 -10.46 16.27 -11.06
C PRO C 307 -9.00 15.84 -11.06
N PHE C 308 -8.25 16.04 -12.15
CA PHE C 308 -6.88 15.55 -12.23
C PHE C 308 -5.95 16.69 -12.63
N TYR C 309 -4.67 16.55 -12.29
CA TYR C 309 -3.67 17.54 -12.66
C TYR C 309 -2.42 16.84 -13.21
N THR C 310 -1.68 17.58 -14.03
CA THR C 310 -0.42 17.13 -14.63
C THR C 310 0.67 18.12 -14.27
N GLY C 311 1.43 17.80 -13.22
CA GLY C 311 2.43 18.70 -12.69
C GLY C 311 3.32 17.96 -11.72
N ASN C 312 3.93 18.66 -10.77
CA ASN C 312 4.83 18.00 -9.84
C ASN C 312 4.01 17.30 -8.77
N ARG C 313 4.39 16.06 -8.46
CA ARG C 313 3.72 15.29 -7.43
C ARG C 313 4.16 15.75 -6.05
N GLY C 314 3.24 15.63 -5.10
CA GLY C 314 3.52 15.96 -3.71
C GLY C 314 2.31 15.63 -2.87
N LYS C 315 2.46 15.85 -1.56
CA LYS C 315 1.32 15.56 -0.70
C LYS C 315 0.32 16.70 -0.85
N SER C 316 -0.94 16.41 -0.56
CA SER C 316 -1.93 17.46 -0.60
C SER C 316 -3.03 17.18 0.40
N VAL C 317 -3.66 18.24 0.89
CA VAL C 317 -4.73 18.18 1.86
C VAL C 317 -5.92 19.02 1.39
N GLY C 318 -7.11 18.44 1.48
CA GLY C 318 -8.37 19.07 1.11
C GLY C 318 -8.95 18.50 -0.17
N ASN C 319 -9.76 19.32 -0.84
CA ASN C 319 -10.48 18.89 -2.03
C ASN C 319 -9.50 19.06 -3.19
N CYS C 320 -8.59 18.11 -3.26
CA CYS C 320 -7.46 18.19 -4.15
C CYS C 320 -7.67 17.38 -5.43
N PRO C 321 -7.09 17.79 -6.56
CA PRO C 321 -7.06 16.92 -7.73
C PRO C 321 -6.02 15.83 -7.54
N LYS C 322 -6.19 14.71 -8.25
CA LYS C 322 -5.21 13.64 -8.21
C LYS C 322 -4.21 13.76 -9.35
N TRP C 323 -2.97 13.39 -9.05
CA TRP C 323 -1.92 13.41 -10.05
C TRP C 323 -2.07 12.27 -11.07
N VAL C 324 -1.90 12.62 -12.34
CA VAL C 324 -1.85 11.69 -13.45
C VAL C 324 -0.59 11.99 -14.26
N ARG C 325 -0.20 11.04 -15.11
CA ARG C 325 1.04 11.22 -15.86
C ARG C 325 0.91 12.00 -17.15
N LYS C 326 -0.23 11.92 -17.82
CA LYS C 326 -0.45 12.55 -19.12
C LYS C 326 -1.79 13.27 -19.21
N PRO C 327 -1.93 14.21 -20.14
CA PRO C 327 -3.24 14.81 -20.40
C PRO C 327 -4.28 13.75 -20.73
N LEU C 328 -5.48 13.92 -20.17
CA LEU C 328 -6.59 12.98 -20.35
C LEU C 328 -7.79 13.73 -20.92
N LEU C 329 -8.27 13.29 -22.08
CA LEU C 329 -9.44 13.87 -22.73
C LEU C 329 -10.59 12.88 -22.69
N VAL C 330 -11.81 13.42 -22.54
CA VAL C 330 -13.04 12.63 -22.52
C VAL C 330 -13.96 13.09 -23.64
N VAL C 331 -14.53 12.12 -24.37
CA VAL C 331 -15.38 12.43 -25.51
C VAL C 331 -16.61 13.20 -25.06
N ASN C 332 -16.89 14.31 -25.72
CA ASN C 332 -18.10 15.09 -25.45
C ASN C 332 -18.63 15.59 -26.79
N GLY C 333 -18.83 14.66 -27.71
CA GLY C 333 -19.27 14.98 -29.06
C GLY C 333 -19.28 13.72 -29.88
N THR C 334 -19.61 13.87 -31.15
CA THR C 334 -19.66 12.72 -32.04
C THR C 334 -18.27 12.44 -32.60
N LYS C 335 -18.11 11.25 -33.16
CA LYS C 335 -16.87 10.90 -33.83
C LYS C 335 -16.74 11.73 -35.11
N ALA C 336 -15.54 12.24 -35.36
CA ALA C 336 -15.29 13.07 -36.53
C ALA C 336 -15.33 12.27 -37.82
N ARG C 337 -15.80 12.94 -38.89
CA ARG C 337 -15.84 12.37 -40.23
C ARG C 337 -14.45 12.27 -40.82
N ASP D 21 -19.84 -20.77 -41.62
CA ASP D 21 -19.69 -19.58 -42.45
C ASP D 21 -18.27 -19.05 -42.37
N GLY D 22 -17.53 -19.15 -43.47
CA GLY D 22 -16.13 -18.74 -43.49
C GLY D 22 -15.05 -19.81 -43.43
N MET D 23 -13.91 -19.39 -42.90
CA MET D 23 -12.63 -20.12 -42.91
C MET D 23 -12.34 -20.81 -44.24
N ILE D 24 -12.59 -20.09 -45.34
CA ILE D 24 -11.90 -20.46 -46.56
C ILE D 24 -10.47 -19.99 -46.37
N ALA D 25 -10.36 -18.83 -45.72
CA ALA D 25 -9.20 -18.14 -45.17
C ALA D 25 -9.88 -17.11 -44.29
N GLY D 26 -9.60 -17.04 -42.99
CA GLY D 26 -10.24 -16.01 -42.17
C GLY D 26 -11.46 -16.46 -41.36
N TRP D 27 -11.53 -15.97 -40.12
CA TRP D 27 -12.60 -16.35 -39.18
C TRP D 27 -14.00 -16.00 -39.68
N HIS D 28 -14.17 -14.82 -40.28
CA HIS D 28 -15.47 -14.29 -40.67
C HIS D 28 -15.74 -14.43 -42.15
N GLY D 29 -17.00 -14.70 -42.50
CA GLY D 29 -17.32 -14.86 -43.90
C GLY D 29 -18.79 -15.09 -44.18
N TYR D 30 -19.03 -15.51 -45.44
CA TYR D 30 -20.36 -15.74 -45.99
C TYR D 30 -20.42 -17.13 -46.62
N SER D 31 -21.64 -17.66 -46.72
CA SER D 31 -21.85 -18.92 -47.41
C SER D 31 -23.17 -18.89 -48.16
N SER D 32 -23.28 -19.77 -49.16
CA SER D 32 -24.47 -19.92 -49.98
C SER D 32 -24.81 -21.41 -50.05
N THR D 33 -25.96 -21.79 -49.51
CA THR D 33 -26.39 -23.19 -49.49
C THR D 33 -27.66 -23.38 -50.31
N GLY D 34 -27.58 -24.23 -51.33
CA GLY D 34 -28.74 -24.44 -52.19
C GLY D 34 -28.65 -25.65 -53.10
N ASP D 35 -29.07 -25.48 -54.37
CA ASP D 35 -29.09 -26.57 -55.33
C ASP D 35 -27.69 -27.08 -55.64
N HIS D 36 -26.68 -26.26 -55.40
CA HIS D 36 -25.29 -26.52 -55.69
C HIS D 36 -24.53 -26.91 -54.43
N GLY D 37 -25.26 -27.23 -53.35
CA GLY D 37 -24.62 -27.55 -52.10
C GLY D 37 -24.21 -26.25 -51.42
N THR D 38 -23.19 -26.33 -50.56
CA THR D 38 -22.74 -25.17 -49.79
C THR D 38 -21.41 -24.66 -50.33
N LYS D 39 -21.39 -23.37 -50.67
CA LYS D 39 -20.19 -22.66 -51.12
C LYS D 39 -19.85 -21.67 -50.03
N VAL D 40 -18.55 -21.42 -49.84
CA VAL D 40 -18.10 -20.51 -48.81
C VAL D 40 -17.08 -19.52 -49.34
N ALA D 41 -17.14 -18.30 -48.80
CA ALA D 41 -16.20 -17.23 -49.08
C ALA D 41 -15.98 -16.54 -47.75
N ALA D 42 -14.85 -15.84 -47.60
CA ALA D 42 -14.58 -15.16 -46.34
C ALA D 42 -14.29 -13.69 -46.54
N ASP D 43 -14.66 -12.91 -45.53
CA ASP D 43 -14.44 -11.48 -45.46
C ASP D 43 -13.19 -11.23 -44.64
N LEU D 44 -12.08 -10.93 -45.31
CA LEU D 44 -10.81 -10.81 -44.59
C LEU D 44 -10.66 -9.44 -43.94
N VAL D 45 -11.57 -8.50 -44.21
CA VAL D 45 -11.46 -7.17 -43.62
C VAL D 45 -12.07 -7.20 -42.23
N SER D 46 -13.24 -7.82 -42.09
CA SER D 46 -13.84 -7.92 -40.76
C SER D 46 -13.00 -8.84 -39.89
N THR D 47 -12.42 -9.88 -40.49
CA THR D 47 -11.57 -10.78 -39.73
C THR D 47 -10.33 -10.05 -39.25
N GLN D 48 -9.72 -9.24 -40.11
CA GLN D 48 -8.54 -8.50 -39.68
C GLN D 48 -8.93 -7.51 -38.61
N LYS D 49 -10.10 -6.89 -38.75
CA LYS D 49 -10.57 -5.94 -37.75
C LYS D 49 -10.71 -6.61 -36.39
N ALA D 50 -11.28 -7.83 -36.36
CA ALA D 50 -11.41 -8.56 -35.11
C ALA D 50 -10.05 -8.89 -34.52
N MET D 51 -9.10 -9.28 -35.37
CA MET D 51 -7.77 -9.61 -34.86
C MET D 51 -7.09 -8.37 -34.32
N ASP D 52 -7.32 -7.23 -34.95
CA ASP D 52 -6.70 -5.99 -34.49
C ASP D 52 -7.30 -5.57 -33.16
N ALA D 53 -8.62 -5.76 -33.00
CA ALA D 53 -9.24 -5.42 -31.73
C ALA D 53 -8.69 -6.32 -30.62
N ILE D 54 -8.47 -7.60 -30.93
CA ILE D 54 -7.94 -8.51 -29.92
C ILE D 54 -6.51 -8.09 -29.57
N THR D 55 -5.71 -7.75 -30.58
CA THR D 55 -4.35 -7.31 -30.33
C THR D 55 -4.33 -6.05 -29.47
N ALA D 56 -5.21 -5.08 -29.78
CA ALA D 56 -5.27 -3.86 -28.98
C ALA D 56 -5.67 -4.15 -27.54
N ARG D 57 -6.58 -5.10 -27.34
CA ARG D 57 -6.98 -5.44 -25.97
C ARG D 57 -5.80 -6.04 -25.22
N ILE D 58 -5.03 -6.91 -25.89
CA ILE D 58 -3.85 -7.46 -25.26
C ILE D 58 -2.85 -6.35 -24.98
N ASN D 59 -2.71 -5.42 -25.92
CA ASN D 59 -1.80 -4.28 -25.78
C ASN D 59 -2.22 -3.35 -24.65
N ASN D 60 -3.44 -3.45 -24.14
CA ASN D 60 -3.84 -2.62 -23.01
C ASN D 60 -3.69 -3.38 -21.71
N MET D 61 -3.35 -4.66 -21.79
CA MET D 61 -3.09 -5.50 -20.63
C MET D 61 -1.59 -5.50 -20.33
N ASN D 62 -0.78 -5.24 -21.35
CA ASN D 62 0.67 -5.17 -21.24
C ASN D 62 1.14 -3.92 -20.49
N LYS D 63 0.24 -2.96 -20.24
CA LYS D 63 0.61 -1.76 -19.52
C LYS D 63 0.49 -1.92 -18.01
N MET D 64 -0.09 -3.02 -17.52
CA MET D 64 -0.26 -3.15 -16.08
C MET D 64 1.01 -3.64 -15.41
N THR D 65 2.06 -3.90 -16.18
CA THR D 65 3.34 -4.34 -15.66
C THR D 65 4.30 -3.16 -15.58
N GLU D 66 3.87 -1.97 -16.00
CA GLU D 66 4.65 -0.75 -16.08
C GLU D 66 4.07 0.34 -15.19
N ARG D 67 3.51 -0.03 -14.04
CA ARG D 67 2.85 0.94 -13.17
C ARG D 67 3.78 1.54 -12.12
N ALA D 68 5.08 1.25 -12.18
CA ALA D 68 6.03 1.85 -11.26
C ALA D 68 6.56 3.11 -11.95
N PHE D 69 6.26 4.26 -11.35
CA PHE D 69 6.61 5.56 -11.94
C PHE D 69 7.63 6.30 -11.10
N SER D 70 7.44 6.26 -9.78
CA SER D 70 8.31 6.91 -8.83
C SER D 70 9.35 5.93 -8.34
N VAL D 71 10.55 6.44 -8.06
CA VAL D 71 11.59 5.67 -7.41
C VAL D 71 11.91 6.39 -6.12
N THR D 72 11.71 5.70 -5.01
CA THR D 72 11.92 6.21 -3.66
C THR D 72 13.21 5.59 -3.14
N ASP D 73 13.71 6.12 -2.03
CA ASP D 73 14.85 5.46 -1.42
C ASP D 73 14.39 4.08 -1.00
N SER D 74 15.20 3.06 -1.30
CA SER D 74 14.79 1.73 -0.90
C SER D 74 15.15 1.49 0.56
N THR D 75 14.48 0.53 1.16
CA THR D 75 14.84 0.08 2.50
C THR D 75 15.83 -1.06 2.37
N MET D 76 16.95 -0.95 3.08
CA MET D 76 17.95 -2.00 2.98
C MET D 76 17.58 -3.15 3.93
N GLN D 77 18.13 -4.32 3.63
CA GLN D 77 17.95 -5.48 4.47
C GLN D 77 18.96 -5.44 5.61
N GLU D 78 18.90 -6.43 6.51
CA GLU D 78 19.79 -6.51 7.67
C GLU D 78 19.62 -5.31 8.60
N ILE D 79 18.37 -4.87 8.73
CA ILE D 79 17.98 -3.78 9.62
C ILE D 79 16.94 -4.31 10.59
N GLN D 80 16.36 -3.41 11.40
CA GLN D 80 15.32 -3.79 12.36
C GLN D 80 14.26 -4.61 11.64
N LYS D 81 13.90 -5.72 12.26
CA LYS D 81 12.95 -6.65 11.64
C LYS D 81 11.61 -6.00 11.35
N GLU D 82 11.07 -5.19 12.26
CA GLU D 82 9.77 -4.58 12.01
C GLU D 82 9.79 -3.69 10.76
N ILE D 83 10.90 -3.02 10.49
CA ILE D 83 10.99 -2.16 9.30
C ILE D 83 11.07 -3.05 8.04
N LYS D 84 11.87 -4.11 8.11
CA LYS D 84 11.98 -5.05 7.01
C LYS D 84 10.61 -5.65 6.70
N ASP D 85 9.85 -5.94 7.75
CA ASP D 85 8.54 -6.54 7.60
C ASP D 85 7.56 -5.55 6.99
N LEU D 86 7.62 -4.27 7.36
CA LEU D 86 6.73 -3.31 6.71
C LEU D 86 7.06 -3.17 5.23
N ASP D 87 8.35 -3.18 4.88
CA ASP D 87 8.71 -3.05 3.47
C ASP D 87 8.20 -4.26 2.69
N LYS D 88 8.35 -5.44 3.29
CA LYS D 88 7.88 -6.67 2.67
C LYS D 88 6.37 -6.65 2.54
N LYS D 89 5.67 -6.17 3.57
CA LYS D 89 4.22 -6.10 3.53
C LYS D 89 3.76 -5.19 2.40
N ILE D 90 4.43 -4.05 2.22
CA ILE D 90 4.02 -3.13 1.15
C ILE D 90 4.16 -3.81 -0.19
N ASP D 91 5.29 -4.51 -0.39
CA ASP D 91 5.52 -5.19 -1.66
C ASP D 91 4.53 -6.33 -1.86
N ASP D 92 4.19 -7.05 -0.80
CA ASP D 92 3.27 -8.18 -0.90
C ASP D 92 1.83 -7.74 -1.13
N VAL D 93 1.42 -6.62 -0.54
CA VAL D 93 0.07 -6.12 -0.78
C VAL D 93 -0.03 -5.66 -2.23
N ARG D 94 0.98 -4.91 -2.69
CA ARG D 94 0.94 -4.42 -4.06
C ARG D 94 0.90 -5.59 -5.05
N ALA D 95 1.72 -6.62 -4.81
CA ALA D 95 1.75 -7.77 -5.72
C ALA D 95 0.43 -8.54 -5.71
N ASP D 96 -0.20 -8.68 -4.55
CA ASP D 96 -1.45 -9.44 -4.51
C ASP D 96 -2.59 -8.67 -5.17
N GLU D 97 -2.62 -7.35 -4.98
CA GLU D 97 -3.69 -6.57 -5.59
C GLU D 97 -3.48 -6.52 -7.09
N THR D 98 -2.23 -6.45 -7.54
CA THR D 98 -1.95 -6.44 -8.97
C THR D 98 -2.37 -7.75 -9.60
N ALA D 99 -2.03 -8.88 -8.97
CA ALA D 99 -2.41 -10.17 -9.54
C ALA D 99 -3.93 -10.31 -9.62
N ALA D 100 -4.65 -9.85 -8.60
CA ALA D 100 -6.11 -9.94 -8.63
C ALA D 100 -6.70 -9.08 -9.74
N GLN D 101 -6.14 -7.89 -9.94
CA GLN D 101 -6.63 -7.00 -10.99
C GLN D 101 -6.34 -7.61 -12.37
N ILE D 102 -5.19 -8.25 -12.51
CA ILE D 102 -4.86 -8.86 -13.80
C ILE D 102 -5.85 -9.97 -14.10
N GLU D 103 -6.15 -10.81 -13.12
CA GLU D 103 -7.08 -11.91 -13.34
C GLU D 103 -8.47 -11.40 -13.72
N MET D 104 -8.93 -10.32 -13.06
CA MET D 104 -10.25 -9.82 -13.42
C MET D 104 -10.25 -9.15 -14.79
N ILE D 105 -9.15 -8.53 -15.17
CA ILE D 105 -9.12 -7.88 -16.48
C ILE D 105 -9.08 -8.95 -17.58
N VAL D 106 -8.38 -10.06 -17.33
CA VAL D 106 -8.36 -11.12 -18.33
C VAL D 106 -9.76 -11.69 -18.51
N LEU D 107 -10.49 -11.90 -17.41
CA LEU D 107 -11.84 -12.44 -17.56
C LEU D 107 -12.75 -11.46 -18.31
N LEU D 108 -12.60 -10.16 -18.03
CA LEU D 108 -13.45 -9.17 -18.68
C LEU D 108 -13.11 -9.05 -20.16
N GLU D 109 -11.82 -9.10 -20.50
CA GLU D 109 -11.43 -9.00 -21.91
C GLU D 109 -11.88 -10.24 -22.67
N ASN D 110 -11.86 -11.42 -22.05
CA ASN D 110 -12.34 -12.59 -22.76
C ASN D 110 -13.83 -12.47 -23.03
N GLU D 111 -14.58 -11.93 -22.07
CA GLU D 111 -16.00 -11.75 -22.29
C GLU D 111 -16.26 -10.75 -23.42
N ASN D 112 -15.49 -9.65 -23.45
CA ASN D 112 -15.68 -8.64 -24.49
C ASN D 112 -15.27 -9.16 -25.86
N ILE D 113 -14.24 -10.00 -25.92
CA ILE D 113 -13.81 -10.57 -27.20
C ILE D 113 -14.88 -11.50 -27.74
N ILE D 114 -15.47 -12.32 -26.87
CA ILE D 114 -16.52 -13.22 -27.33
C ILE D 114 -17.74 -12.43 -27.80
N ASN D 115 -18.14 -11.39 -27.05
CA ASN D 115 -19.29 -10.59 -27.47
C ASN D 115 -19.03 -9.89 -28.81
N ALA D 116 -17.77 -9.52 -29.07
CA ALA D 116 -17.47 -8.89 -30.34
C ALA D 116 -17.81 -9.80 -31.52
N GLU D 117 -17.79 -11.12 -31.32
CA GLU D 117 -18.11 -12.03 -32.42
C GLU D 117 -19.53 -11.78 -32.92
N ASP D 118 -20.44 -11.47 -31.99
CA ASP D 118 -21.82 -11.27 -32.39
C ASP D 118 -21.97 -9.87 -32.95
N GLU D 119 -21.17 -8.93 -32.46
CA GLU D 119 -21.23 -7.59 -33.04
C GLU D 119 -20.77 -7.61 -34.50
N HIS D 120 -19.74 -8.42 -34.78
CA HIS D 120 -19.20 -8.52 -36.13
C HIS D 120 -20.19 -9.22 -37.06
N VAL D 121 -20.87 -10.26 -36.54
CA VAL D 121 -21.86 -10.94 -37.37
C VAL D 121 -23.02 -10.00 -37.66
N HIS D 122 -23.44 -9.21 -36.67
CA HIS D 122 -24.51 -8.25 -36.93
C HIS D 122 -24.12 -7.29 -38.05
N ALA D 123 -22.88 -6.77 -38.01
CA ALA D 123 -22.44 -5.88 -39.08
C ALA D 123 -22.49 -6.59 -40.44
N LEU D 124 -22.12 -7.86 -40.49
CA LEU D 124 -22.17 -8.59 -41.75
C LEU D 124 -23.62 -8.75 -42.22
N LYS D 125 -24.52 -8.99 -41.26
CA LYS D 125 -25.95 -9.09 -41.58
C LYS D 125 -26.44 -7.80 -42.22
N GLN D 126 -26.05 -6.65 -41.66
CA GLN D 126 -26.54 -5.41 -42.23
C GLN D 126 -25.95 -5.18 -43.62
N LYS D 127 -24.71 -5.64 -43.84
CA LYS D 127 -24.12 -5.52 -45.16
C LYS D 127 -24.95 -6.30 -46.18
N LEU D 128 -25.37 -7.52 -45.80
CA LEU D 128 -26.22 -8.29 -46.71
C LEU D 128 -27.59 -7.65 -46.85
N THR D 129 -28.10 -7.07 -45.76
CA THR D 129 -29.42 -6.44 -45.79
C THR D 129 -29.46 -5.35 -46.86
N LYS D 130 -28.40 -4.55 -46.94
CA LYS D 130 -28.38 -3.51 -47.97
C LYS D 130 -28.07 -4.08 -49.35
N MET D 131 -27.05 -4.93 -49.46
CA MET D 131 -26.64 -5.41 -50.79
C MET D 131 -27.68 -6.29 -51.48
N LEU D 132 -28.46 -7.07 -50.75
CA LEU D 132 -29.35 -8.02 -51.40
C LEU D 132 -30.68 -7.43 -51.88
N GLY D 133 -30.97 -6.17 -51.59
CA GLY D 133 -32.19 -5.55 -52.07
C GLY D 133 -33.43 -5.79 -51.23
N PRO D 134 -34.51 -5.07 -51.57
CA PRO D 134 -35.75 -5.17 -50.79
C PRO D 134 -36.48 -6.50 -50.92
N SER D 135 -36.18 -7.32 -51.93
CA SER D 135 -36.91 -8.56 -52.12
C SER D 135 -36.33 -9.74 -51.35
N ALA D 136 -35.15 -9.60 -50.76
CA ALA D 136 -34.57 -10.70 -50.01
C ALA D 136 -35.37 -10.90 -48.73
N GLN D 137 -35.62 -12.15 -48.36
CA GLN D 137 -36.36 -12.45 -47.15
C GLN D 137 -35.38 -12.57 -45.99
N ASP D 138 -35.56 -11.76 -44.96
CA ASP D 138 -34.69 -11.75 -43.79
C ASP D 138 -35.18 -12.81 -42.81
N MET D 139 -34.37 -13.85 -42.60
CA MET D 139 -34.80 -14.97 -41.77
C MET D 139 -34.52 -14.76 -40.28
N GLY D 140 -33.86 -13.66 -39.90
CA GLY D 140 -33.60 -13.36 -38.50
C GLY D 140 -32.30 -13.91 -37.95
N ASP D 141 -31.72 -14.91 -38.60
CA ASP D 141 -30.47 -15.55 -38.20
C ASP D 141 -29.27 -15.01 -38.96
N GLY D 142 -29.44 -13.94 -39.74
CA GLY D 142 -28.41 -13.45 -40.61
C GLY D 142 -28.34 -14.17 -41.93
N CYS D 143 -29.42 -14.83 -42.32
CA CYS D 143 -29.53 -15.57 -43.58
C CYS D 143 -30.64 -14.92 -44.39
N PHE D 144 -30.44 -14.80 -45.69
CA PHE D 144 -31.41 -14.21 -46.59
C PHE D 144 -31.68 -15.18 -47.73
N ILE D 145 -32.92 -15.17 -48.21
CA ILE D 145 -33.32 -15.97 -49.36
C ILE D 145 -33.49 -15.05 -50.57
N VAL D 146 -32.83 -15.41 -51.67
CA VAL D 146 -32.87 -14.65 -52.92
C VAL D 146 -33.33 -15.62 -54.00
N ASP D 147 -34.14 -15.13 -54.95
CA ASP D 147 -34.67 -16.01 -56.00
C ASP D 147 -33.71 -16.08 -57.20
N HIS D 148 -32.49 -16.55 -56.94
CA HIS D 148 -31.52 -16.75 -58.00
C HIS D 148 -30.49 -17.75 -57.48
N GLN D 149 -29.71 -18.30 -58.39
CA GLN D 149 -28.62 -19.18 -57.96
C GLN D 149 -27.45 -18.29 -57.58
N CYS D 150 -26.81 -18.60 -56.46
CA CYS D 150 -25.67 -17.85 -55.93
C CYS D 150 -24.50 -18.82 -55.79
N LYS D 151 -23.66 -18.93 -56.83
CA LYS D 151 -22.58 -19.92 -56.86
C LYS D 151 -21.20 -19.27 -57.01
N GLU D 152 -20.52 -19.08 -55.88
CA GLU D 152 -19.14 -18.58 -55.78
C GLU D 152 -18.94 -17.14 -56.28
N ASP D 153 -19.31 -16.86 -57.53
CA ASP D 153 -19.13 -15.50 -58.05
C ASP D 153 -19.93 -14.52 -57.22
N CYS D 154 -21.12 -14.95 -56.81
CA CYS D 154 -21.97 -14.12 -55.98
C CYS D 154 -21.36 -13.89 -54.62
N LEU D 155 -20.63 -14.87 -54.09
CA LEU D 155 -20.06 -14.67 -52.77
C LEU D 155 -18.84 -13.75 -52.86
N ARG D 156 -18.11 -13.82 -53.98
CA ARG D 156 -16.99 -12.92 -54.17
C ARG D 156 -17.47 -11.49 -54.28
N GLU D 157 -18.57 -11.27 -55.00
CA GLU D 157 -19.14 -9.93 -55.12
C GLU D 157 -19.68 -9.44 -53.78
N ILE D 158 -20.22 -10.34 -52.97
CA ILE D 158 -20.69 -9.97 -51.64
C ILE D 158 -19.51 -9.57 -50.76
N VAL D 159 -18.45 -10.37 -50.75
CA VAL D 159 -17.28 -10.04 -49.93
C VAL D 159 -16.66 -8.73 -50.38
N SER D 160 -16.54 -8.52 -51.69
CA SER D 160 -15.92 -7.30 -52.20
C SER D 160 -16.83 -6.09 -52.11
N GLY D 161 -18.10 -6.25 -51.80
CA GLY D 161 -19.01 -5.12 -51.75
C GLY D 161 -19.49 -4.62 -53.10
N ASN D 162 -19.45 -5.46 -54.13
CA ASN D 162 -19.87 -5.08 -55.48
C ASN D 162 -21.13 -5.78 -55.93
N TYR D 163 -21.78 -6.55 -55.05
CA TYR D 163 -23.03 -7.19 -55.41
C TYR D 163 -24.09 -6.16 -55.78
N THR D 164 -24.75 -6.36 -56.91
CA THR D 164 -25.82 -5.49 -57.36
C THR D 164 -27.01 -6.38 -57.71
N PRO D 165 -28.16 -6.27 -57.02
CA PRO D 165 -29.29 -7.18 -57.31
C PRO D 165 -29.73 -7.24 -58.76
N SER D 166 -29.65 -6.13 -59.48
CA SER D 166 -30.13 -6.10 -60.86
C SER D 166 -29.33 -6.99 -61.79
N LYS D 167 -28.07 -7.31 -61.45
CA LYS D 167 -27.30 -8.19 -62.32
C LYS D 167 -27.96 -9.57 -62.40
N TYR D 168 -28.70 -9.96 -61.35
CA TYR D 168 -29.29 -11.30 -61.26
C TYR D 168 -30.79 -11.29 -61.50
N GLY D 169 -31.37 -10.16 -61.91
CA GLY D 169 -32.80 -10.08 -62.11
C GLY D 169 -33.61 -9.84 -60.86
N MET D 170 -32.99 -9.34 -59.80
CA MET D 170 -33.65 -9.08 -58.54
C MET D 170 -34.01 -7.59 -58.45
N ASP D 171 -35.08 -7.30 -57.71
CA ASP D 171 -35.47 -5.93 -57.49
C ASP D 171 -34.41 -5.17 -56.70
N GLU D 172 -34.22 -3.91 -57.05
CA GLU D 172 -33.35 -3.01 -56.30
C GLU D 172 -34.22 -2.12 -55.42
N PHE D 173 -33.58 -1.30 -54.59
CA PHE D 173 -34.34 -0.40 -53.75
C PHE D 173 -34.91 0.73 -54.62
N LYS D 174 -36.09 1.21 -54.24
CA LYS D 174 -36.68 2.33 -54.98
C LYS D 174 -35.79 3.56 -54.78
N SER D 175 -35.64 4.35 -55.84
CA SER D 175 -34.84 5.55 -55.71
C SER D 175 -35.57 6.59 -54.87
N PRO D 176 -34.85 7.57 -54.31
CA PRO D 176 -35.51 8.64 -53.55
C PRO D 176 -36.23 9.66 -54.41
N ILE D 177 -36.14 9.58 -55.72
CA ILE D 177 -36.73 10.58 -56.61
C ILE D 177 -38.16 10.14 -56.97
N ILE D 178 -39.12 11.02 -56.72
CA ILE D 178 -40.53 10.73 -56.92
C ILE D 178 -41.30 12.04 -57.03
N ASP E 21 -45.21 -8.31 -20.84
CA ASP E 21 -44.82 -9.52 -21.56
C ASP E 21 -44.14 -10.51 -20.61
N GLY E 22 -44.81 -11.62 -20.33
CA GLY E 22 -44.29 -12.61 -19.39
C GLY E 22 -44.91 -12.64 -17.99
N MET E 23 -44.11 -13.12 -17.05
CA MET E 23 -44.53 -13.47 -15.68
C MET E 23 -45.86 -14.18 -15.60
N ILE E 24 -46.05 -15.14 -16.51
CA ILE E 24 -47.01 -16.19 -16.20
C ILE E 24 -46.32 -17.06 -15.16
N ALA E 25 -45.00 -17.21 -15.37
CA ALA E 25 -43.95 -17.76 -14.53
C ALA E 25 -42.72 -17.26 -15.27
N GLY E 26 -41.79 -16.53 -14.64
CA GLY E 26 -40.60 -16.08 -15.36
C GLY E 26 -40.61 -14.65 -15.88
N TRP E 27 -39.46 -13.97 -15.73
CA TRP E 27 -39.32 -12.56 -16.14
C TRP E 27 -39.58 -12.33 -17.63
N HIS E 28 -39.09 -13.20 -18.49
CA HIS E 28 -39.11 -13.01 -19.95
C HIS E 28 -40.22 -13.83 -20.61
N GLY E 29 -40.83 -13.28 -21.65
CA GLY E 29 -41.90 -14.01 -22.30
C GLY E 29 -42.48 -13.30 -23.51
N TYR E 30 -43.62 -13.84 -23.94
CA TYR E 30 -44.35 -13.41 -25.13
C TYR E 30 -45.81 -13.15 -24.77
N SER E 31 -46.45 -12.31 -25.58
CA SER E 31 -47.88 -12.06 -25.42
C SER E 31 -48.53 -11.90 -26.79
N SER E 32 -49.85 -12.11 -26.80
CA SER E 32 -50.68 -11.98 -27.99
C SER E 32 -51.89 -11.13 -27.64
N THR E 33 -52.01 -9.95 -28.25
CA THR E 33 -53.11 -9.03 -27.99
C THR E 33 -53.97 -8.83 -29.23
N GLY E 34 -55.25 -9.18 -29.13
CA GLY E 34 -56.14 -9.06 -30.29
C GLY E 34 -57.62 -9.16 -30.00
N ASP E 35 -58.35 -9.90 -30.84
CA ASP E 35 -59.80 -10.03 -30.71
C ASP E 35 -60.19 -10.74 -29.41
N HIS E 36 -59.27 -11.51 -28.86
CA HIS E 36 -59.46 -12.33 -27.67
C HIS E 36 -58.83 -11.67 -26.45
N GLY E 37 -58.48 -10.38 -26.56
CA GLY E 37 -57.81 -9.70 -25.47
C GLY E 37 -56.34 -10.07 -25.47
N THR E 38 -55.71 -9.98 -24.31
CA THR E 38 -54.28 -10.24 -24.18
C THR E 38 -54.02 -11.56 -23.47
N LYS E 39 -53.27 -12.43 -24.14
CA LYS E 39 -52.83 -13.72 -23.61
C LYS E 39 -51.33 -13.62 -23.40
N VAL E 40 -50.83 -14.30 -22.37
CA VAL E 40 -49.40 -14.25 -22.05
C VAL E 40 -48.86 -15.66 -21.82
N ALA E 41 -47.60 -15.84 -22.23
CA ALA E 41 -46.84 -17.05 -22.01
C ALA E 41 -45.43 -16.59 -21.70
N ALA E 42 -44.64 -17.41 -21.00
CA ALA E 42 -43.28 -17.00 -20.68
C ALA E 42 -42.25 -18.03 -21.12
N ASP E 43 -41.07 -17.49 -21.46
CA ASP E 43 -39.91 -18.27 -21.87
C ASP E 43 -38.98 -18.46 -20.68
N LEU E 44 -39.00 -19.64 -20.07
CA LEU E 44 -38.21 -19.85 -18.87
C LEU E 44 -36.76 -20.17 -19.17
N VAL E 45 -36.40 -20.36 -20.44
CA VAL E 45 -35.02 -20.66 -20.78
C VAL E 45 -34.22 -19.37 -20.86
N SER E 46 -34.78 -18.34 -21.51
CA SER E 46 -34.09 -17.06 -21.57
C SER E 46 -34.09 -16.44 -20.17
N THR E 47 -35.16 -16.65 -19.41
CA THR E 47 -35.23 -16.14 -18.06
C THR E 47 -34.16 -16.80 -17.21
N GLN E 48 -34.01 -18.12 -17.35
CA GLN E 48 -32.99 -18.81 -16.57
C GLN E 48 -31.62 -18.33 -16.99
N LYS E 49 -31.42 -18.07 -18.29
CA LYS E 49 -30.14 -17.57 -18.77
C LYS E 49 -29.81 -16.25 -18.08
N ALA E 50 -30.80 -15.35 -17.98
CA ALA E 50 -30.60 -14.07 -17.32
C ALA E 50 -30.28 -14.27 -15.84
N MET E 51 -30.98 -15.21 -15.20
CA MET E 51 -30.75 -15.44 -13.78
C MET E 51 -29.37 -16.02 -13.55
N ASP E 52 -28.90 -16.86 -14.48
CA ASP E 52 -27.58 -17.46 -14.35
C ASP E 52 -26.51 -16.41 -14.58
N ALA E 53 -26.75 -15.49 -15.53
CA ALA E 53 -25.78 -14.43 -15.75
C ALA E 53 -25.68 -13.53 -14.53
N ILE E 54 -26.81 -13.25 -13.88
CA ILE E 54 -26.78 -12.41 -12.69
C ILE E 54 -26.02 -13.13 -11.57
N THR E 55 -26.30 -14.43 -11.41
CA THR E 55 -25.59 -15.21 -10.39
C THR E 55 -24.10 -15.20 -10.66
N ALA E 56 -23.69 -15.41 -11.91
CA ALA E 56 -22.27 -15.42 -12.25
C ALA E 56 -21.63 -14.06 -11.98
N ARG E 57 -22.36 -12.97 -12.24
CA ARG E 57 -21.81 -11.66 -11.96
C ARG E 57 -21.60 -11.48 -10.48
N ILE E 58 -22.56 -11.93 -9.67
CA ILE E 58 -22.38 -11.87 -8.23
C ILE E 58 -21.20 -12.74 -7.81
N ASN E 59 -21.08 -13.92 -8.42
CA ASN E 59 -20.00 -14.84 -8.13
C ASN E 59 -18.64 -14.29 -8.52
N ASN E 60 -18.58 -13.23 -9.32
CA ASN E 60 -17.29 -12.63 -9.65
C ASN E 60 -16.99 -11.45 -8.76
N MET E 61 -17.94 -11.06 -7.91
CA MET E 61 -17.79 -9.99 -6.93
C MET E 61 -17.35 -10.59 -5.60
N ASN E 62 -17.67 -11.87 -5.39
CA ASN E 62 -17.32 -12.62 -4.19
C ASN E 62 -15.84 -12.94 -4.13
N LYS E 63 -15.07 -12.72 -5.20
CA LYS E 63 -13.65 -13.01 -5.17
C LYS E 63 -12.80 -11.86 -4.64
N MET E 64 -13.34 -10.65 -4.47
CA MET E 64 -12.48 -9.57 -4.01
C MET E 64 -12.28 -9.59 -2.51
N THR E 65 -12.88 -10.56 -1.82
CA THR E 65 -12.72 -10.67 -0.39
C THR E 65 -11.65 -11.70 -0.06
N GLU E 66 -11.09 -12.34 -1.10
CA GLU E 66 -10.09 -13.39 -1.00
C GLU E 66 -8.80 -12.97 -1.71
N ARG E 67 -8.44 -11.68 -1.67
CA ARG E 67 -7.26 -11.20 -2.38
C ARG E 67 -6.00 -11.24 -1.53
N ALA E 68 -6.06 -11.81 -0.33
CA ALA E 68 -4.88 -11.94 0.50
C ALA E 68 -4.30 -13.31 0.16
N PHE E 69 -3.11 -13.32 -0.41
CA PHE E 69 -2.43 -14.52 -0.88
C PHE E 69 -1.18 -14.82 -0.10
N SER E 70 -0.41 -13.78 0.19
CA SER E 70 0.83 -13.87 0.93
C SER E 70 0.55 -13.63 2.40
N VAL E 71 1.32 -14.31 3.26
CA VAL E 71 1.30 -14.04 4.68
C VAL E 71 2.72 -13.66 5.06
N THR E 72 2.88 -12.46 5.56
CA THR E 72 4.16 -11.88 5.95
C THR E 72 4.24 -11.93 7.48
N ASP E 73 5.43 -11.69 8.01
CA ASP E 73 5.51 -11.58 9.46
C ASP E 73 4.65 -10.38 9.84
N SER E 74 3.84 -10.54 10.87
CA SER E 74 3.03 -9.40 11.27
C SER E 74 3.84 -8.48 12.16
N THR E 75 3.37 -7.24 12.25
CA THR E 75 3.93 -6.27 13.16
C THR E 75 3.14 -6.38 14.45
N MET E 76 3.83 -6.51 15.57
CA MET E 76 3.11 -6.63 16.82
C MET E 76 2.71 -5.25 17.32
N GLN E 77 1.70 -5.23 18.18
CA GLN E 77 1.25 -4.00 18.80
C GLN E 77 2.15 -3.72 20.01
N GLU E 78 1.93 -2.60 20.69
CA GLU E 78 2.73 -2.24 21.87
C GLU E 78 4.22 -2.06 21.50
N ILE E 79 4.46 -1.50 20.32
CA ILE E 79 5.81 -1.22 19.82
C ILE E 79 5.90 0.27 19.53
N GLN E 80 7.03 0.70 18.95
CA GLN E 80 7.23 2.10 18.58
C GLN E 80 6.03 2.60 17.80
N LYS E 81 5.54 3.77 18.20
CA LYS E 81 4.32 4.30 17.59
C LYS E 81 4.44 4.52 16.09
N GLU E 82 5.58 5.05 15.60
CA GLU E 82 5.69 5.28 14.16
C GLU E 82 5.57 3.99 13.35
N ILE E 83 6.07 2.87 13.88
CA ILE E 83 5.98 1.60 13.17
C ILE E 83 4.54 1.11 13.20
N LYS E 84 3.89 1.22 14.37
CA LYS E 84 2.50 0.84 14.52
C LYS E 84 1.64 1.63 13.55
N ASP E 85 1.96 2.92 13.41
CA ASP E 85 1.21 3.80 12.55
C ASP E 85 1.41 3.45 11.08
N LEU E 86 2.63 3.06 10.69
CA LEU E 86 2.79 2.65 9.29
C LEU E 86 2.03 1.36 9.00
N ASP E 87 2.00 0.42 9.96
CA ASP E 87 1.26 -0.82 9.71
C ASP E 87 -0.22 -0.53 9.58
N LYS E 88 -0.71 0.36 10.45
CA LYS E 88 -2.10 0.76 10.43
C LYS E 88 -2.42 1.49 9.13
N LYS E 89 -1.52 2.36 8.68
CA LYS E 89 -1.73 3.09 7.43
C LYS E 89 -1.83 2.13 6.26
N ILE E 90 -0.99 1.10 6.23
CA ILE E 90 -1.04 0.16 5.12
C ILE E 90 -2.40 -0.53 5.10
N ASP E 91 -2.88 -0.95 6.28
CA ASP E 91 -4.17 -1.61 6.36
C ASP E 91 -5.31 -0.67 5.97
N ASP E 92 -5.21 0.60 6.37
CA ASP E 92 -6.28 1.56 6.07
C ASP E 92 -6.30 1.94 4.60
N VAL E 93 -5.14 2.05 3.96
CA VAL E 93 -5.12 2.36 2.53
C VAL E 93 -5.70 1.19 1.75
N ARG E 94 -5.29 -0.03 2.10
CA ARG E 94 -5.81 -1.20 1.40
C ARG E 94 -7.31 -1.30 1.57
N ALA E 95 -7.83 -1.07 2.78
CA ALA E 95 -9.27 -1.17 3.02
C ALA E 95 -10.04 -0.09 2.27
N ASP E 96 -9.50 1.13 2.19
CA ASP E 96 -10.24 2.19 1.50
C ASP E 96 -10.24 1.96 -0.01
N GLU E 97 -9.13 1.48 -0.56
CA GLU E 97 -9.10 1.24 -2.00
C GLU E 97 -9.99 0.07 -2.35
N THR E 98 -10.04 -0.95 -1.49
CA THR E 98 -10.90 -2.09 -1.74
C THR E 98 -12.37 -1.67 -1.70
N ALA E 99 -12.76 -0.86 -0.71
CA ALA E 99 -14.14 -0.42 -0.64
C ALA E 99 -14.54 0.38 -1.87
N ALA E 100 -13.64 1.25 -2.34
CA ALA E 100 -13.95 2.05 -3.52
C ALA E 100 -14.12 1.16 -4.76
N GLN E 101 -13.26 0.15 -4.89
CA GLN E 101 -13.37 -0.75 -6.03
C GLN E 101 -14.66 -1.56 -5.96
N ILE E 102 -15.07 -1.96 -4.76
CA ILE E 102 -16.31 -2.71 -4.62
C ILE E 102 -17.49 -1.85 -5.05
N GLU E 103 -17.51 -0.58 -4.62
CA GLU E 103 -18.62 0.29 -4.98
C GLU E 103 -18.68 0.49 -6.49
N MET E 104 -17.52 0.62 -7.14
CA MET E 104 -17.55 0.79 -8.59
C MET E 104 -17.95 -0.49 -9.31
N ILE E 105 -17.58 -1.66 -8.79
CA ILE E 105 -18.00 -2.87 -9.50
C ILE E 105 -19.50 -3.06 -9.36
N VAL E 106 -20.06 -2.71 -8.20
CA VAL E 106 -21.50 -2.83 -8.05
C VAL E 106 -22.21 -1.92 -9.03
N LEU E 107 -21.73 -0.68 -9.19
CA LEU E 107 -22.40 0.22 -10.14
C LEU E 107 -22.28 -0.30 -11.58
N LEU E 108 -21.10 -0.81 -11.93
CA LEU E 108 -20.90 -1.30 -13.30
C LEU E 108 -21.70 -2.55 -13.57
N GLU E 109 -21.75 -3.46 -12.60
CA GLU E 109 -22.50 -4.70 -12.78
C GLU E 109 -23.99 -4.41 -12.85
N ASN E 110 -24.48 -3.43 -12.09
CA ASN E 110 -25.90 -3.12 -12.20
C ASN E 110 -26.21 -2.56 -13.58
N GLU E 111 -25.31 -1.75 -14.13
CA GLU E 111 -25.52 -1.23 -15.47
C GLU E 111 -25.53 -2.36 -16.50
N ASN E 112 -24.60 -3.32 -16.36
CA ASN E 112 -24.53 -4.42 -17.30
C ASN E 112 -25.74 -5.35 -17.19
N ILE E 113 -26.25 -5.53 -15.98
CA ILE E 113 -27.44 -6.37 -15.78
C ILE E 113 -28.64 -5.73 -16.44
N ILE E 114 -28.78 -4.40 -16.28
CA ILE E 114 -29.91 -3.72 -16.91
C ILE E 114 -29.79 -3.79 -18.43
N ASN E 115 -28.58 -3.57 -18.98
CA ASN E 115 -28.41 -3.65 -20.43
C ASN E 115 -28.73 -5.06 -20.95
N ALA E 116 -28.46 -6.08 -20.14
CA ALA E 116 -28.78 -7.44 -20.57
C ALA E 116 -30.26 -7.59 -20.86
N GLU E 117 -31.13 -6.78 -20.24
CA GLU E 117 -32.56 -6.90 -20.49
C GLU E 117 -32.85 -6.64 -21.96
N ASP E 118 -32.11 -5.70 -22.55
CA ASP E 118 -32.37 -5.36 -23.94
C ASP E 118 -31.71 -6.38 -24.84
N GLU E 119 -30.59 -6.94 -24.40
CA GLU E 119 -29.97 -7.99 -25.22
C GLU E 119 -30.89 -9.21 -25.30
N HIS E 120 -31.54 -9.55 -24.18
CA HIS E 120 -32.43 -10.70 -24.13
C HIS E 120 -33.70 -10.44 -24.94
N VAL E 121 -34.23 -9.22 -24.87
CA VAL E 121 -35.43 -8.93 -25.66
C VAL E 121 -35.08 -8.96 -27.14
N HIS E 122 -33.91 -8.44 -27.52
CA HIS E 122 -33.51 -8.52 -28.91
C HIS E 122 -33.45 -9.96 -29.40
N ALA E 123 -32.87 -10.84 -28.58
CA ALA E 123 -32.81 -12.26 -28.97
C ALA E 123 -34.22 -12.82 -29.15
N LEU E 124 -35.16 -12.44 -28.29
CA LEU E 124 -36.53 -12.93 -28.43
C LEU E 124 -37.15 -12.39 -29.72
N LYS E 125 -36.85 -11.13 -30.05
CA LYS E 125 -37.34 -10.53 -31.29
C LYS E 125 -36.85 -11.33 -32.48
N GLN E 126 -35.57 -11.71 -32.48
CA GLN E 126 -35.05 -12.45 -33.63
C GLN E 126 -35.67 -13.83 -33.70
N LYS E 127 -35.98 -14.42 -32.54
CA LYS E 127 -36.64 -15.71 -32.53
C LYS E 127 -38.00 -15.61 -33.22
N LEU E 128 -38.74 -14.54 -32.92
CA LEU E 128 -40.03 -14.35 -33.58
C LEU E 128 -39.84 -14.01 -35.06
N THR E 129 -38.79 -13.26 -35.38
CA THR E 129 -38.53 -12.87 -36.77
C THR E 129 -38.39 -14.11 -37.63
N LYS E 130 -37.67 -15.11 -37.15
CA LYS E 130 -37.53 -16.33 -37.92
C LYS E 130 -38.79 -17.19 -37.87
N MET E 131 -39.34 -17.39 -36.67
CA MET E 131 -40.47 -18.30 -36.51
C MET E 131 -41.74 -17.84 -37.20
N LEU E 132 -42.00 -16.52 -37.29
CA LEU E 132 -43.28 -16.06 -37.82
C LEU E 132 -43.35 -16.00 -39.34
N GLY E 133 -42.26 -16.24 -40.06
CA GLY E 133 -42.30 -16.23 -41.50
C GLY E 133 -42.14 -14.87 -42.16
N PRO E 134 -41.97 -14.88 -43.48
CA PRO E 134 -41.74 -13.61 -44.22
C PRO E 134 -42.94 -12.68 -44.27
N SER E 135 -44.15 -13.14 -44.00
CA SER E 135 -45.32 -12.28 -44.12
C SER E 135 -45.63 -11.48 -42.86
N ALA E 136 -44.97 -11.77 -41.75
CA ALA E 136 -45.24 -11.02 -40.53
C ALA E 136 -44.68 -9.61 -40.68
N GLN E 137 -45.43 -8.62 -40.21
CA GLN E 137 -44.97 -7.23 -40.30
C GLN E 137 -44.17 -6.91 -39.04
N ASP E 138 -42.92 -6.50 -39.21
CA ASP E 138 -42.03 -6.17 -38.10
C ASP E 138 -42.28 -4.71 -37.72
N MET E 139 -42.83 -4.48 -36.53
CA MET E 139 -43.19 -3.13 -36.12
C MET E 139 -42.04 -2.36 -35.49
N GLY E 140 -40.88 -2.97 -35.29
CA GLY E 140 -39.71 -2.29 -34.74
C GLY E 140 -39.60 -2.34 -33.23
N ASP E 141 -40.69 -2.62 -32.53
CA ASP E 141 -40.74 -2.69 -31.07
C ASP E 141 -40.64 -4.13 -30.57
N GLY E 142 -40.37 -5.08 -31.44
CA GLY E 142 -40.42 -6.48 -31.09
C GLY E 142 -41.80 -7.08 -31.16
N CYS E 143 -42.72 -6.46 -31.89
CA CYS E 143 -44.09 -6.90 -32.08
C CYS E 143 -44.29 -7.18 -33.56
N PHE E 144 -45.01 -8.27 -33.86
CA PHE E 144 -45.29 -8.65 -35.23
C PHE E 144 -46.78 -8.84 -35.41
N ILE E 145 -47.28 -8.52 -36.60
CA ILE E 145 -48.69 -8.74 -36.95
C ILE E 145 -48.80 -9.92 -37.89
N VAL E 146 -49.65 -10.89 -37.53
CA VAL E 146 -49.90 -12.10 -38.30
C VAL E 146 -51.39 -12.22 -38.59
N ASP E 147 -51.75 -12.70 -39.79
CA ASP E 147 -53.17 -12.81 -40.15
C ASP E 147 -53.78 -14.13 -39.69
N HIS E 148 -53.77 -14.36 -38.38
CA HIS E 148 -54.41 -15.52 -37.82
C HIS E 148 -54.65 -15.22 -36.35
N GLN E 149 -55.52 -16.00 -35.73
CA GLN E 149 -55.72 -15.84 -34.30
C GLN E 149 -54.63 -16.61 -33.56
N CYS E 150 -54.07 -15.98 -32.53
CA CYS E 150 -53.00 -16.56 -31.70
C CYS E 150 -53.52 -16.59 -30.27
N LYS E 151 -54.14 -17.71 -29.88
CA LYS E 151 -54.78 -17.83 -28.57
C LYS E 151 -54.16 -18.98 -27.80
N GLU E 152 -53.19 -18.65 -26.94
CA GLU E 152 -52.53 -19.56 -26.01
C GLU E 152 -51.73 -20.68 -26.67
N ASP E 153 -52.37 -21.48 -27.54
CA ASP E 153 -51.66 -22.56 -28.20
C ASP E 153 -50.53 -22.03 -29.07
N CYS E 154 -50.79 -20.90 -29.73
CA CYS E 154 -49.77 -20.28 -30.57
C CYS E 154 -48.62 -19.75 -29.72
N LEU E 155 -48.92 -19.30 -28.49
CA LEU E 155 -47.84 -18.78 -27.66
C LEU E 155 -47.03 -19.92 -27.08
N ARG E 156 -47.68 -21.07 -26.81
CA ARG E 156 -46.95 -22.23 -26.33
C ARG E 156 -46.01 -22.74 -27.41
N GLU E 157 -46.48 -22.75 -28.65
CA GLU E 157 -45.64 -23.18 -29.76
C GLU E 157 -44.50 -22.19 -29.99
N ILE E 158 -44.74 -20.90 -29.77
CA ILE E 158 -43.67 -19.92 -29.89
C ILE E 158 -42.62 -20.13 -28.80
N VAL E 159 -43.06 -20.30 -27.56
CA VAL E 159 -42.10 -20.51 -26.47
C VAL E 159 -41.31 -21.78 -26.68
N SER E 160 -41.97 -22.86 -27.11
CA SER E 160 -41.30 -24.14 -27.31
C SER E 160 -40.46 -24.19 -28.58
N GLY E 161 -40.58 -23.20 -29.47
CA GLY E 161 -39.83 -23.24 -30.71
C GLY E 161 -40.38 -24.16 -31.78
N ASN E 162 -41.67 -24.49 -31.74
CA ASN E 162 -42.30 -25.39 -32.70
C ASN E 162 -43.32 -24.71 -33.59
N TYR E 163 -43.43 -23.37 -33.51
CA TYR E 163 -44.34 -22.64 -34.38
C TYR E 163 -43.97 -22.83 -35.84
N THR E 164 -44.98 -23.15 -36.66
CA THR E 164 -44.82 -23.32 -38.11
C THR E 164 -45.90 -22.49 -38.80
N PRO E 165 -45.55 -21.47 -39.61
CA PRO E 165 -46.60 -20.62 -40.23
C PRO E 165 -47.69 -21.37 -40.99
N SER E 166 -47.36 -22.48 -41.67
CA SER E 166 -48.36 -23.18 -42.47
C SER E 166 -49.48 -23.75 -41.61
N LYS E 167 -49.23 -23.98 -40.31
CA LYS E 167 -50.29 -24.50 -39.47
C LYS E 167 -51.45 -23.51 -39.40
N TYR E 168 -51.17 -22.22 -39.56
CA TYR E 168 -52.17 -21.17 -39.45
C TYR E 168 -52.54 -20.59 -40.80
N GLY E 169 -52.03 -21.17 -41.89
CA GLY E 169 -52.27 -20.66 -43.22
C GLY E 169 -51.36 -19.53 -43.62
N MET E 170 -50.24 -19.34 -42.94
CA MET E 170 -49.31 -18.26 -43.23
C MET E 170 -48.15 -18.78 -44.07
N ASP E 171 -47.61 -17.89 -44.90
CA ASP E 171 -46.43 -18.19 -45.71
C ASP E 171 -45.19 -18.45 -44.86
N GLU E 172 -44.36 -19.40 -45.32
CA GLU E 172 -43.04 -19.65 -44.77
C GLU E 172 -42.03 -19.02 -45.72
N PHE E 173 -40.76 -19.09 -45.34
CA PHE E 173 -39.70 -18.53 -46.17
C PHE E 173 -39.54 -19.42 -47.39
N LYS E 174 -39.17 -18.79 -48.51
CA LYS E 174 -38.93 -19.56 -49.73
C LYS E 174 -37.73 -20.46 -49.48
N SER E 175 -37.79 -21.67 -50.02
CA SER E 175 -36.67 -22.57 -49.85
C SER E 175 -35.47 -22.09 -50.67
N PRO E 176 -34.27 -22.52 -50.30
CA PRO E 176 -33.07 -22.15 -51.10
C PRO E 176 -32.94 -22.89 -52.42
N ILE E 177 -33.80 -23.85 -52.71
CA ILE E 177 -33.66 -24.66 -53.92
C ILE E 177 -34.44 -23.98 -55.04
N ILE E 178 -33.74 -23.73 -56.15
CA ILE E 178 -34.31 -23.02 -57.29
C ILE E 178 -33.47 -23.32 -58.53
N ASP F 21 -26.34 13.71 -40.72
CA ASP F 21 -27.67 13.60 -40.13
C ASP F 21 -27.75 14.36 -38.80
N GLY F 22 -28.51 15.45 -38.78
CA GLY F 22 -28.59 16.29 -37.60
C GLY F 22 -27.80 17.59 -37.61
N MET F 23 -27.45 18.04 -36.40
CA MET F 23 -26.89 19.37 -36.14
C MET F 23 -27.53 20.49 -36.93
N ILE F 24 -28.85 20.47 -36.98
CA ILE F 24 -29.57 21.71 -37.22
C ILE F 24 -29.46 22.49 -35.91
N ALA F 25 -29.52 21.72 -34.82
CA ALA F 25 -29.25 22.01 -33.42
C ALA F 25 -29.17 20.59 -32.86
N GLY F 26 -28.08 20.19 -32.19
CA GLY F 26 -28.05 18.85 -31.62
C GLY F 26 -27.30 17.79 -32.44
N TRP F 27 -26.53 16.95 -31.74
CA TRP F 27 -25.70 15.91 -32.38
C TRP F 27 -26.51 14.91 -33.20
N HIS F 28 -27.65 14.47 -32.69
CA HIS F 28 -28.45 13.40 -33.29
C HIS F 28 -29.65 13.92 -34.05
N GLY F 29 -29.99 13.26 -35.16
CA GLY F 29 -31.12 13.72 -35.93
C GLY F 29 -31.45 12.86 -37.13
N TYR F 30 -32.30 13.41 -37.98
CA TYR F 30 -32.85 12.77 -39.18
C TYR F 30 -32.63 13.67 -40.39
N SER F 31 -32.61 13.06 -41.58
CA SER F 31 -32.54 13.81 -42.81
C SER F 31 -33.39 13.12 -43.88
N SER F 32 -33.77 13.92 -44.88
CA SER F 32 -34.56 13.47 -46.03
C SER F 32 -33.88 13.95 -47.29
N THR F 33 -33.40 13.03 -48.13
CA THR F 33 -32.69 13.37 -49.36
C THR F 33 -33.46 12.87 -50.58
N GLY F 34 -33.85 13.79 -51.46
CA GLY F 34 -34.61 13.42 -52.64
C GLY F 34 -34.72 14.48 -53.72
N ASP F 35 -35.92 14.63 -54.30
CA ASP F 35 -36.13 15.58 -55.39
C ASP F 35 -35.92 17.02 -54.95
N HIS F 36 -36.02 17.27 -53.64
CA HIS F 36 -35.92 18.58 -53.03
C HIS F 36 -34.55 18.78 -52.40
N GLY F 37 -33.59 17.91 -52.73
CA GLY F 37 -32.28 17.98 -52.11
C GLY F 37 -32.34 17.36 -50.73
N THR F 38 -31.43 17.78 -49.86
CA THR F 38 -31.33 17.21 -48.52
C THR F 38 -31.85 18.20 -47.47
N LYS F 39 -32.82 17.75 -46.69
CA LYS F 39 -33.39 18.50 -45.57
C LYS F 39 -32.95 17.80 -44.30
N VAL F 40 -32.73 18.57 -43.24
CA VAL F 40 -32.28 18.02 -41.97
C VAL F 40 -33.10 18.56 -40.82
N ALA F 41 -33.30 17.69 -39.83
CA ALA F 41 -33.97 18.02 -38.58
C ALA F 41 -33.20 17.27 -37.51
N ALA F 42 -33.25 17.72 -36.25
CA ALA F 42 -32.53 17.04 -35.21
C ALA F 42 -33.42 16.67 -34.04
N ASP F 43 -33.04 15.57 -33.40
CA ASP F 43 -33.71 15.02 -32.22
C ASP F 43 -32.95 15.44 -30.97
N LEU F 44 -33.47 16.43 -30.24
CA LEU F 44 -32.75 16.95 -29.09
C LEU F 44 -32.96 16.11 -27.85
N VAL F 45 -33.84 15.11 -27.90
CA VAL F 45 -34.07 14.26 -26.75
C VAL F 45 -33.00 13.19 -26.70
N SER F 46 -32.71 12.56 -27.85
CA SER F 46 -31.65 11.56 -27.89
C SER F 46 -30.31 12.25 -27.68
N THR F 47 -30.17 13.48 -28.20
CA THR F 47 -28.93 14.21 -28.03
C THR F 47 -28.74 14.54 -26.55
N GLN F 48 -29.81 14.97 -25.88
CA GLN F 48 -29.69 15.28 -24.47
C GLN F 48 -29.36 14.01 -23.71
N LYS F 49 -29.96 12.89 -24.11
CA LYS F 49 -29.67 11.61 -23.45
C LYS F 49 -28.19 11.28 -23.55
N ALA F 50 -27.61 11.46 -24.73
CA ALA F 50 -26.18 11.19 -24.92
C ALA F 50 -25.34 12.12 -24.05
N MET F 51 -25.74 13.39 -23.98
CA MET F 51 -24.99 14.36 -23.20
C MET F 51 -25.09 14.04 -21.71
N ASP F 52 -26.25 13.55 -21.28
CA ASP F 52 -26.43 13.22 -19.88
C ASP F 52 -25.64 11.98 -19.52
N ALA F 53 -25.59 11.00 -20.45
CA ALA F 53 -24.79 9.81 -20.19
C ALA F 53 -23.32 10.16 -20.09
N ILE F 54 -22.85 11.09 -20.93
CA ILE F 54 -21.45 11.49 -20.88
C ILE F 54 -21.19 12.21 -19.56
N THR F 55 -22.10 13.09 -19.15
CA THR F 55 -21.94 13.80 -17.89
C THR F 55 -21.90 12.81 -16.73
N ALA F 56 -22.79 11.82 -16.72
CA ALA F 56 -22.80 10.83 -15.65
C ALA F 56 -21.50 10.02 -15.61
N ARG F 57 -20.96 9.69 -16.79
CA ARG F 57 -19.71 8.95 -16.81
C ARG F 57 -18.59 9.79 -16.22
N ILE F 58 -18.56 11.08 -16.56
CA ILE F 58 -17.56 11.97 -15.98
C ILE F 58 -17.79 12.07 -14.47
N ASN F 59 -19.06 12.14 -14.06
CA ASN F 59 -19.39 12.22 -12.65
C ASN F 59 -19.01 10.97 -11.88
N ASN F 60 -18.71 9.87 -12.58
CA ASN F 60 -18.25 8.67 -11.89
C ASN F 60 -16.74 8.59 -11.91
N MET F 61 -16.09 9.52 -12.60
CA MET F 61 -14.65 9.64 -12.66
C MET F 61 -14.18 10.62 -11.59
N ASN F 62 -15.06 11.56 -11.21
CA ASN F 62 -14.77 12.53 -10.16
C ASN F 62 -14.74 11.91 -8.78
N LYS F 63 -15.18 10.66 -8.62
CA LYS F 63 -15.17 10.00 -7.31
C LYS F 63 -13.84 9.31 -7.04
N MET F 64 -12.97 9.18 -8.02
CA MET F 64 -11.73 8.45 -7.78
C MET F 64 -10.70 9.33 -7.09
N THR F 65 -11.03 10.59 -6.82
CA THR F 65 -10.16 11.51 -6.12
C THR F 65 -10.57 11.63 -4.65
N GLU F 66 -11.64 10.93 -4.24
CA GLU F 66 -12.22 10.98 -2.92
C GLU F 66 -12.17 9.63 -2.22
N ARG F 67 -11.13 8.82 -2.44
CA ARG F 67 -11.07 7.48 -1.87
C ARG F 67 -10.37 7.44 -0.51
N ALA F 68 -10.02 8.59 0.06
CA ALA F 68 -9.41 8.61 1.39
C ALA F 68 -10.57 8.76 2.38
N PHE F 69 -10.78 7.74 3.21
CA PHE F 69 -11.89 7.71 4.15
C PHE F 69 -11.43 7.73 5.59
N SER F 70 -10.39 6.99 5.90
CA SER F 70 -9.83 6.91 7.23
C SER F 70 -8.72 7.92 7.38
N VAL F 71 -8.58 8.45 8.58
CA VAL F 71 -7.46 9.32 8.92
C VAL F 71 -6.73 8.63 10.06
N THR F 72 -5.48 8.30 9.83
CA THR F 72 -4.59 7.61 10.76
C THR F 72 -3.62 8.63 11.30
N ASP F 73 -2.89 8.27 12.35
CA ASP F 73 -1.86 9.18 12.80
C ASP F 73 -0.88 9.30 11.64
N SER F 74 -0.45 10.52 11.34
CA SER F 74 0.50 10.65 10.26
C SER F 74 1.89 10.39 10.79
N THR F 75 2.80 10.07 9.88
CA THR F 75 4.20 9.94 10.26
C THR F 75 4.82 11.33 10.08
N MET F 76 5.48 11.79 11.11
CA MET F 76 6.10 13.10 11.07
C MET F 76 7.46 13.01 10.39
N GLN F 77 7.92 14.15 9.88
CA GLN F 77 9.23 14.25 9.25
C GLN F 77 10.31 14.45 10.31
N GLU F 78 11.57 14.50 9.87
CA GLU F 78 12.71 14.69 10.76
C GLU F 78 12.82 13.54 11.76
N ILE F 79 12.51 12.34 11.29
CA ILE F 79 12.60 11.11 12.08
C ILE F 79 13.57 10.16 11.37
N GLN F 80 13.68 8.94 11.89
CA GLN F 80 14.52 7.92 11.28
C GLN F 80 14.22 7.81 9.79
N LYS F 81 15.29 7.81 8.98
CA LYS F 81 15.12 7.81 7.54
C LYS F 81 14.34 6.59 7.02
N GLU F 82 14.61 5.40 7.55
CA GLU F 82 13.88 4.23 7.06
C GLU F 82 12.38 4.33 7.28
N ILE F 83 11.93 4.94 8.39
CA ILE F 83 10.50 5.09 8.65
C ILE F 83 9.90 6.12 7.71
N LYS F 84 10.59 7.26 7.55
CA LYS F 84 10.15 8.30 6.64
C LYS F 84 10.05 7.74 5.23
N ASP F 85 11.01 6.90 4.85
CA ASP F 85 11.03 6.31 3.52
C ASP F 85 9.89 5.33 3.34
N LEU F 86 9.54 4.56 4.37
CA LEU F 86 8.38 3.68 4.21
C LEU F 86 7.10 4.49 4.05
N ASP F 87 6.98 5.61 4.77
CA ASP F 87 5.77 6.42 4.63
C ASP F 87 5.68 7.00 3.22
N LYS F 88 6.84 7.44 2.72
CA LYS F 88 6.92 7.98 1.37
C LYS F 88 6.59 6.90 0.36
N LYS F 89 7.10 5.68 0.57
CA LYS F 89 6.83 4.58 -0.34
C LYS F 89 5.34 4.28 -0.39
N ILE F 90 4.67 4.30 0.76
CA ILE F 90 3.23 4.01 0.77
C ILE F 90 2.51 5.06 -0.06
N ASP F 91 2.87 6.33 0.13
CA ASP F 91 2.21 7.39 -0.61
C ASP F 91 2.52 7.30 -2.12
N ASP F 92 3.74 6.91 -2.47
CA ASP F 92 4.11 6.81 -3.87
C ASP F 92 3.47 5.62 -4.57
N VAL F 93 3.31 4.50 -3.86
CA VAL F 93 2.64 3.35 -4.46
C VAL F 93 1.18 3.69 -4.69
N ARG F 94 0.54 4.29 -3.68
CA ARG F 94 -0.87 4.66 -3.82
C ARG F 94 -1.07 5.62 -4.99
N ALA F 95 -0.19 6.62 -5.10
CA ALA F 95 -0.33 7.61 -6.18
C ALA F 95 -0.10 6.98 -7.54
N ASP F 96 0.85 6.05 -7.67
CA ASP F 96 1.10 5.45 -8.97
C ASP F 96 -0.03 4.53 -9.39
N GLU F 97 -0.58 3.78 -8.43
CA GLU F 97 -1.67 2.87 -8.78
C GLU F 97 -2.92 3.67 -9.11
N THR F 98 -3.14 4.79 -8.42
CA THR F 98 -4.28 5.63 -8.71
C THR F 98 -4.16 6.23 -10.11
N ALA F 99 -2.97 6.73 -10.47
CA ALA F 99 -2.80 7.32 -11.79
C ALA F 99 -3.04 6.28 -12.88
N ALA F 100 -2.55 5.05 -12.68
CA ALA F 100 -2.76 4.01 -13.69
C ALA F 100 -4.23 3.68 -13.84
N GLN F 101 -4.95 3.63 -12.71
CA GLN F 101 -6.39 3.33 -12.76
C GLN F 101 -7.14 4.45 -13.45
N ILE F 102 -6.72 5.69 -13.23
CA ILE F 102 -7.39 6.83 -13.86
C ILE F 102 -7.21 6.73 -15.38
N GLU F 103 -5.99 6.40 -15.82
CA GLU F 103 -5.76 6.30 -17.26
C GLU F 103 -6.61 5.20 -17.89
N MET F 104 -6.75 4.05 -17.19
CA MET F 104 -7.59 3.01 -17.78
C MET F 104 -9.08 3.35 -17.75
N ILE F 105 -9.54 4.09 -16.74
CA ILE F 105 -10.96 4.40 -16.75
C ILE F 105 -11.26 5.41 -17.85
N VAL F 106 -10.33 6.34 -18.10
CA VAL F 106 -10.55 7.30 -19.18
C VAL F 106 -10.61 6.57 -20.52
N LEU F 107 -9.70 5.61 -20.75
CA LEU F 107 -9.74 4.89 -22.02
C LEU F 107 -11.02 4.07 -22.17
N LEU F 108 -11.46 3.44 -21.08
CA LEU F 108 -12.66 2.62 -21.15
C LEU F 108 -13.91 3.47 -21.35
N GLU F 109 -13.97 4.62 -20.68
CA GLU F 109 -15.12 5.50 -20.84
C GLU F 109 -15.16 6.08 -22.24
N ASN F 110 -14.00 6.39 -22.82
CA ASN F 110 -14.04 6.89 -24.19
C ASN F 110 -14.55 5.83 -25.14
N GLU F 111 -14.17 4.57 -24.90
CA GLU F 111 -14.67 3.51 -25.77
C GLU F 111 -16.18 3.35 -25.62
N ASN F 112 -16.67 3.42 -24.37
CA ASN F 112 -18.10 3.27 -24.13
C ASN F 112 -18.91 4.44 -24.68
N ILE F 113 -18.35 5.64 -24.63
CA ILE F 113 -19.03 6.82 -25.17
C ILE F 113 -19.14 6.70 -26.68
N ILE F 114 -18.06 6.25 -27.34
CA ILE F 114 -18.14 6.10 -28.79
C ILE F 114 -19.14 5.00 -29.16
N ASN F 115 -19.13 3.87 -28.45
CA ASN F 115 -20.09 2.81 -28.76
C ASN F 115 -21.54 3.27 -28.55
N ALA F 116 -21.75 4.16 -27.55
CA ALA F 116 -23.11 4.64 -27.33
C ALA F 116 -23.65 5.37 -28.54
N GLU F 117 -22.77 5.94 -29.37
CA GLU F 117 -23.23 6.66 -30.56
C GLU F 117 -23.99 5.71 -31.48
N ASP F 118 -23.53 4.46 -31.56
CA ASP F 118 -24.17 3.50 -32.44
C ASP F 118 -25.40 2.95 -31.76
N GLU F 119 -25.39 2.88 -30.43
CA GLU F 119 -26.59 2.43 -29.74
C GLU F 119 -27.73 3.44 -29.96
N HIS F 120 -27.39 4.73 -29.94
CA HIS F 120 -28.38 5.78 -30.13
C HIS F 120 -28.90 5.79 -31.57
N VAL F 121 -28.00 5.56 -32.53
CA VAL F 121 -28.46 5.52 -33.92
C VAL F 121 -29.38 4.32 -34.13
N HIS F 122 -29.05 3.17 -33.51
CA HIS F 122 -29.93 2.02 -33.62
C HIS F 122 -31.32 2.35 -33.08
N ALA F 123 -31.38 3.01 -31.92
CA ALA F 123 -32.69 3.38 -31.38
C ALA F 123 -33.46 4.28 -32.35
N LEU F 124 -32.76 5.21 -33.00
CA LEU F 124 -33.43 6.07 -33.97
C LEU F 124 -33.93 5.27 -35.16
N LYS F 125 -33.15 4.27 -35.58
CA LYS F 125 -33.56 3.39 -36.66
C LYS F 125 -34.85 2.68 -36.30
N GLN F 126 -34.96 2.18 -35.07
CA GLN F 126 -36.17 1.44 -34.71
C GLN F 126 -37.36 2.40 -34.64
N LYS F 127 -37.13 3.64 -34.22
CA LYS F 127 -38.22 4.61 -34.22
C LYS F 127 -38.73 4.83 -35.64
N LEU F 128 -37.83 4.93 -36.62
CA LEU F 128 -38.28 5.08 -38.00
C LEU F 128 -38.96 3.81 -38.49
N THR F 129 -38.44 2.65 -38.07
CA THR F 129 -39.00 1.38 -38.48
C THR F 129 -40.47 1.30 -38.11
N LYS F 130 -40.80 1.74 -36.90
CA LYS F 130 -42.21 1.72 -36.49
C LYS F 130 -43.01 2.85 -37.14
N MET F 131 -42.49 4.09 -37.11
CA MET F 131 -43.28 5.22 -37.61
C MET F 131 -43.55 5.17 -39.11
N LEU F 132 -42.66 4.61 -39.92
CA LEU F 132 -42.83 4.70 -41.36
C LEU F 132 -43.74 3.64 -41.95
N GLY F 133 -44.22 2.68 -41.16
CA GLY F 133 -45.14 1.68 -41.67
C GLY F 133 -44.51 0.49 -42.36
N PRO F 134 -45.34 -0.52 -42.65
CA PRO F 134 -44.82 -1.76 -43.26
C PRO F 134 -44.33 -1.61 -44.68
N SER F 135 -44.69 -0.54 -45.40
CA SER F 135 -44.29 -0.41 -46.80
C SER F 135 -42.94 0.25 -46.99
N ALA F 136 -42.33 0.81 -45.94
CA ALA F 136 -41.03 1.44 -46.08
C ALA F 136 -39.99 0.36 -46.30
N GLN F 137 -39.04 0.61 -47.21
CA GLN F 137 -37.99 -0.37 -47.47
C GLN F 137 -36.82 -0.09 -46.54
N ASP F 138 -36.45 -1.08 -45.75
CA ASP F 138 -35.35 -0.94 -44.78
C ASP F 138 -34.05 -1.27 -45.52
N MET F 139 -33.20 -0.26 -45.69
CA MET F 139 -31.98 -0.44 -46.47
C MET F 139 -30.81 -0.99 -45.66
N GLY F 140 -30.96 -1.18 -44.36
CA GLY F 140 -29.93 -1.75 -43.53
C GLY F 140 -28.97 -0.76 -42.90
N ASP F 141 -28.89 0.45 -43.44
CA ASP F 141 -28.01 1.51 -42.97
C ASP F 141 -28.73 2.51 -42.06
N GLY F 142 -29.98 2.21 -41.69
CA GLY F 142 -30.80 3.16 -40.96
C GLY F 142 -31.49 4.17 -41.86
N CYS F 143 -31.65 3.85 -43.14
CA CYS F 143 -32.30 4.69 -44.13
C CYS F 143 -33.50 3.91 -44.66
N PHE F 144 -34.61 4.61 -44.87
CA PHE F 144 -35.81 3.99 -45.38
C PHE F 144 -36.30 4.77 -46.60
N ILE F 145 -36.89 4.04 -47.54
CA ILE F 145 -37.49 4.63 -48.73
C ILE F 145 -39.01 4.57 -48.59
N VAL F 146 -39.65 5.73 -48.77
CA VAL F 146 -41.09 5.88 -48.67
C VAL F 146 -41.57 6.47 -49.99
N ASP F 147 -42.73 6.03 -50.49
CA ASP F 147 -43.20 6.51 -51.79
C ASP F 147 -44.00 7.81 -51.67
N HIS F 148 -43.35 8.84 -51.13
CA HIS F 148 -43.94 10.16 -51.05
C HIS F 148 -42.80 11.15 -50.89
N GLN F 149 -43.08 12.43 -51.11
CA GLN F 149 -42.06 13.45 -50.86
C GLN F 149 -42.10 13.76 -49.37
N CYS F 150 -40.92 13.88 -48.77
CA CYS F 150 -40.73 14.16 -47.35
C CYS F 150 -39.92 15.45 -47.25
N LYS F 151 -40.60 16.60 -47.15
CA LYS F 151 -39.95 17.91 -47.18
C LYS F 151 -40.21 18.70 -45.90
N GLU F 152 -39.25 18.64 -44.97
CA GLU F 152 -39.23 19.39 -43.72
C GLU F 152 -40.35 19.11 -42.74
N ASP F 153 -41.61 19.24 -43.16
CA ASP F 153 -42.73 18.98 -42.25
C ASP F 153 -42.71 17.53 -41.78
N CYS F 154 -42.33 16.63 -42.69
CA CYS F 154 -42.25 15.22 -42.35
C CYS F 154 -41.14 14.97 -41.35
N LEU F 155 -40.05 15.74 -41.40
CA LEU F 155 -38.97 15.48 -40.46
C LEU F 155 -39.36 16.00 -39.09
N ARG F 156 -40.12 17.09 -39.04
CA ARG F 156 -40.59 17.60 -37.76
C ARG F 156 -41.53 16.60 -37.12
N GLU F 157 -42.42 16.00 -37.93
CA GLU F 157 -43.34 14.98 -37.42
C GLU F 157 -42.60 13.73 -36.97
N ILE F 158 -41.52 13.37 -37.67
CA ILE F 158 -40.70 12.23 -37.26
C ILE F 158 -40.02 12.51 -35.93
N VAL F 159 -39.40 13.69 -35.79
CA VAL F 159 -38.71 14.03 -34.56
C VAL F 159 -39.69 14.08 -33.40
N SER F 160 -40.86 14.67 -33.62
CA SER F 160 -41.86 14.80 -32.56
C SER F 160 -42.60 13.50 -32.26
N GLY F 161 -42.43 12.46 -33.09
CA GLY F 161 -43.14 11.22 -32.88
C GLY F 161 -44.60 11.21 -33.28
N ASN F 162 -45.00 12.11 -34.19
CA ASN F 162 -46.40 12.21 -34.62
C ASN F 162 -46.59 11.79 -36.08
N TYR F 163 -45.55 11.29 -36.73
CA TYR F 163 -45.68 10.82 -38.10
C TYR F 163 -46.68 9.67 -38.17
N THR F 164 -47.63 9.77 -39.11
CA THR F 164 -48.63 8.74 -39.34
C THR F 164 -48.62 8.42 -40.84
N PRO F 165 -48.30 7.18 -41.26
CA PRO F 165 -48.22 6.89 -42.71
C PRO F 165 -49.43 7.29 -43.52
N SER F 166 -50.64 7.19 -42.94
CA SER F 166 -51.86 7.49 -43.68
C SER F 166 -51.92 8.95 -44.10
N LYS F 167 -51.21 9.84 -43.41
CA LYS F 167 -51.22 11.24 -43.79
C LYS F 167 -50.64 11.43 -45.19
N TYR F 168 -49.74 10.55 -45.61
CA TYR F 168 -49.05 10.67 -46.90
C TYR F 168 -49.53 9.67 -47.94
N GLY F 169 -50.59 8.92 -47.65
CA GLY F 169 -51.07 7.90 -48.56
C GLY F 169 -50.32 6.60 -48.49
N MET F 170 -49.59 6.35 -47.41
CA MET F 170 -48.81 5.14 -47.22
C MET F 170 -49.58 4.17 -46.34
N ASP F 171 -49.34 2.87 -46.56
CA ASP F 171 -49.96 1.86 -45.73
C ASP F 171 -49.49 2.00 -44.29
N GLU F 172 -50.39 1.76 -43.35
CA GLU F 172 -50.07 1.68 -41.93
C GLU F 172 -49.97 0.20 -41.55
N PHE F 173 -49.60 -0.07 -40.30
CA PHE F 173 -49.55 -1.46 -39.89
C PHE F 173 -50.95 -2.02 -39.74
N LYS F 174 -51.06 -3.31 -40.04
CA LYS F 174 -52.32 -4.02 -39.91
C LYS F 174 -52.73 -4.10 -38.45
N SER F 175 -54.02 -3.96 -38.18
CA SER F 175 -54.50 -4.04 -36.81
C SER F 175 -54.44 -5.47 -36.29
N PRO F 176 -54.42 -5.65 -34.96
CA PRO F 176 -54.45 -7.01 -34.41
C PRO F 176 -55.81 -7.69 -34.47
N ILE F 177 -56.85 -7.00 -34.92
CA ILE F 177 -58.21 -7.53 -34.91
C ILE F 177 -58.47 -8.22 -36.24
N ILE F 178 -58.89 -9.49 -36.17
CA ILE F 178 -59.12 -10.31 -37.34
C ILE F 178 -60.02 -11.48 -36.97
#